data_2HYE
#
_entry.id   2HYE
#
_cell.length_a   83.452
_cell.length_b   203.165
_cell.length_c   424.875
_cell.angle_alpha   90.000
_cell.angle_beta   90.000
_cell.angle_gamma   90.000
#
_symmetry.space_group_name_H-M   'C 2 2 21'
#
loop_
_entity.id
_entity.type
_entity.pdbx_description
1 polymer 'DNA damage-binding protein 1'
2 polymer 'Nonstructural protein V'
3 polymer Cullin-4A
4 polymer 'RING-box protein 1'
5 non-polymer 'ZINC ION'
#
loop_
_entity_poly.entity_id
_entity_poly.type
_entity_poly.pdbx_seq_one_letter_code
_entity_poly.pdbx_strand_id
1 'polypeptide(L)'
;MSYNYVVTAQKPTAVNGCVTGHFTSAEDLNLLIAKNTRLEIYVVTAEGLRPVKEVGMYGKIAVMELFRPKGESKDLLFIL
TAKYNACILEYKQSGESIDIITRAHGNVQDRIGRPSETGIIGIIDPECRMIGLRLYDGLFKVIPLDRDNKELKAFNIRLE
ELHVIDVKFLYGCQAPTICFVYQDPQGRHVKTYEVSLREKEFNKGPWKQENVEAEASMVIAVPEPFGGAIIIGQESITYH
NGDKYLAIAPPIIKQSTIVCHNRVDPNGSRYLLGDMEGRLFMLLLEKEEQMDGTVTLKDLRVELLGETSIAECLTYLDNG
VVFVGSRLGDSQLVKLNVDSNEQGSYVVAMETFTNLGPIVDMCVVDLERQGQGQLVTCSGAFKEGSLRIIRNGIGIHEHA
SIDLPGIKGLWPLRSDPNRETYDTLVLSFVGQTRVLMLNGEEVEETELMGFVDDQQTFFCGNVAHQQLIQITSASVRLVS
QEPKALVSEWKEPQAKNISVASCNSSQVVVAVGRALYYLQIHPQELRQISHTEMEHEVACLDITPLGDSNGLSPLCAIGL
WTDISARILKLPSFELLHKEMLGGEIIPRSILMTTFESSHYLLCALGDGALFYFGLNIETGLLSDRKKVTLGTQPTVLRT
FRSLSTTNVFACSDRPTVIYSSNHKLVFSNVNLKEVNYMCPLNSDGYPDSLALANNSTLTIGTIDEIQKLHIRTVPLYES
PRKICYQEVSQCFGVLSSRIEVQDTSGGTTALRPSASTQALSSSVSSSKLFSSSTAPHETSFGEEVEVHNLLIIDQHTFE
VLHAHQFLQNEYALSLVSCKLGKDPNTYFIVGTAMVYPEEAEPKQGRIVVFQYSDGKLQTVAEKEVKGAVYSMVEFNGKL
LASINSTVRLYEWTTEKDVRTECNHYNNIMALYLKTKGDFILVGDLMRSVLLLAYKPMEGNFEEIARDFNPNWMSAVEIL
DDDNFLGAENAFNLFVCQKDSAATTDEERQHLQEVGLFHLGEFVNVFCHGSLVMQNLGETSTPTQGSVLFGTVNGMIGLV
TSLSESWYNLLLDMQNRLNKVIKSVGKIEHSFWRSFHTERKTEPATGFIDGDLIESFLDISRPKMQEVVANLQYDDGSGM
KREATADDLIKVVEELTRIH
;
A
2 'polypeptide(L)'
;MDPTDLSFSPDEINKLIETGLNTVEYFTSQQVTGTSSLGKNTIPPGVTGLLTNAAEAKIQESTNHQKGSVGGGAKPKKPR
PKIAIVPADDKTVPGKPIPNPLLGLDSTPSTQTVLDLSGKTLPSGSYKGVKLAKFGKENLMTRFIEEPRENPIATSSPID
FKRGRDTGGFHRREYSIGWVGDEVKVTEWCNPSCSPITAAARRFECTCHQCPVTCSECERDT
;
B
3 'polypeptide(L)'
;MADEAPRKGSFSALVGRTNGLTKPAALAAAPAKPGGAGGSKKLVIKNFRDRPRLPDNYTQDTWRKLHEAVRAVQSSTSIR
YNLEELYQAVENLCSHKVSPMLYKQLRQACEDHVQAQILPFREDSLDSVLFLKKINTCWQDHCRQMIMIRSIFLFLDRTY
VLQNSTLPSIWDMGLELFRTHIISDKMVQSKTIDGILLLIERERSGEAVDRSLLRSLLGMLSDLQVYKDSFELKFLEETN
CLYAAEGQRLMQEREVPEYLNHVSKRLEEEGDRVITYLDHSTQKPLIACVEKQLLGEHLTAILQKGLDHLLDENRVPDLA
QMYQLFSRVRGGQQALLQHWSEYIKTFGTAIVINPEKDKDMVQDLLDFKDKVDHVIEVCFQKNERFVNLMKESFETFINK
RPNKPAELIAKHVDSKLRAGNKEATDEELERTLDKIMILFRFIHGKDVFEAFYKKDLAKRLLVGKSASVDAEKSMLSKLK
HECGAAFTSKLEGMFKDMELSKDIMVHFKQHMQNQSDSGPIDLTVNILTMGYWPTYTPMEVHLTPEMIKLQEVFKAFYLG
KHSGRKLQWQTTLGHAVLKAEFKEGKKEFQVSLFQTLVLLMFNEGDGFSFEEIKMATGIEDSELRRTLQSLACGKARVLI
KSPKGKEVEDGDKFIFNGEFKHKLFRIKINQIQMKETVEEQVSTTERVFQDRQYQIDAAIVRIMKMRKTLGHNLLVSELY
NQLKFPVKPGDLKKRIESLIDRDYMERDKDNPNQYHYVA
;
C
4 'polypeptide(L)'
;MAAAMDVDTPSGTNSGAGKKRFEVKKWNAVALWAWDIVVDNCAICRNHIMDLCIECQANQASATSEECTVAWGVCNHAFH
FHCISRWLKTRQVCPLDNREWEFQKYGH
;
D
#
# COMPACT_ATOMS: atom_id res chain seq x y z
N MET A 1 -27.79 -21.00 8.10
CA MET A 1 -27.57 -21.40 6.67
C MET A 1 -26.08 -21.34 6.31
N SER A 2 -25.24 -21.39 7.34
CA SER A 2 -23.78 -21.36 7.21
C SER A 2 -23.18 -22.23 8.30
N TYR A 3 -22.20 -23.04 7.94
CA TYR A 3 -21.59 -23.92 8.92
C TYR A 3 -20.05 -23.93 8.93
N ASN A 4 -19.46 -23.78 10.11
CA ASN A 4 -18.01 -23.77 10.25
C ASN A 4 -17.55 -24.63 11.41
N TYR A 5 -16.27 -24.97 11.39
CA TYR A 5 -15.65 -25.83 12.41
C TYR A 5 -14.45 -25.10 13.01
N VAL A 6 -14.30 -25.11 14.33
CA VAL A 6 -13.16 -24.41 14.93
C VAL A 6 -12.34 -25.19 15.97
N VAL A 7 -11.13 -25.57 15.57
CA VAL A 7 -10.25 -26.31 16.47
C VAL A 7 -9.06 -25.47 16.85
N THR A 8 -8.47 -25.85 17.97
CA THR A 8 -7.28 -25.22 18.50
C THR A 8 -6.13 -26.05 17.96
N ALA A 9 -5.10 -25.41 17.45
CA ALA A 9 -3.99 -26.15 16.93
C ALA A 9 -2.87 -25.98 17.93
N GLN A 10 -3.09 -25.10 18.90
CA GLN A 10 -2.11 -24.83 19.95
C GLN A 10 -2.72 -24.21 21.19
N LYS A 11 -2.61 -24.91 22.31
CA LYS A 11 -3.14 -24.39 23.56
C LYS A 11 -2.47 -23.04 23.79
N PRO A 12 -3.07 -22.17 24.59
CA PRO A 12 -2.55 -20.84 24.93
C PRO A 12 -1.26 -20.93 25.74
N THR A 13 -0.24 -20.20 25.33
CA THR A 13 1.02 -20.24 26.06
C THR A 13 1.22 -19.12 27.12
N ALA A 14 0.57 -17.98 26.94
CA ALA A 14 0.67 -16.87 27.89
C ALA A 14 0.18 -17.30 29.25
N VAL A 15 0.84 -16.84 30.32
CA VAL A 15 0.45 -17.25 31.66
C VAL A 15 -0.32 -16.21 32.51
N ASN A 16 -1.65 -16.26 32.47
CA ASN A 16 -2.49 -15.34 33.22
C ASN A 16 -2.30 -15.36 34.72
N GLY A 17 -1.88 -16.50 35.26
CA GLY A 17 -1.69 -16.55 36.69
C GLY A 17 -1.06 -17.84 37.15
N CYS A 18 -0.55 -17.82 38.37
CA CYS A 18 0.14 -18.97 38.94
C CYS A 18 0.06 -18.89 40.46
N VAL A 19 -0.22 -20.02 41.11
CA VAL A 19 -0.30 -20.03 42.55
C VAL A 19 0.39 -21.29 43.11
N THR A 20 0.95 -21.17 44.32
CA THR A 20 1.64 -22.29 44.97
C THR A 20 0.89 -22.76 46.21
N GLY A 21 1.13 -24.00 46.61
CA GLY A 21 0.44 -24.53 47.79
C GLY A 21 0.36 -26.05 47.79
N HIS A 22 -0.44 -26.59 48.70
CA HIS A 22 -0.58 -28.04 48.79
C HIS A 22 -1.94 -28.51 48.28
N PHE A 23 -2.07 -28.57 46.96
CA PHE A 23 -3.32 -28.97 46.34
C PHE A 23 -3.41 -30.49 46.14
N THR A 24 -2.33 -31.09 45.64
CA THR A 24 -2.26 -32.51 45.38
C THR A 24 -2.27 -33.39 46.64
N SER A 25 -1.50 -32.98 47.64
CA SER A 25 -1.40 -33.71 48.89
C SER A 25 -0.87 -32.82 49.99
N ALA A 26 -1.14 -33.19 51.23
CA ALA A 26 -0.68 -32.40 52.35
C ALA A 26 0.84 -32.27 52.43
N GLU A 27 1.58 -33.27 51.94
CA GLU A 27 3.04 -33.22 52.00
C GLU A 27 3.73 -32.88 50.68
N ASP A 28 2.98 -32.36 49.71
CA ASP A 28 3.53 -32.00 48.40
C ASP A 28 3.44 -30.50 48.11
N LEU A 29 4.51 -29.95 47.52
CA LEU A 29 4.49 -28.55 47.17
C LEU A 29 4.03 -28.44 45.72
N ASN A 30 2.90 -27.78 45.52
CA ASN A 30 2.33 -27.62 44.20
C ASN A 30 2.51 -26.26 43.55
N LEU A 31 2.30 -26.26 42.24
CA LEU A 31 2.40 -25.05 41.44
C LEU A 31 1.24 -25.09 40.46
N LEU A 32 0.25 -24.26 40.69
CA LEU A 32 -0.91 -24.24 39.79
C LEU A 32 -0.78 -23.10 38.80
N ILE A 33 -0.91 -23.40 37.51
CA ILE A 33 -0.78 -22.38 36.49
C ILE A 33 -2.00 -22.21 35.60
N ALA A 34 -2.45 -20.97 35.50
CA ALA A 34 -3.60 -20.66 34.68
C ALA A 34 -3.11 -20.14 33.37
N LYS A 35 -3.50 -20.77 32.28
CA LYS A 35 -3.06 -20.27 31.00
C LYS A 35 -4.11 -19.28 30.56
N ASN A 36 -5.35 -19.76 30.45
CA ASN A 36 -6.45 -18.89 30.09
C ASN A 36 -7.63 -19.79 30.35
N THR A 37 -7.76 -20.76 29.47
CA THR A 37 -8.83 -21.70 29.60
C THR A 37 -8.24 -22.98 30.17
N ARG A 38 -6.92 -23.07 30.23
CA ARG A 38 -6.28 -24.26 30.76
C ARG A 38 -5.74 -24.05 32.15
N LEU A 39 -5.66 -25.15 32.89
CA LEU A 39 -5.10 -25.13 34.23
C LEU A 39 -4.03 -26.20 34.25
N GLU A 40 -2.80 -25.79 34.52
CA GLU A 40 -1.69 -26.73 34.60
C GLU A 40 -1.26 -26.88 36.05
N ILE A 41 -1.19 -28.13 36.51
CA ILE A 41 -0.79 -28.46 37.89
C ILE A 41 0.52 -29.21 37.85
N TYR A 42 1.53 -28.66 38.50
CA TYR A 42 2.84 -29.29 38.53
C TYR A 42 3.18 -29.64 39.96
N VAL A 43 4.31 -30.32 40.15
CA VAL A 43 4.79 -30.69 41.48
C VAL A 43 6.27 -30.41 41.54
N VAL A 44 6.69 -29.72 42.60
CA VAL A 44 8.10 -29.43 42.76
C VAL A 44 8.78 -30.76 43.05
N THR A 45 10.05 -30.91 42.66
CA THR A 45 10.75 -32.17 42.90
C THR A 45 12.23 -31.94 43.16
N ALA A 46 12.87 -31.32 42.17
CA ALA A 46 14.30 -31.05 42.25
C ALA A 46 14.71 -30.17 41.06
N GLU A 47 14.98 -30.82 39.92
CA GLU A 47 15.41 -30.08 38.72
C GLU A 47 14.31 -29.22 38.13
N GLY A 48 13.06 -29.66 38.26
CA GLY A 48 11.99 -28.88 37.69
C GLY A 48 10.60 -29.12 38.23
N LEU A 49 9.64 -29.19 37.31
CA LEU A 49 8.24 -29.39 37.67
C LEU A 49 7.71 -30.67 37.02
N ARG A 50 7.05 -31.50 37.82
CA ARG A 50 6.50 -32.74 37.32
C ARG A 50 5.01 -32.59 37.03
N PRO A 51 4.64 -32.75 35.77
CA PRO A 51 3.25 -32.65 35.32
C PRO A 51 2.44 -33.75 35.99
N VAL A 52 1.38 -33.38 36.68
CA VAL A 52 0.54 -34.37 37.33
C VAL A 52 -0.80 -34.43 36.62
N LYS A 53 -1.40 -33.26 36.41
CA LYS A 53 -2.69 -33.17 35.74
C LYS A 53 -2.84 -31.82 35.06
N GLU A 54 -3.53 -31.83 33.93
CA GLU A 54 -3.78 -30.61 33.17
C GLU A 54 -5.19 -30.61 32.61
N VAL A 55 -6.07 -29.84 33.24
CA VAL A 55 -7.46 -29.73 32.80
C VAL A 55 -7.73 -28.45 32.07
N GLY A 56 -8.82 -28.46 31.31
CA GLY A 56 -9.23 -27.29 30.56
C GLY A 56 -10.57 -26.81 31.08
N MET A 57 -10.63 -25.55 31.48
CA MET A 57 -11.87 -24.96 31.98
C MET A 57 -12.77 -24.49 30.86
N TYR A 58 -14.03 -24.31 31.17
CA TYR A 58 -14.98 -23.80 30.19
C TYR A 58 -15.17 -22.31 30.53
N GLY A 59 -14.08 -21.57 30.47
CA GLY A 59 -14.14 -20.16 30.79
C GLY A 59 -12.75 -19.59 30.90
N LYS A 60 -12.67 -18.29 31.16
CA LYS A 60 -11.37 -17.67 31.30
C LYS A 60 -11.06 -17.53 32.77
N ILE A 61 -10.08 -18.30 33.25
CA ILE A 61 -9.66 -18.22 34.65
C ILE A 61 -9.48 -16.74 34.99
N ALA A 62 -10.40 -16.19 35.76
CA ALA A 62 -10.32 -14.79 36.12
C ALA A 62 -9.70 -14.66 37.49
N VAL A 63 -9.96 -15.63 38.33
CA VAL A 63 -9.43 -15.64 39.69
C VAL A 63 -9.00 -17.06 39.99
N MET A 64 -7.94 -17.18 40.77
CA MET A 64 -7.44 -18.51 41.11
C MET A 64 -6.62 -18.46 42.39
N GLU A 65 -7.23 -18.83 43.49
CA GLU A 65 -6.56 -18.83 44.78
C GLU A 65 -6.78 -20.17 45.46
N LEU A 66 -5.92 -20.49 46.43
CA LEU A 66 -6.05 -21.73 47.17
C LEU A 66 -6.30 -21.40 48.63
N PHE A 67 -6.91 -22.34 49.34
CA PHE A 67 -7.15 -22.18 50.77
C PHE A 67 -7.18 -23.48 51.57
N ARG A 68 -6.70 -23.37 52.80
CA ARG A 68 -6.59 -24.49 53.74
C ARG A 68 -7.53 -24.35 54.96
N PRO A 69 -8.80 -24.77 54.80
CA PRO A 69 -9.80 -24.70 55.88
C PRO A 69 -9.67 -25.88 56.85
N LYS A 70 -9.57 -25.61 58.14
CA LYS A 70 -9.47 -26.69 59.12
C LYS A 70 -10.70 -27.57 58.95
N GLY A 71 -10.44 -28.87 58.76
CA GLY A 71 -11.52 -29.82 58.56
C GLY A 71 -11.14 -30.70 57.38
N GLU A 72 -10.62 -30.07 56.33
CA GLU A 72 -10.19 -30.78 55.12
C GLU A 72 -8.69 -31.03 55.31
N SER A 73 -8.26 -32.21 54.92
CA SER A 73 -6.84 -32.58 55.07
C SER A 73 -5.88 -31.70 54.28
N LYS A 74 -6.29 -31.30 53.07
CA LYS A 74 -5.45 -30.48 52.19
C LYS A 74 -6.15 -29.24 51.66
N ASP A 75 -5.47 -28.56 50.74
CA ASP A 75 -5.97 -27.33 50.13
C ASP A 75 -7.07 -27.50 49.09
N LEU A 76 -7.82 -26.42 48.86
CA LEU A 76 -8.89 -26.42 47.89
C LEU A 76 -8.64 -25.29 46.90
N LEU A 77 -9.18 -25.43 45.69
CA LEU A 77 -8.98 -24.44 44.65
C LEU A 77 -10.19 -23.62 44.28
N PHE A 78 -10.11 -22.31 44.45
CA PHE A 78 -11.22 -21.46 44.07
C PHE A 78 -10.89 -20.82 42.73
N ILE A 79 -11.79 -20.99 41.76
CA ILE A 79 -11.62 -20.46 40.41
C ILE A 79 -12.88 -19.76 39.94
N LEU A 80 -12.72 -18.48 39.58
CA LEU A 80 -13.84 -17.67 39.10
C LEU A 80 -13.62 -17.31 37.63
N THR A 81 -14.50 -17.79 36.78
CA THR A 81 -14.39 -17.51 35.34
C THR A 81 -14.61 -16.02 35.08
N ALA A 82 -14.41 -15.63 33.83
CA ALA A 82 -14.61 -14.25 33.38
C ALA A 82 -16.08 -14.01 33.15
N LYS A 83 -16.84 -15.09 33.00
CA LYS A 83 -18.27 -14.97 32.79
C LYS A 83 -18.90 -15.20 34.14
N TYR A 84 -18.14 -14.90 35.18
CA TYR A 84 -18.60 -15.03 36.54
C TYR A 84 -19.09 -16.42 36.90
N ASN A 85 -18.26 -17.41 36.59
CA ASN A 85 -18.54 -18.78 36.93
C ASN A 85 -17.62 -19.09 38.10
N ALA A 86 -18.19 -19.15 39.30
CA ALA A 86 -17.40 -19.43 40.49
C ALA A 86 -17.39 -20.93 40.79
N CYS A 87 -16.47 -21.35 41.66
CA CYS A 87 -16.37 -22.76 42.02
C CYS A 87 -15.16 -23.11 42.88
N ILE A 88 -15.26 -24.23 43.58
CA ILE A 88 -14.18 -24.71 44.42
C ILE A 88 -13.88 -26.15 43.96
N LEU A 89 -12.62 -26.53 44.04
CA LEU A 89 -12.24 -27.84 43.56
C LEU A 89 -11.33 -28.66 44.49
N GLU A 90 -11.43 -29.97 44.37
CA GLU A 90 -10.60 -30.88 45.17
C GLU A 90 -9.81 -31.77 44.21
N TYR A 91 -8.65 -32.22 44.66
CA TYR A 91 -7.78 -33.08 43.86
C TYR A 91 -7.85 -34.54 44.34
N LYS A 92 -8.56 -35.39 43.62
CA LYS A 92 -8.67 -36.78 44.03
C LYS A 92 -8.09 -37.78 43.03
N GLN A 93 -7.13 -38.58 43.48
CA GLN A 93 -6.51 -39.58 42.63
C GLN A 93 -6.54 -40.98 43.24
N SER A 94 -7.34 -41.87 42.66
CA SER A 94 -7.45 -43.25 43.13
C SER A 94 -6.79 -44.23 42.16
N GLY A 95 -5.46 -44.30 42.25
CA GLY A 95 -4.72 -45.19 41.39
C GLY A 95 -4.41 -44.55 40.07
N GLU A 96 -4.93 -45.14 38.99
CA GLU A 96 -4.71 -44.63 37.64
C GLU A 96 -5.67 -43.51 37.31
N SER A 97 -6.51 -43.15 38.26
CA SER A 97 -7.47 -42.09 38.03
C SER A 97 -7.11 -40.82 38.80
N ILE A 98 -7.31 -39.67 38.15
CA ILE A 98 -7.05 -38.37 38.76
C ILE A 98 -8.16 -37.43 38.33
N ASP A 99 -9.10 -37.15 39.23
CA ASP A 99 -10.19 -36.25 38.90
C ASP A 99 -10.13 -34.97 39.72
N ILE A 100 -10.53 -33.87 39.08
CA ILE A 100 -10.59 -32.62 39.80
C ILE A 100 -12.08 -32.46 39.96
N ILE A 101 -12.53 -32.60 41.19
CA ILE A 101 -13.94 -32.55 41.48
C ILE A 101 -14.48 -31.21 41.93
N THR A 102 -15.69 -30.94 41.48
CA THR A 102 -16.40 -29.72 41.81
C THR A 102 -17.05 -29.92 43.17
N ARG A 103 -16.52 -29.23 44.18
CA ARG A 103 -17.06 -29.33 45.53
C ARG A 103 -18.11 -28.28 45.80
N ALA A 104 -18.45 -27.52 44.77
CA ALA A 104 -19.43 -26.44 44.85
C ALA A 104 -19.29 -25.72 43.54
N HIS A 105 -20.27 -24.89 43.19
CA HIS A 105 -20.19 -24.15 41.94
C HIS A 105 -21.44 -23.37 41.70
N GLY A 106 -21.28 -22.19 41.13
CA GLY A 106 -22.43 -21.37 40.84
C GLY A 106 -22.01 -20.26 39.91
N ASN A 107 -22.75 -19.16 39.97
CA ASN A 107 -22.46 -18.00 39.15
C ASN A 107 -22.74 -16.77 39.97
N VAL A 108 -21.69 -15.99 40.28
CA VAL A 108 -21.85 -14.78 41.07
C VAL A 108 -22.12 -13.50 40.30
N GLN A 109 -22.73 -13.62 39.13
CA GLN A 109 -23.04 -12.46 38.30
C GLN A 109 -24.34 -11.80 38.74
N ASP A 110 -24.30 -10.49 38.90
CA ASP A 110 -25.47 -9.68 39.26
C ASP A 110 -25.99 -9.09 37.96
N ARG A 111 -27.30 -8.94 37.84
CA ARG A 111 -27.80 -8.40 36.58
C ARG A 111 -27.51 -6.90 36.43
N ILE A 112 -27.46 -6.19 37.54
CA ILE A 112 -27.16 -4.76 37.52
C ILE A 112 -25.64 -4.58 37.41
N GLY A 113 -25.08 -3.85 38.38
CA GLY A 113 -23.64 -3.62 38.44
C GLY A 113 -22.88 -2.93 37.32
N ARG A 114 -21.75 -2.33 37.70
CA ARG A 114 -20.89 -1.63 36.76
C ARG A 114 -19.48 -2.26 36.84
N PRO A 115 -19.05 -2.92 35.76
CA PRO A 115 -17.75 -3.59 35.63
C PRO A 115 -16.58 -2.72 36.06
N SER A 116 -16.20 -2.78 37.33
CA SER A 116 -15.09 -1.96 37.83
C SER A 116 -13.88 -1.95 36.91
N GLU A 117 -13.06 -0.93 37.02
CA GLU A 117 -11.82 -0.87 36.25
C GLU A 117 -10.95 -1.67 37.21
N THR A 118 -9.74 -2.06 36.82
CA THR A 118 -8.88 -2.84 37.73
C THR A 118 -9.36 -4.30 37.75
N GLY A 119 -10.48 -4.54 37.06
CA GLY A 119 -11.06 -5.87 36.93
C GLY A 119 -11.61 -6.59 38.14
N ILE A 120 -11.81 -7.89 37.95
CA ILE A 120 -12.33 -8.79 38.96
C ILE A 120 -11.33 -9.07 40.07
N ILE A 121 -11.63 -8.70 41.31
CA ILE A 121 -10.70 -9.04 42.38
C ILE A 121 -11.30 -10.23 43.11
N GLY A 122 -10.46 -11.18 43.48
CA GLY A 122 -10.94 -12.36 44.20
C GLY A 122 -10.06 -12.62 45.40
N ILE A 123 -10.61 -12.46 46.59
CA ILE A 123 -9.79 -12.68 47.77
C ILE A 123 -10.43 -13.56 48.82
N ILE A 124 -9.59 -14.07 49.73
CA ILE A 124 -10.04 -14.95 50.79
C ILE A 124 -9.42 -14.64 52.16
N ASP A 125 -10.27 -14.65 53.17
CA ASP A 125 -9.87 -14.38 54.54
C ASP A 125 -9.01 -15.52 55.08
N PRO A 126 -7.92 -15.18 55.80
CA PRO A 126 -7.03 -16.20 56.36
C PRO A 126 -7.77 -17.14 57.32
N GLU A 127 -8.84 -16.61 57.94
CA GLU A 127 -9.66 -17.38 58.87
C GLU A 127 -10.49 -18.34 58.01
N CYS A 128 -10.27 -18.27 56.70
CA CYS A 128 -10.98 -19.11 55.73
C CYS A 128 -12.46 -19.28 56.05
N ARG A 129 -13.08 -18.21 56.55
CA ARG A 129 -14.49 -18.24 56.91
C ARG A 129 -15.37 -17.85 55.73
N MET A 130 -14.80 -17.13 54.77
CA MET A 130 -15.54 -16.69 53.58
C MET A 130 -14.67 -16.05 52.50
N ILE A 131 -15.18 -16.02 51.27
CA ILE A 131 -14.47 -15.44 50.14
C ILE A 131 -15.02 -14.04 49.83
N GLY A 132 -14.19 -13.20 49.22
CA GLY A 132 -14.59 -11.85 48.87
C GLY A 132 -14.43 -11.61 47.37
N LEU A 133 -15.42 -10.97 46.75
CA LEU A 133 -15.36 -10.70 45.31
C LEU A 133 -15.72 -9.27 44.89
N ARG A 134 -14.72 -8.44 44.61
CA ARG A 134 -14.98 -7.07 44.17
C ARG A 134 -15.27 -7.16 42.68
N LEU A 135 -16.54 -7.35 42.34
CA LEU A 135 -16.91 -7.49 40.94
C LEU A 135 -17.33 -6.23 40.25
N TYR A 136 -18.46 -5.69 40.67
CA TYR A 136 -18.96 -4.48 40.09
C TYR A 136 -18.62 -3.36 41.07
N ASP A 137 -18.92 -2.12 40.71
CA ASP A 137 -18.60 -0.99 41.59
C ASP A 137 -19.50 -0.78 42.82
N GLY A 138 -18.86 -0.47 43.95
CA GLY A 138 -19.60 -0.23 45.18
C GLY A 138 -20.40 -1.41 45.67
N LEU A 139 -19.92 -2.62 45.40
CA LEU A 139 -20.62 -3.80 45.84
C LEU A 139 -19.66 -4.94 46.09
N PHE A 140 -19.27 -5.11 47.34
CA PHE A 140 -18.33 -6.17 47.71
C PHE A 140 -19.09 -7.43 48.06
N LYS A 141 -19.37 -8.23 47.04
CA LYS A 141 -20.09 -9.48 47.22
C LYS A 141 -19.30 -10.34 48.21
N VAL A 142 -20.01 -11.12 49.02
CA VAL A 142 -19.35 -12.00 49.99
C VAL A 142 -19.97 -13.39 49.91
N ILE A 143 -19.14 -14.41 50.05
CA ILE A 143 -19.60 -15.80 50.00
C ILE A 143 -19.32 -16.50 51.32
N PRO A 144 -20.33 -17.22 51.86
CA PRO A 144 -20.22 -17.98 53.11
C PRO A 144 -19.49 -19.29 52.81
N LEU A 145 -18.40 -19.53 53.51
CA LEU A 145 -17.61 -20.74 53.29
C LEU A 145 -18.13 -21.94 54.10
N ASP A 146 -19.45 -22.11 54.14
CA ASP A 146 -20.08 -23.20 54.89
C ASP A 146 -20.02 -24.51 54.09
N ARG A 147 -19.64 -25.59 54.76
CA ARG A 147 -19.49 -26.92 54.15
C ARG A 147 -20.77 -27.49 53.52
N ASP A 148 -21.64 -26.61 53.04
CA ASP A 148 -22.89 -27.03 52.41
C ASP A 148 -23.44 -25.98 51.45
N ASN A 149 -22.56 -25.05 51.06
CA ASN A 149 -22.93 -24.00 50.10
C ASN A 149 -22.51 -24.52 48.73
N LYS A 150 -23.04 -25.68 48.37
CA LYS A 150 -22.76 -26.31 47.09
C LYS A 150 -23.25 -25.49 45.90
N GLU A 151 -24.34 -24.75 46.10
CA GLU A 151 -24.95 -23.89 45.06
C GLU A 151 -23.93 -23.20 45.92
N LEU A 152 -23.62 -22.00 45.42
CA LEU A 152 -22.64 -21.15 46.07
C LEU A 152 -23.27 -19.84 46.49
N LYS A 153 -24.53 -19.81 46.47
CA LYS A 153 -25.28 -18.57 46.73
C LYS A 153 -24.51 -17.65 47.66
N ALA A 154 -24.50 -16.36 47.35
CA ALA A 154 -23.81 -15.39 48.18
C ALA A 154 -24.61 -14.12 48.25
N PHE A 155 -24.35 -13.29 49.27
CA PHE A 155 -25.07 -12.04 49.38
C PHE A 155 -24.19 -10.94 48.79
N ASN A 156 -24.70 -9.72 48.74
CA ASN A 156 -23.92 -8.61 48.18
C ASN A 156 -24.09 -7.35 49.04
N ILE A 157 -22.98 -6.83 49.56
CA ILE A 157 -23.00 -5.62 50.39
C ILE A 157 -22.70 -4.36 49.61
N ARG A 158 -23.06 -3.22 50.20
CA ARG A 158 -22.84 -1.90 49.56
C ARG A 158 -21.49 -1.27 49.90
N LEU A 159 -21.03 -0.37 49.03
CA LEU A 159 -19.78 0.34 49.22
C LEU A 159 -19.96 1.82 48.90
N GLU A 160 -19.55 2.67 49.84
CA GLU A 160 -19.68 4.11 49.65
C GLU A 160 -18.45 4.69 48.95
N GLU A 161 -17.56 3.81 48.50
CA GLU A 161 -16.35 4.20 47.79
C GLU A 161 -16.35 3.46 46.45
N LEU A 162 -16.90 4.08 45.41
CA LEU A 162 -16.99 3.41 44.12
C LEU A 162 -15.65 3.00 43.49
N HIS A 163 -14.78 3.97 43.21
CA HIS A 163 -13.49 3.68 42.58
C HIS A 163 -12.52 3.05 43.58
N VAL A 164 -12.40 1.72 43.53
CA VAL A 164 -11.48 0.99 44.40
C VAL A 164 -10.36 0.46 43.53
N ILE A 165 -9.19 0.23 44.13
CA ILE A 165 -8.04 -0.24 43.38
C ILE A 165 -7.63 -1.67 43.71
N ASP A 166 -7.19 -1.88 44.94
CA ASP A 166 -6.78 -3.21 45.37
C ASP A 166 -7.46 -3.55 46.70
N VAL A 167 -7.69 -4.84 46.95
CA VAL A 167 -8.35 -5.27 48.18
C VAL A 167 -7.75 -6.59 48.66
N LYS A 168 -7.66 -6.79 49.96
CA LYS A 168 -7.11 -8.02 50.55
C LYS A 168 -7.50 -8.10 52.01
N PHE A 169 -8.09 -9.21 52.43
CA PHE A 169 -8.43 -9.36 53.85
C PHE A 169 -7.14 -9.27 54.63
N LEU A 170 -7.22 -9.06 55.93
CA LEU A 170 -6.01 -9.00 56.74
C LEU A 170 -5.94 -10.17 57.69
N TYR A 171 -4.73 -10.65 57.95
CA TYR A 171 -4.52 -11.80 58.83
C TYR A 171 -4.78 -11.50 60.31
N GLY A 172 -4.62 -12.53 61.14
CA GLY A 172 -4.81 -12.40 62.59
C GLY A 172 -5.70 -11.28 63.10
N CYS A 173 -7.00 -11.49 62.97
CA CYS A 173 -7.98 -10.52 63.43
C CYS A 173 -9.27 -11.25 63.81
N GLN A 174 -9.74 -11.00 65.03
CA GLN A 174 -10.95 -11.62 65.58
C GLN A 174 -12.09 -11.61 64.58
N ALA A 175 -12.25 -10.49 63.88
CA ALA A 175 -13.29 -10.35 62.87
C ALA A 175 -12.62 -10.07 61.53
N PRO A 176 -13.16 -10.63 60.44
CA PRO A 176 -12.59 -10.42 59.11
C PRO A 176 -12.41 -8.94 58.77
N THR A 177 -11.15 -8.53 58.63
CA THR A 177 -10.82 -7.15 58.30
C THR A 177 -10.46 -7.04 56.81
N ILE A 178 -11.13 -6.12 56.11
CA ILE A 178 -10.90 -5.92 54.68
C ILE A 178 -10.28 -4.58 54.35
N CYS A 179 -9.02 -4.63 53.91
CA CYS A 179 -8.28 -3.44 53.55
C CYS A 179 -8.25 -3.22 52.05
N PHE A 180 -8.30 -1.97 51.65
CA PHE A 180 -8.30 -1.61 50.24
C PHE A 180 -7.92 -0.16 49.97
N VAL A 181 -7.67 0.13 48.69
CA VAL A 181 -7.31 1.46 48.24
C VAL A 181 -8.39 1.94 47.27
N TYR A 182 -8.89 3.14 47.48
CA TYR A 182 -9.91 3.69 46.60
C TYR A 182 -9.54 5.11 46.21
N GLN A 183 -10.00 5.55 45.04
CA GLN A 183 -9.70 6.89 44.56
C GLN A 183 -10.94 7.77 44.48
N ASP A 184 -10.72 9.05 44.73
CA ASP A 184 -11.77 10.06 44.70
C ASP A 184 -11.09 11.34 44.23
N PRO A 185 -11.84 12.46 44.16
CA PRO A 185 -11.23 13.72 43.73
C PRO A 185 -10.07 14.17 44.63
N GLN A 186 -10.29 14.17 45.94
CA GLN A 186 -9.29 14.58 46.93
C GLN A 186 -8.12 13.60 47.05
N GLY A 187 -8.01 12.68 46.08
CA GLY A 187 -6.93 11.71 46.11
C GLY A 187 -7.33 10.28 46.45
N ARG A 188 -6.30 9.45 46.67
CA ARG A 188 -6.49 8.03 46.99
C ARG A 188 -6.35 7.68 48.47
N HIS A 189 -7.49 7.43 49.10
CA HIS A 189 -7.53 7.06 50.51
C HIS A 189 -7.41 5.53 50.61
N VAL A 190 -6.89 5.07 51.74
CA VAL A 190 -6.73 3.62 52.00
C VAL A 190 -7.32 3.24 53.36
N LYS A 191 -8.58 2.80 53.36
CA LYS A 191 -9.22 2.42 54.61
C LYS A 191 -9.46 0.93 54.83
N THR A 192 -10.13 0.63 55.93
CA THR A 192 -10.45 -0.74 56.32
C THR A 192 -11.95 -0.91 56.54
N TYR A 193 -12.37 -2.13 56.86
CA TYR A 193 -13.79 -2.45 57.11
C TYR A 193 -13.87 -3.76 57.88
N GLU A 194 -14.84 -3.87 58.78
CA GLU A 194 -15.04 -5.11 59.52
C GLU A 194 -16.24 -5.76 58.86
N VAL A 195 -16.24 -7.08 58.79
CA VAL A 195 -17.36 -7.77 58.17
C VAL A 195 -17.94 -8.83 59.08
N SER A 196 -19.27 -8.95 59.06
CA SER A 196 -19.98 -9.93 59.86
C SER A 196 -21.02 -10.61 58.97
N LEU A 197 -21.06 -11.94 59.05
CA LEU A 197 -21.99 -12.74 58.25
C LEU A 197 -23.43 -12.70 58.76
N ARG A 198 -23.59 -12.46 60.06
CA ARG A 198 -24.92 -12.41 60.67
C ARG A 198 -25.58 -11.08 60.34
N GLU A 199 -24.88 -9.98 60.61
CA GLU A 199 -25.40 -8.65 60.32
C GLU A 199 -25.41 -8.36 58.82
N LYS A 200 -24.74 -9.22 58.05
CA LYS A 200 -24.67 -9.09 56.59
C LYS A 200 -24.43 -7.66 56.11
N GLU A 201 -23.37 -7.05 56.65
CA GLU A 201 -22.96 -5.69 56.29
C GLU A 201 -21.60 -5.40 56.93
N PHE A 202 -21.08 -4.20 56.69
CA PHE A 202 -19.79 -3.82 57.26
C PHE A 202 -19.98 -3.04 58.55
N ASN A 203 -19.07 -3.25 59.49
CA ASN A 203 -19.12 -2.54 60.77
C ASN A 203 -18.16 -1.36 60.69
N LYS A 204 -16.87 -1.61 60.90
CA LYS A 204 -15.88 -0.53 60.79
C LYS A 204 -14.45 -0.93 61.13
N GLY A 205 -13.59 -0.88 60.12
CA GLY A 205 -12.19 -1.23 60.25
C GLY A 205 -11.50 -0.58 61.44
N PRO A 206 -10.43 -1.22 61.94
CA PRO A 206 -9.62 -0.75 63.06
C PRO A 206 -8.90 0.58 62.86
N TRP A 207 -8.69 0.97 61.60
CA TRP A 207 -8.00 2.22 61.31
C TRP A 207 -8.33 2.80 59.94
N LYS A 208 -7.52 3.75 59.51
CA LYS A 208 -7.66 4.44 58.22
C LYS A 208 -6.50 5.43 58.08
N GLN A 209 -6.36 6.00 56.88
CA GLN A 209 -5.27 6.99 56.65
C GLN A 209 -5.54 7.86 55.42
N GLU A 210 -6.31 8.96 55.59
CA GLU A 210 -6.79 9.85 54.52
C GLU A 210 -5.98 10.11 53.21
N ASN A 211 -4.82 10.76 53.25
CA ASN A 211 -4.01 11.04 52.08
C ASN A 211 -2.82 10.10 51.88
N VAL A 212 -2.80 9.23 50.85
CA VAL A 212 -1.65 8.31 50.67
C VAL A 212 -1.20 8.30 49.21
N GLU A 213 0.04 7.85 48.95
CA GLU A 213 0.65 7.78 47.62
C GLU A 213 -0.30 7.84 46.43
N ALA A 214 -0.01 8.95 45.70
CA ALA A 214 -0.61 9.42 44.46
C ALA A 214 -0.85 8.31 43.48
N GLU A 215 0.05 7.32 43.46
CA GLU A 215 -0.06 6.17 42.55
C GLU A 215 -0.06 4.80 43.22
N ALA A 216 -0.75 4.67 44.35
CA ALA A 216 -0.82 3.39 45.07
C ALA A 216 -1.45 2.34 44.16
N SER A 217 -0.77 1.21 43.99
CA SER A 217 -1.27 0.16 43.12
C SER A 217 -1.48 -1.24 43.74
N MET A 218 -0.83 -1.53 44.86
CA MET A 218 -1.00 -2.84 45.46
C MET A 218 -1.13 -2.87 46.99
N VAL A 219 -2.13 -3.58 47.49
CA VAL A 219 -2.34 -3.74 48.92
C VAL A 219 -1.79 -5.10 49.35
N ILE A 220 -0.55 -5.11 49.86
CA ILE A 220 0.08 -6.36 50.28
C ILE A 220 -0.15 -6.65 51.77
N ALA A 221 -1.04 -7.58 52.04
CA ALA A 221 -1.36 -7.95 53.42
C ALA A 221 -0.35 -8.90 54.06
N VAL A 222 0.18 -8.49 55.21
CA VAL A 222 1.15 -9.27 55.94
C VAL A 222 0.54 -10.14 57.04
N PRO A 223 1.06 -11.36 57.20
CA PRO A 223 0.66 -12.39 58.17
C PRO A 223 0.97 -12.18 59.67
N GLU A 224 0.33 -13.05 60.46
CA GLU A 224 0.41 -13.10 61.93
C GLU A 224 1.58 -12.41 62.65
N PRO A 225 2.81 -12.87 62.38
CA PRO A 225 4.04 -12.32 63.00
C PRO A 225 4.17 -10.81 63.08
N PHE A 226 4.00 -10.13 61.94
CA PHE A 226 4.10 -8.67 61.92
C PHE A 226 2.72 -8.03 61.84
N GLY A 227 1.95 -8.47 60.85
CA GLY A 227 0.62 -7.94 60.64
C GLY A 227 0.72 -6.65 59.85
N GLY A 228 -0.43 -6.11 59.46
CA GLY A 228 -0.43 -4.87 58.71
C GLY A 228 -0.41 -5.08 57.21
N ALA A 229 -0.68 -4.00 56.46
CA ALA A 229 -0.71 -4.06 55.01
C ALA A 229 0.27 -3.07 54.40
N ILE A 230 1.01 -3.49 53.38
CA ILE A 230 1.95 -2.60 52.70
C ILE A 230 1.30 -2.02 51.45
N ILE A 231 1.65 -0.78 51.11
CA ILE A 231 1.10 -0.13 49.93
C ILE A 231 2.19 0.21 48.91
N ILE A 232 2.23 -0.54 47.82
CA ILE A 232 3.20 -0.29 46.78
C ILE A 232 2.61 0.79 45.87
N GLY A 233 3.43 1.79 45.55
CA GLY A 233 3.00 2.89 44.69
C GLY A 233 3.87 2.90 43.45
N GLN A 234 4.08 4.05 42.83
CA GLN A 234 4.92 4.06 41.65
C GLN A 234 6.36 4.50 41.93
N GLU A 235 6.56 5.15 43.06
CA GLU A 235 7.88 5.62 43.46
C GLU A 235 8.12 5.59 44.97
N SER A 236 7.08 5.26 45.74
CA SER A 236 7.20 5.20 47.21
C SER A 236 6.34 4.10 47.83
N ILE A 237 6.88 3.44 48.86
CA ILE A 237 6.17 2.37 49.58
C ILE A 237 5.79 2.79 51.00
N THR A 238 4.65 2.30 51.48
CA THR A 238 4.17 2.64 52.82
C THR A 238 3.50 1.46 53.53
N TYR A 239 3.90 1.21 54.78
CA TYR A 239 3.33 0.10 55.57
C TYR A 239 2.55 0.58 56.78
N HIS A 240 1.35 0.06 56.93
CA HIS A 240 0.48 0.41 58.05
C HIS A 240 0.12 -0.85 58.81
N ASN A 241 0.02 -0.75 60.14
CA ASN A 241 -0.35 -1.89 60.97
C ASN A 241 -1.27 -1.34 62.05
N GLY A 242 -2.11 -0.40 61.63
CA GLY A 242 -3.03 0.22 62.55
C GLY A 242 -2.39 1.47 63.11
N ASP A 243 -1.37 1.27 63.94
CA ASP A 243 -0.66 2.38 64.55
C ASP A 243 0.83 2.34 64.22
N LYS A 244 1.12 2.06 62.95
CA LYS A 244 2.49 2.02 62.44
C LYS A 244 2.45 2.68 61.07
N TYR A 245 3.43 3.53 60.79
CA TYR A 245 3.47 4.22 59.50
C TYR A 245 4.92 4.55 59.10
N LEU A 246 5.40 3.88 58.06
CA LEU A 246 6.75 4.09 57.55
C LEU A 246 6.64 4.51 56.10
N ALA A 247 7.78 4.69 55.43
CA ALA A 247 7.79 5.10 54.01
C ALA A 247 9.21 5.19 53.46
N ILE A 248 9.40 4.73 52.23
CA ILE A 248 10.71 4.79 51.59
C ILE A 248 10.57 4.98 50.09
N ALA A 249 11.53 5.68 49.49
CA ALA A 249 11.47 5.94 48.06
C ALA A 249 12.78 5.66 47.34
N PRO A 250 13.19 4.39 47.27
CA PRO A 250 14.43 4.03 46.58
C PRO A 250 14.30 4.41 45.10
N PRO A 251 15.22 5.25 44.59
CA PRO A 251 15.22 5.72 43.20
C PRO A 251 15.19 4.58 42.18
N ILE A 252 15.43 3.37 42.68
CA ILE A 252 15.46 2.16 41.87
C ILE A 252 14.08 1.91 41.23
N ILE A 253 13.04 2.31 41.95
CA ILE A 253 11.65 2.16 41.50
C ILE A 253 11.30 3.20 40.43
N LYS A 254 11.76 4.42 40.64
CA LYS A 254 11.53 5.55 39.73
C LYS A 254 11.38 5.06 38.29
N GLN A 255 12.37 4.31 37.82
CA GLN A 255 12.38 3.77 36.46
C GLN A 255 11.03 3.28 35.91
N SER A 256 10.46 2.24 36.53
CA SER A 256 9.20 1.67 36.07
C SER A 256 8.20 1.31 37.18
N THR A 257 7.11 0.68 36.78
CA THR A 257 6.03 0.25 37.67
C THR A 257 6.21 -1.18 38.17
N ILE A 258 5.75 -1.43 39.40
CA ILE A 258 5.79 -2.78 39.96
C ILE A 258 4.42 -3.33 39.57
N VAL A 259 4.36 -4.58 39.16
CA VAL A 259 3.08 -5.11 38.72
C VAL A 259 2.63 -6.45 39.29
N CYS A 260 3.43 -7.04 40.16
CA CYS A 260 3.05 -8.31 40.77
C CYS A 260 3.88 -8.54 42.00
N HIS A 261 3.48 -9.49 42.84
CA HIS A 261 4.24 -9.75 44.04
C HIS A 261 4.07 -11.18 44.55
N ASN A 262 4.93 -11.53 45.50
CA ASN A 262 4.88 -12.82 46.14
C ASN A 262 5.78 -12.82 47.36
N ARG A 263 5.19 -13.23 48.47
CA ARG A 263 5.89 -13.31 49.73
C ARG A 263 6.77 -14.54 49.67
N VAL A 264 8.03 -14.39 50.06
CA VAL A 264 8.98 -15.50 50.04
C VAL A 264 9.00 -16.22 51.40
N ASP A 265 8.65 -15.50 52.46
CA ASP A 265 8.64 -16.09 53.80
C ASP A 265 7.22 -16.28 54.31
N PRO A 266 6.98 -17.41 55.01
CA PRO A 266 5.65 -17.69 55.55
C PRO A 266 5.13 -16.56 56.46
N ASN A 267 5.96 -15.54 56.59
CA ASN A 267 5.65 -14.37 57.42
C ASN A 267 6.43 -13.16 56.88
N GLY A 268 5.75 -12.02 56.80
CA GLY A 268 6.39 -10.82 56.29
C GLY A 268 7.78 -10.78 56.86
N SER A 269 8.70 -11.01 55.98
CA SER A 269 10.09 -10.93 56.24
C SER A 269 10.56 -10.49 54.89
N ARG A 270 10.62 -11.41 53.95
CA ARG A 270 11.08 -11.10 52.60
C ARG A 270 9.97 -11.25 51.57
N TYR A 271 10.00 -10.38 50.55
CA TYR A 271 9.02 -10.38 49.47
C TYR A 271 9.67 -10.29 48.09
N LEU A 272 8.86 -10.46 47.05
CA LEU A 272 9.34 -10.38 45.67
C LEU A 272 8.42 -9.46 44.87
N LEU A 273 9.01 -8.52 44.13
CA LEU A 273 8.25 -7.55 43.31
C LEU A 273 8.57 -7.65 41.82
N GLY A 274 7.57 -7.46 40.99
CA GLY A 274 7.78 -7.53 39.56
C GLY A 274 7.78 -6.17 38.92
N ASP A 275 8.81 -5.90 38.12
CA ASP A 275 8.92 -4.62 37.43
C ASP A 275 8.19 -4.70 36.10
N MET A 276 7.64 -3.57 35.66
CA MET A 276 6.89 -3.48 34.41
C MET A 276 7.78 -3.48 33.17
N GLU A 277 9.07 -3.69 33.36
CA GLU A 277 10.03 -3.67 32.25
C GLU A 277 11.12 -4.73 32.38
N GLY A 278 10.87 -5.74 33.18
CA GLY A 278 11.84 -6.80 33.34
C GLY A 278 12.45 -6.91 34.73
N ARG A 279 12.93 -5.79 35.26
CA ARG A 279 13.56 -5.78 36.60
C ARG A 279 12.87 -6.73 37.56
N LEU A 280 13.62 -7.17 38.56
CA LEU A 280 13.10 -8.05 39.58
C LEU A 280 13.61 -7.52 40.92
N PHE A 281 12.70 -7.21 41.83
CA PHE A 281 13.09 -6.66 43.12
C PHE A 281 12.80 -7.56 44.30
N MET A 282 13.52 -7.31 45.39
CA MET A 282 13.38 -8.05 46.63
C MET A 282 13.25 -7.05 47.76
N LEU A 283 12.06 -6.96 48.35
CA LEU A 283 11.81 -6.04 49.45
C LEU A 283 11.79 -6.75 50.80
N LEU A 284 12.66 -6.31 51.71
CA LEU A 284 12.74 -6.88 53.05
C LEU A 284 12.40 -5.86 54.11
N LEU A 285 11.68 -6.31 55.14
CA LEU A 285 11.30 -5.48 56.26
C LEU A 285 11.94 -6.06 57.52
N GLU A 286 13.20 -5.70 57.73
CA GLU A 286 13.97 -6.18 58.88
C GLU A 286 13.19 -6.04 60.18
N LYS A 287 12.76 -7.17 60.72
CA LYS A 287 12.00 -7.22 61.96
C LYS A 287 12.75 -6.58 63.14
N GLU A 288 12.12 -6.57 64.31
CA GLU A 288 12.73 -6.02 65.53
C GLU A 288 11.99 -6.38 66.82
N GLU A 289 12.57 -7.29 67.60
CA GLU A 289 11.97 -7.66 68.86
C GLU A 289 12.24 -6.47 69.79
N GLN A 290 11.24 -6.11 70.58
CA GLN A 290 11.39 -4.99 71.49
C GLN A 290 12.42 -5.37 72.56
N MET A 291 11.95 -5.77 73.74
CA MET A 291 12.85 -6.18 74.83
C MET A 291 12.24 -7.28 75.69
N ASP A 292 10.94 -7.55 75.48
CA ASP A 292 10.26 -8.59 76.25
C ASP A 292 8.77 -8.69 75.93
N GLY A 293 8.23 -7.66 75.26
CA GLY A 293 6.82 -7.68 74.90
C GLY A 293 6.52 -8.61 73.75
N THR A 294 6.82 -8.16 72.53
CA THR A 294 6.60 -8.94 71.31
C THR A 294 7.40 -8.39 70.12
N VAL A 295 6.93 -8.67 68.91
CA VAL A 295 7.63 -8.22 67.70
C VAL A 295 7.04 -6.99 67.00
N THR A 296 7.93 -6.05 66.69
CA THR A 296 7.61 -4.79 66.01
C THR A 296 8.56 -4.64 64.83
N LEU A 297 8.01 -4.35 63.65
CA LEU A 297 8.81 -4.19 62.43
C LEU A 297 9.64 -2.89 62.45
N LYS A 298 10.93 -3.02 62.14
CA LYS A 298 11.84 -1.87 62.14
C LYS A 298 11.88 -1.07 60.83
N ASP A 299 12.93 -1.27 60.05
CA ASP A 299 13.10 -0.56 58.79
C ASP A 299 12.98 -1.48 57.57
N LEU A 300 12.37 -0.95 56.52
CA LEU A 300 12.16 -1.67 55.26
C LEU A 300 12.98 -0.99 54.17
N ARG A 301 13.39 -1.76 53.17
CA ARG A 301 14.17 -1.21 52.07
C ARG A 301 14.07 -2.12 50.84
N VAL A 302 14.26 -1.53 49.66
CA VAL A 302 14.19 -2.28 48.41
C VAL A 302 15.56 -2.42 47.73
N GLU A 303 15.93 -3.66 47.42
CA GLU A 303 17.20 -3.93 46.77
C GLU A 303 17.01 -4.80 45.52
N LEU A 304 17.49 -4.28 44.39
CA LEU A 304 17.41 -4.95 43.09
C LEU A 304 18.10 -6.30 43.01
N LEU A 305 17.42 -7.27 42.43
CA LEU A 305 17.95 -8.61 42.27
C LEU A 305 18.60 -8.74 40.92
N GLY A 306 17.88 -8.30 39.89
CA GLY A 306 18.39 -8.37 38.53
C GLY A 306 17.32 -8.23 37.47
N GLU A 307 17.41 -9.06 36.43
CA GLU A 307 16.46 -9.04 35.33
C GLU A 307 15.85 -10.43 35.12
N THR A 308 14.55 -10.49 34.89
CA THR A 308 13.86 -11.76 34.65
C THR A 308 13.16 -11.60 33.31
N SER A 309 11.99 -12.21 33.18
CA SER A 309 11.21 -12.08 31.96
C SER A 309 10.22 -11.00 32.37
N ILE A 310 9.37 -10.53 31.48
CA ILE A 310 8.43 -9.50 31.93
C ILE A 310 7.36 -10.20 32.78
N ALA A 311 7.69 -10.30 34.07
CA ALA A 311 6.89 -10.97 35.07
C ALA A 311 5.45 -10.51 35.29
N GLU A 312 4.51 -11.29 34.78
CA GLU A 312 3.07 -11.03 34.96
C GLU A 312 2.75 -11.65 36.33
N CYS A 313 2.81 -12.97 36.41
CA CYS A 313 2.60 -13.69 37.66
C CYS A 313 4.00 -13.83 38.28
N LEU A 314 4.06 -14.02 39.60
CA LEU A 314 5.35 -14.18 40.27
C LEU A 314 5.20 -15.11 41.47
N THR A 315 6.01 -16.16 41.54
CA THR A 315 5.89 -17.08 42.67
C THR A 315 7.18 -17.83 43.07
N TYR A 316 7.55 -17.72 44.35
CA TYR A 316 8.75 -18.37 44.90
C TYR A 316 8.42 -19.81 45.21
N LEU A 317 9.39 -20.70 45.08
CA LEU A 317 9.16 -22.11 45.33
C LEU A 317 10.03 -22.64 46.46
N ASP A 318 11.22 -23.13 46.09
CA ASP A 318 12.16 -23.70 47.06
C ASP A 318 13.60 -23.42 46.66
N ASN A 319 14.47 -23.38 47.66
CA ASN A 319 15.90 -23.16 47.41
C ASN A 319 16.18 -21.84 46.72
N GLY A 320 15.23 -20.91 46.78
CA GLY A 320 15.42 -19.64 46.12
C GLY A 320 15.19 -19.77 44.63
N VAL A 321 14.21 -20.57 44.24
CA VAL A 321 13.89 -20.77 42.84
C VAL A 321 12.53 -20.17 42.54
N VAL A 322 12.54 -19.00 41.90
CA VAL A 322 11.32 -18.31 41.57
C VAL A 322 10.80 -18.65 40.18
N PHE A 323 9.48 -18.80 40.07
CA PHE A 323 8.82 -19.07 38.80
C PHE A 323 8.30 -17.72 38.33
N VAL A 324 8.54 -17.41 37.07
CA VAL A 324 8.15 -16.14 36.50
C VAL A 324 7.22 -16.37 35.32
N GLY A 325 5.95 -16.08 35.54
CA GLY A 325 4.97 -16.25 34.48
C GLY A 325 4.94 -15.01 33.60
N SER A 326 5.50 -15.11 32.40
CA SER A 326 5.49 -13.97 31.51
C SER A 326 4.23 -14.10 30.71
N ARG A 327 3.71 -12.98 30.22
CA ARG A 327 2.48 -12.98 29.44
C ARG A 327 2.77 -12.52 28.03
N LEU A 328 3.88 -11.83 27.86
CA LEU A 328 4.27 -11.33 26.55
C LEU A 328 5.72 -11.76 26.27
N GLY A 329 6.13 -12.83 26.95
CA GLY A 329 7.46 -13.38 26.79
C GLY A 329 7.46 -14.80 27.35
N ASP A 330 8.59 -15.49 27.30
CA ASP A 330 8.68 -16.86 27.80
C ASP A 330 8.68 -16.85 29.32
N SER A 331 7.91 -17.74 29.93
CA SER A 331 7.87 -17.79 31.39
C SER A 331 9.15 -18.47 31.80
N GLN A 332 9.43 -18.52 33.09
CA GLN A 332 10.67 -19.17 33.44
C GLN A 332 10.91 -19.51 34.89
N LEU A 333 11.90 -20.38 35.08
CA LEU A 333 12.35 -20.88 36.37
C LEU A 333 13.66 -20.15 36.67
N VAL A 334 13.75 -19.54 37.84
CA VAL A 334 14.95 -18.80 38.15
C VAL A 334 15.62 -19.23 39.44
N LYS A 335 16.93 -18.99 39.51
CA LYS A 335 17.71 -19.30 40.70
C LYS A 335 18.06 -17.95 41.32
N LEU A 336 17.85 -17.84 42.62
CA LEU A 336 18.15 -16.61 43.33
C LEU A 336 19.45 -16.73 44.09
N ASN A 337 20.54 -16.37 43.42
CA ASN A 337 21.84 -16.44 44.05
C ASN A 337 21.88 -15.55 45.27
N VAL A 338 22.58 -16.02 46.28
CA VAL A 338 22.77 -15.29 47.52
C VAL A 338 24.15 -14.68 47.33
N ASP A 339 24.88 -15.25 46.37
CA ASP A 339 26.24 -14.84 46.02
C ASP A 339 26.32 -14.16 44.66
N SER A 340 26.05 -12.86 44.66
CA SER A 340 26.07 -12.05 43.45
C SER A 340 27.18 -12.45 42.48
N ASN A 341 26.78 -12.93 41.30
CA ASN A 341 27.73 -13.34 40.26
C ASN A 341 28.31 -12.12 39.56
N GLU A 342 29.01 -12.35 38.45
CA GLU A 342 29.60 -11.27 37.68
C GLU A 342 28.53 -10.24 37.38
N GLN A 343 28.92 -8.97 37.33
CA GLN A 343 27.98 -7.90 37.05
C GLN A 343 26.92 -7.79 38.14
N GLY A 344 27.24 -8.33 39.32
CA GLY A 344 26.31 -8.28 40.43
C GLY A 344 24.86 -8.60 40.15
N SER A 345 24.60 -9.75 39.53
CA SER A 345 23.24 -10.17 39.22
C SER A 345 22.82 -11.31 40.11
N TYR A 346 21.94 -11.04 41.07
CA TYR A 346 21.46 -12.09 41.96
C TYR A 346 20.59 -13.08 41.20
N VAL A 347 19.94 -12.59 40.14
CA VAL A 347 19.10 -13.42 39.29
C VAL A 347 19.95 -14.26 38.33
N VAL A 348 19.57 -15.50 38.11
CA VAL A 348 20.32 -16.37 37.20
C VAL A 348 19.41 -17.39 36.51
N ALA A 349 19.30 -17.24 35.20
CA ALA A 349 18.46 -18.10 34.38
C ALA A 349 18.61 -19.60 34.60
N MET A 350 17.55 -20.23 35.08
CA MET A 350 17.56 -21.68 35.30
C MET A 350 16.97 -22.39 34.07
N GLU A 351 15.73 -22.05 33.71
CA GLU A 351 15.06 -22.66 32.55
C GLU A 351 13.87 -21.82 32.05
N THR A 352 13.49 -22.00 30.78
CA THR A 352 12.38 -21.24 30.19
C THR A 352 11.47 -22.10 29.31
N PHE A 353 10.19 -21.74 29.18
CA PHE A 353 9.27 -22.50 28.36
C PHE A 353 8.59 -21.60 27.31
N THR A 354 8.44 -22.13 26.11
CA THR A 354 7.86 -21.41 24.99
C THR A 354 6.59 -20.65 25.31
N ASN A 355 6.47 -19.47 24.70
CA ASN A 355 5.30 -18.60 24.85
C ASN A 355 5.19 -17.90 23.51
N LEU A 356 4.29 -18.37 22.68
CA LEU A 356 4.04 -17.80 21.37
C LEU A 356 3.41 -16.39 21.41
N GLY A 357 2.63 -16.13 22.43
CA GLY A 357 1.94 -14.85 22.50
C GLY A 357 2.60 -13.65 23.13
N PRO A 358 2.11 -12.45 22.78
CA PRO A 358 0.99 -12.31 21.83
C PRO A 358 1.40 -12.41 20.37
N ILE A 359 0.66 -13.22 19.60
CA ILE A 359 0.93 -13.33 18.18
C ILE A 359 0.34 -12.04 17.67
N VAL A 360 1.16 -11.18 17.10
CA VAL A 360 0.68 -9.91 16.61
C VAL A 360 0.45 -9.97 15.10
N ASP A 361 1.18 -10.85 14.41
CA ASP A 361 0.99 -11.05 12.98
C ASP A 361 1.71 -12.34 12.55
N MET A 362 1.42 -12.86 11.37
CA MET A 362 2.06 -14.08 10.93
C MET A 362 1.80 -14.41 9.46
N CYS A 363 2.71 -15.15 8.84
CA CYS A 363 2.49 -15.52 7.44
C CYS A 363 2.70 -17.01 7.25
N VAL A 364 1.91 -17.59 6.36
CA VAL A 364 2.00 -19.01 6.07
C VAL A 364 3.00 -19.14 4.94
N VAL A 365 3.97 -20.03 5.09
CA VAL A 365 4.96 -20.17 4.04
C VAL A 365 5.47 -21.60 3.98
N ASP A 366 5.89 -22.03 2.80
CA ASP A 366 6.41 -23.39 2.62
C ASP A 366 7.77 -23.36 1.92
N LEU A 367 8.76 -22.80 2.61
CA LEU A 367 10.10 -22.68 2.07
C LEU A 367 10.55 -23.83 1.18
N GLU A 368 10.33 -25.07 1.62
CA GLU A 368 10.73 -26.25 0.88
C GLU A 368 9.88 -26.58 -0.34
N ARG A 369 8.73 -25.92 -0.46
CA ARG A 369 7.81 -26.12 -1.58
C ARG A 369 7.22 -27.54 -1.61
N GLN A 370 7.30 -28.22 -0.47
CA GLN A 370 6.83 -29.59 -0.32
C GLN A 370 5.33 -29.73 -0.04
N GLY A 371 4.61 -28.61 -0.06
CA GLY A 371 3.18 -28.67 0.20
C GLY A 371 2.84 -28.77 1.69
N GLN A 372 3.65 -28.12 2.51
CA GLN A 372 3.44 -28.11 3.95
C GLN A 372 3.87 -26.77 4.53
N GLY A 373 2.90 -25.89 4.69
CA GLY A 373 3.18 -24.57 5.21
C GLY A 373 3.62 -24.56 6.67
N GLN A 374 4.39 -23.54 7.01
CA GLN A 374 4.92 -23.34 8.36
C GLN A 374 4.40 -21.96 8.80
N LEU A 375 4.66 -21.60 10.05
CA LEU A 375 4.24 -20.31 10.57
C LEU A 375 5.34 -19.45 11.12
N VAL A 376 5.55 -18.28 10.54
CA VAL A 376 6.52 -17.37 11.13
C VAL A 376 5.58 -16.37 11.74
N THR A 377 5.76 -16.06 13.01
CA THR A 377 4.87 -15.13 13.67
C THR A 377 5.63 -14.02 14.37
N CYS A 378 5.07 -12.82 14.36
CA CYS A 378 5.72 -11.73 15.05
C CYS A 378 5.18 -12.00 16.44
N SER A 379 6.04 -12.36 17.37
CA SER A 379 5.57 -12.69 18.71
C SER A 379 6.11 -11.80 19.80
N GLY A 380 5.45 -11.80 20.93
CA GLY A 380 6.05 -11.05 22.03
C GLY A 380 6.03 -9.55 21.95
N ALA A 381 6.61 -8.82 22.94
CA ALA A 381 6.25 -7.34 22.94
C ALA A 381 7.30 -6.19 22.89
N PHE A 382 8.04 -6.09 23.98
CA PHE A 382 9.05 -5.11 24.16
C PHE A 382 10.41 -5.76 24.01
N LYS A 383 10.98 -6.00 25.16
CA LYS A 383 12.25 -6.67 25.34
C LYS A 383 12.11 -8.15 24.94
N GLU A 384 10.98 -8.75 25.29
CA GLU A 384 10.71 -10.14 24.93
C GLU A 384 10.45 -10.28 23.43
N GLY A 385 10.85 -9.29 22.64
CA GLY A 385 10.61 -9.37 21.20
C GLY A 385 11.11 -10.66 20.58
N SER A 386 10.43 -11.14 19.55
CA SER A 386 10.83 -12.39 18.91
C SER A 386 9.99 -12.79 17.71
N LEU A 387 10.48 -13.80 16.98
CA LEU A 387 9.77 -14.37 15.86
C LEU A 387 9.70 -15.83 16.24
N ARG A 388 8.67 -16.53 15.81
CA ARG A 388 8.53 -17.91 16.14
C ARG A 388 8.23 -18.65 14.87
N ILE A 389 8.65 -19.90 14.82
CA ILE A 389 8.40 -20.70 13.65
C ILE A 389 7.69 -21.96 14.07
N ILE A 390 6.41 -22.01 13.74
CA ILE A 390 5.59 -23.15 14.09
C ILE A 390 5.60 -24.07 12.88
N ARG A 391 6.06 -25.29 13.10
CA ARG A 391 6.16 -26.28 12.03
C ARG A 391 5.70 -27.63 12.54
N ASN A 392 5.02 -28.39 11.69
CA ASN A 392 4.55 -29.72 12.07
C ASN A 392 5.70 -30.69 12.03
N GLY A 393 5.95 -31.37 13.15
CA GLY A 393 7.05 -32.30 13.19
C GLY A 393 6.85 -33.72 13.66
N ILE A 394 7.85 -34.54 13.39
CA ILE A 394 7.90 -35.94 13.78
C ILE A 394 8.72 -35.98 15.05
N GLY A 395 8.51 -36.98 15.88
CA GLY A 395 9.29 -37.06 17.10
C GLY A 395 10.04 -38.37 17.17
N ILE A 396 10.54 -38.69 18.35
CA ILE A 396 11.28 -39.93 18.58
C ILE A 396 11.00 -40.49 19.97
N HIS A 397 10.59 -41.75 20.04
CA HIS A 397 10.36 -42.36 21.33
C HIS A 397 11.76 -42.60 21.82
N GLU A 398 12.06 -42.18 23.04
CA GLU A 398 13.40 -42.34 23.56
C GLU A 398 13.58 -43.51 24.53
N HIS A 399 13.93 -44.69 23.99
CA HIS A 399 14.12 -45.88 24.80
C HIS A 399 15.23 -45.78 25.85
N ALA A 400 16.37 -45.21 25.50
CA ALA A 400 17.50 -45.07 26.45
C ALA A 400 18.35 -43.82 26.22
N SER A 401 19.11 -43.42 27.23
CA SER A 401 19.96 -42.22 27.11
C SER A 401 21.27 -42.27 27.89
N ILE A 402 22.41 -42.11 27.23
CA ILE A 402 23.69 -42.15 27.93
C ILE A 402 24.21 -40.74 28.00
N ASP A 403 25.23 -40.52 28.82
CA ASP A 403 25.78 -39.19 28.93
C ASP A 403 27.16 -39.08 28.27
N LEU A 404 27.20 -39.31 26.96
CA LEU A 404 28.48 -39.25 26.23
C LEU A 404 28.71 -37.88 25.63
N PRO A 405 29.72 -37.15 26.14
CA PRO A 405 30.07 -35.81 25.65
C PRO A 405 31.20 -35.74 24.62
N GLY A 406 30.96 -36.20 23.39
CA GLY A 406 32.04 -36.13 22.43
C GLY A 406 31.98 -37.05 21.23
N ILE A 407 30.93 -37.85 21.15
CA ILE A 407 30.75 -38.76 20.03
C ILE A 407 30.97 -38.03 18.69
N LYS A 408 31.86 -38.56 17.85
CA LYS A 408 32.16 -37.96 16.56
C LYS A 408 31.82 -38.88 15.39
N GLY A 409 30.92 -39.82 15.66
CA GLY A 409 30.50 -40.74 14.63
C GLY A 409 30.21 -42.05 15.33
N LEU A 410 29.21 -42.77 14.84
CA LEU A 410 28.88 -44.06 15.43
C LEU A 410 28.39 -45.09 14.43
N TRP A 411 28.85 -46.32 14.64
CA TRP A 411 28.52 -47.41 13.76
C TRP A 411 28.13 -48.64 14.53
N PRO A 412 27.22 -49.44 13.97
CA PRO A 412 26.63 -50.69 14.46
C PRO A 412 27.27 -51.94 13.83
N LEU A 413 27.81 -52.82 14.67
CA LEU A 413 28.45 -54.05 14.18
C LEU A 413 27.64 -55.31 14.32
N ARG A 414 28.33 -56.43 14.17
CA ARG A 414 27.71 -57.75 14.27
C ARG A 414 28.81 -58.77 14.64
N SER A 415 29.07 -58.89 15.93
CA SER A 415 30.10 -59.77 16.49
C SER A 415 30.30 -61.12 15.78
N ASP A 416 29.20 -61.83 15.50
CA ASP A 416 29.31 -63.11 14.81
C ASP A 416 28.38 -63.26 13.61
N PRO A 417 28.84 -63.98 12.56
CA PRO A 417 28.10 -64.23 11.32
C PRO A 417 26.79 -64.95 11.55
N ASN A 418 26.70 -65.60 12.70
CA ASN A 418 25.49 -66.34 13.05
C ASN A 418 24.30 -65.39 13.18
N ARG A 419 24.18 -64.75 14.36
CA ARG A 419 23.07 -63.82 14.64
C ARG A 419 22.92 -62.69 13.62
N GLU A 420 21.67 -62.27 13.39
CA GLU A 420 21.39 -61.21 12.41
C GLU A 420 21.07 -59.83 12.98
N THR A 421 21.21 -59.68 14.30
CA THR A 421 20.95 -58.39 14.94
C THR A 421 22.29 -57.85 15.41
N TYR A 422 22.43 -56.52 15.43
CA TYR A 422 23.69 -55.94 15.89
C TYR A 422 23.81 -56.32 17.35
N ASP A 423 24.99 -56.10 17.91
CA ASP A 423 25.22 -56.37 19.33
C ASP A 423 26.36 -55.45 19.73
N THR A 424 26.77 -54.62 18.78
CA THR A 424 27.87 -53.70 19.00
C THR A 424 27.59 -52.29 18.49
N LEU A 425 28.37 -51.34 19.00
CA LEU A 425 28.25 -49.95 18.61
C LEU A 425 29.60 -49.30 18.82
N VAL A 426 30.26 -48.87 17.75
CA VAL A 426 31.54 -48.23 17.94
C VAL A 426 31.32 -46.74 17.99
N LEU A 427 31.86 -46.15 19.04
CA LEU A 427 31.72 -44.73 19.27
C LEU A 427 33.06 -44.05 19.11
N SER A 428 33.14 -43.17 18.13
CA SER A 428 34.38 -42.46 17.92
C SER A 428 34.31 -41.16 18.73
N PHE A 429 35.42 -40.77 19.35
CA PHE A 429 35.51 -39.52 20.10
C PHE A 429 36.74 -38.90 19.47
N VAL A 430 37.19 -37.74 19.91
CA VAL A 430 38.35 -37.14 19.25
C VAL A 430 39.48 -38.09 18.93
N GLY A 431 40.60 -37.99 19.63
CA GLY A 431 41.70 -38.88 19.29
C GLY A 431 41.56 -40.32 19.76
N GLN A 432 40.48 -41.01 19.37
CA GLN A 432 40.28 -42.38 19.81
C GLN A 432 38.95 -43.02 19.43
N THR A 433 38.82 -44.30 19.74
CA THR A 433 37.62 -45.07 19.46
C THR A 433 37.22 -45.85 20.71
N ARG A 434 36.05 -46.47 20.67
CA ARG A 434 35.51 -47.25 21.78
C ARG A 434 34.43 -48.18 21.30
N VAL A 435 34.62 -49.46 21.57
CA VAL A 435 33.64 -50.45 21.15
C VAL A 435 32.69 -50.69 22.29
N LEU A 436 31.41 -50.78 21.97
CA LEU A 436 30.41 -51.02 22.99
C LEU A 436 29.56 -52.24 22.63
N MET A 437 29.34 -53.09 23.63
CA MET A 437 28.54 -54.28 23.44
C MET A 437 27.20 -54.13 24.12
N LEU A 438 26.16 -54.46 23.37
CA LEU A 438 24.80 -54.38 23.88
C LEU A 438 24.44 -55.74 24.45
N ASN A 439 24.59 -55.86 25.77
CA ASN A 439 24.26 -57.11 26.44
C ASN A 439 22.74 -57.08 26.60
N GLY A 440 22.04 -57.43 25.54
CA GLY A 440 20.59 -57.42 25.56
C GLY A 440 20.02 -56.02 25.58
N GLU A 441 20.09 -55.38 26.75
CA GLU A 441 19.58 -54.03 26.90
C GLU A 441 20.57 -53.20 27.70
N GLU A 442 21.80 -53.69 27.84
CA GLU A 442 22.80 -52.95 28.61
C GLU A 442 23.96 -52.45 27.76
N VAL A 443 24.78 -51.60 28.37
CA VAL A 443 25.92 -51.02 27.68
C VAL A 443 27.24 -51.10 28.43
N GLU A 444 28.06 -52.07 28.03
CA GLU A 444 29.38 -52.24 28.61
C GLU A 444 30.41 -52.15 27.50
N GLU A 445 31.52 -51.51 27.83
CA GLU A 445 32.63 -51.26 26.93
C GLU A 445 33.58 -52.43 26.74
N THR A 446 33.52 -53.05 25.57
CA THR A 446 34.37 -54.17 25.27
C THR A 446 35.70 -53.70 24.71
N GLU A 447 36.20 -54.54 23.80
CA GLU A 447 37.46 -54.34 23.11
C GLU A 447 37.32 -55.28 21.92
N LEU A 448 37.94 -54.95 20.80
CA LEU A 448 37.88 -55.83 19.64
C LEU A 448 39.25 -55.94 19.01
N MET A 449 39.72 -57.18 18.95
CA MET A 449 41.03 -57.53 18.43
C MET A 449 41.47 -56.71 17.21
N GLY A 450 40.93 -57.07 16.05
CA GLY A 450 41.31 -56.38 14.83
C GLY A 450 41.43 -54.86 14.86
N PHE A 451 40.63 -54.21 15.70
CA PHE A 451 40.59 -52.74 15.78
C PHE A 451 41.61 -51.99 16.64
N VAL A 452 41.62 -50.68 16.46
CA VAL A 452 42.50 -49.77 17.18
C VAL A 452 41.57 -48.88 18.00
N ASP A 453 42.12 -48.18 18.98
CA ASP A 453 41.30 -47.29 19.79
C ASP A 453 42.09 -46.05 20.17
N ASP A 454 43.36 -46.03 19.79
CA ASP A 454 44.25 -44.89 20.06
C ASP A 454 44.23 -43.96 18.85
N GLN A 455 43.31 -44.24 17.93
CA GLN A 455 43.13 -43.44 16.71
C GLN A 455 41.65 -43.13 16.67
N GLN A 456 41.24 -42.27 15.75
CA GLN A 456 39.83 -41.94 15.63
C GLN A 456 39.20 -42.58 14.39
N THR A 457 38.29 -43.51 14.60
CA THR A 457 37.62 -44.17 13.49
C THR A 457 36.89 -43.22 12.55
N PHE A 458 36.71 -43.61 11.30
CA PHE A 458 36.00 -42.77 10.33
C PHE A 458 34.89 -43.61 9.80
N PHE A 459 35.00 -44.91 10.01
CA PHE A 459 33.98 -45.83 9.56
C PHE A 459 34.32 -47.17 10.14
N CYS A 460 33.38 -48.10 10.01
CA CYS A 460 33.58 -49.45 10.46
C CYS A 460 32.26 -50.15 10.28
N GLY A 461 32.32 -51.40 9.87
CA GLY A 461 31.12 -52.17 9.64
C GLY A 461 31.41 -53.56 9.14
N ASN A 462 30.35 -54.26 8.76
CA ASN A 462 30.47 -55.62 8.28
C ASN A 462 30.68 -55.65 6.77
N VAL A 463 31.89 -55.99 6.32
CA VAL A 463 32.10 -56.07 4.88
C VAL A 463 31.88 -57.50 4.41
N ALA A 464 32.33 -57.82 3.21
CA ALA A 464 32.16 -59.14 2.64
C ALA A 464 33.07 -60.21 3.23
N HIS A 465 32.61 -61.46 3.09
CA HIS A 465 33.32 -62.65 3.55
C HIS A 465 33.55 -62.73 5.06
N GLN A 466 32.48 -62.61 5.83
CA GLN A 466 32.54 -62.67 7.29
C GLN A 466 33.70 -61.85 7.85
N GLN A 467 33.80 -60.58 7.43
CA GLN A 467 34.88 -59.71 7.90
C GLN A 467 34.38 -58.32 8.31
N LEU A 468 35.06 -57.76 9.30
CA LEU A 468 34.76 -56.43 9.81
C LEU A 468 35.84 -55.48 9.27
N ILE A 469 35.49 -54.23 9.02
CA ILE A 469 36.49 -53.29 8.50
C ILE A 469 36.55 -51.93 9.27
N GLN A 470 37.75 -51.46 9.62
CA GLN A 470 37.90 -50.18 10.34
C GLN A 470 38.86 -49.22 9.64
N ILE A 471 38.28 -48.16 9.08
CA ILE A 471 39.06 -47.14 8.42
C ILE A 471 39.24 -46.05 9.44
N THR A 472 40.47 -45.60 9.62
CA THR A 472 40.75 -44.54 10.57
C THR A 472 41.69 -43.57 9.89
N SER A 473 42.25 -42.65 10.65
CA SER A 473 43.14 -41.67 10.10
C SER A 473 44.42 -42.31 9.57
N ALA A 474 44.87 -43.36 10.25
CA ALA A 474 46.11 -44.07 9.92
C ALA A 474 46.04 -45.05 8.78
N SER A 475 44.99 -45.86 8.76
CA SER A 475 44.88 -46.88 7.74
C SER A 475 43.53 -47.55 7.78
N VAL A 476 43.20 -48.24 6.72
CA VAL A 476 41.95 -48.99 6.71
C VAL A 476 42.42 -50.34 7.21
N ARG A 477 41.58 -51.05 7.96
CA ARG A 477 41.99 -52.33 8.51
C ARG A 477 40.93 -53.39 8.38
N LEU A 478 41.35 -54.54 7.88
CA LEU A 478 40.42 -55.64 7.72
C LEU A 478 40.56 -56.60 8.90
N VAL A 479 39.44 -57.18 9.32
CA VAL A 479 39.41 -58.09 10.45
C VAL A 479 38.49 -59.29 10.20
N SER A 480 38.67 -60.33 11.00
CA SER A 480 37.92 -61.59 10.89
C SER A 480 36.88 -61.83 11.99
N GLN A 481 35.83 -62.56 11.64
CA GLN A 481 34.78 -62.88 12.61
C GLN A 481 35.22 -64.00 13.57
N GLU A 482 34.83 -65.24 13.27
CA GLU A 482 35.13 -66.43 14.08
C GLU A 482 36.55 -66.53 14.67
N PRO A 483 37.56 -66.17 13.88
CA PRO A 483 38.95 -66.22 14.38
C PRO A 483 39.20 -64.94 15.14
N LYS A 484 38.58 -63.87 14.63
CA LYS A 484 38.64 -62.52 15.20
C LYS A 484 40.02 -61.90 15.41
N ALA A 485 40.70 -61.60 14.30
CA ALA A 485 42.01 -60.98 14.35
C ALA A 485 42.28 -60.17 13.07
N LEU A 486 43.29 -59.31 13.12
CA LEU A 486 43.66 -58.48 11.99
C LEU A 486 44.13 -59.32 10.81
N VAL A 487 43.47 -59.20 9.65
CA VAL A 487 43.85 -60.01 8.49
C VAL A 487 44.23 -59.27 7.20
N SER A 488 44.40 -57.95 7.27
CA SER A 488 44.75 -57.16 6.08
C SER A 488 44.65 -55.67 6.43
N GLU A 489 45.58 -54.87 5.93
CA GLU A 489 45.58 -53.45 6.25
C GLU A 489 46.19 -52.55 5.19
N TRP A 490 45.36 -51.84 4.42
CA TRP A 490 45.87 -50.92 3.39
C TRP A 490 46.60 -49.81 4.07
N LYS A 491 47.10 -48.88 3.28
CA LYS A 491 47.80 -47.77 3.87
C LYS A 491 48.26 -46.84 2.75
N GLU A 492 48.38 -45.56 3.10
CA GLU A 492 48.82 -44.57 2.13
C GLU A 492 50.33 -44.76 2.02
N PRO A 493 50.81 -45.10 0.80
CA PRO A 493 52.22 -45.34 0.53
C PRO A 493 53.20 -44.59 1.42
N GLN A 494 52.97 -43.31 1.71
CA GLN A 494 53.91 -42.55 2.54
C GLN A 494 53.49 -42.14 3.95
N ALA A 495 52.67 -42.96 4.61
CA ALA A 495 52.23 -42.63 5.98
C ALA A 495 51.30 -41.42 6.03
N LYS A 496 50.85 -40.94 4.88
CA LYS A 496 49.94 -39.81 4.85
C LYS A 496 48.66 -40.36 5.48
N ASN A 497 47.80 -39.48 5.97
CA ASN A 497 46.56 -39.93 6.59
C ASN A 497 45.37 -39.83 5.67
N ILE A 498 44.35 -40.63 5.94
CA ILE A 498 43.11 -40.61 5.18
C ILE A 498 42.34 -39.34 5.58
N SER A 499 41.81 -38.65 4.58
CA SER A 499 41.07 -37.43 4.81
C SER A 499 39.58 -37.74 4.76
N VAL A 500 39.18 -38.39 3.69
CA VAL A 500 37.79 -38.76 3.49
C VAL A 500 37.75 -40.26 3.17
N ALA A 501 36.69 -40.93 3.60
CA ALA A 501 36.62 -42.35 3.33
C ALA A 501 35.19 -42.83 3.16
N SER A 502 34.99 -43.65 2.15
CA SER A 502 33.68 -44.21 1.86
C SER A 502 33.86 -45.71 2.09
N CYS A 503 32.81 -46.51 1.89
CA CYS A 503 32.90 -47.94 2.10
C CYS A 503 31.53 -48.62 2.10
N ASN A 504 31.52 -49.94 2.02
CA ASN A 504 30.29 -50.72 2.07
C ASN A 504 30.67 -52.17 1.94
N SER A 505 29.71 -53.07 2.12
CA SER A 505 29.95 -54.51 2.05
C SER A 505 31.10 -54.97 1.14
N SER A 506 31.03 -54.65 -0.15
CA SER A 506 32.08 -55.08 -1.09
C SER A 506 33.20 -54.11 -1.48
N GLN A 507 32.92 -52.82 -1.68
CA GLN A 507 33.96 -51.86 -2.07
C GLN A 507 34.39 -50.87 -1.00
N VAL A 508 35.50 -50.17 -1.27
CA VAL A 508 36.03 -49.15 -0.38
C VAL A 508 36.78 -48.08 -1.16
N VAL A 509 36.53 -46.81 -0.84
CA VAL A 509 37.22 -45.73 -1.53
C VAL A 509 37.67 -44.76 -0.47
N VAL A 510 38.93 -44.33 -0.52
CA VAL A 510 39.36 -43.37 0.47
C VAL A 510 40.14 -42.31 -0.27
N ALA A 511 40.26 -41.14 0.35
CA ALA A 511 40.98 -40.07 -0.28
C ALA A 511 42.11 -39.61 0.61
N VAL A 512 43.12 -39.02 -0.02
CA VAL A 512 44.29 -38.50 0.68
C VAL A 512 44.55 -37.20 -0.06
N GLY A 513 44.14 -36.08 0.55
CA GLY A 513 44.32 -34.80 -0.12
C GLY A 513 43.58 -34.94 -1.45
N ARG A 514 44.28 -34.73 -2.55
CA ARG A 514 43.68 -34.87 -3.88
C ARG A 514 43.72 -36.34 -4.25
N ALA A 515 44.68 -37.07 -3.67
CA ALA A 515 44.85 -38.49 -3.94
C ALA A 515 43.61 -39.32 -3.58
N LEU A 516 43.11 -40.09 -4.54
CA LEU A 516 41.91 -40.87 -4.31
C LEU A 516 42.03 -42.36 -4.70
N TYR A 517 42.31 -43.23 -3.72
CA TYR A 517 42.46 -44.68 -3.98
C TYR A 517 41.17 -45.52 -3.87
N TYR A 518 41.15 -46.67 -4.53
CA TYR A 518 40.01 -47.57 -4.51
C TYR A 518 40.46 -48.98 -4.15
N LEU A 519 39.78 -49.60 -3.20
CA LEU A 519 40.14 -50.95 -2.78
C LEU A 519 38.95 -51.87 -2.86
N GLN A 520 39.19 -53.13 -3.21
CA GLN A 520 38.12 -54.11 -3.25
C GLN A 520 38.38 -55.02 -2.08
N ILE A 521 37.31 -55.59 -1.54
CA ILE A 521 37.44 -56.46 -0.39
C ILE A 521 37.27 -57.91 -0.79
N HIS A 522 38.26 -58.71 -0.42
CA HIS A 522 38.30 -60.15 -0.68
C HIS A 522 38.75 -60.89 0.59
N PRO A 523 38.93 -62.23 0.52
CA PRO A 523 39.19 -63.16 1.70
C PRO A 523 40.02 -62.74 2.96
N GLN A 524 41.30 -62.51 2.84
CA GLN A 524 42.17 -62.06 3.94
C GLN A 524 42.99 -60.93 3.34
N GLU A 525 42.34 -60.20 2.43
CA GLU A 525 43.09 -59.13 1.74
C GLU A 525 42.29 -57.90 1.22
N LEU A 526 43.01 -56.78 1.18
CA LEU A 526 42.51 -55.51 0.66
C LEU A 526 43.25 -55.19 -0.65
N ARG A 527 42.66 -55.64 -1.76
CA ARG A 527 43.23 -55.46 -3.10
C ARG A 527 43.02 -54.03 -3.60
N GLN A 528 44.09 -53.39 -4.07
CA GLN A 528 44.02 -52.00 -4.54
C GLN A 528 43.71 -51.76 -6.03
N ILE A 529 42.50 -52.08 -6.45
CA ILE A 529 42.08 -51.92 -7.84
C ILE A 529 42.53 -50.68 -8.61
N SER A 530 42.53 -49.50 -8.00
CA SER A 530 42.91 -48.31 -8.77
C SER A 530 43.27 -47.08 -7.94
N HIS A 531 43.74 -46.04 -8.61
CA HIS A 531 44.11 -44.81 -7.94
C HIS A 531 44.03 -43.65 -8.91
N THR A 532 43.76 -42.44 -8.40
CA THR A 532 43.65 -41.24 -9.22
C THR A 532 43.78 -39.96 -8.38
N GLU A 533 43.94 -38.82 -9.05
CA GLU A 533 44.05 -37.53 -8.37
C GLU A 533 43.06 -36.53 -8.96
N MET A 534 42.33 -35.82 -8.09
CA MET A 534 41.36 -34.82 -8.51
C MET A 534 42.05 -33.47 -8.57
N GLU A 535 41.50 -32.53 -9.32
CA GLU A 535 42.11 -31.23 -9.43
C GLU A 535 42.23 -30.53 -8.08
N HIS A 536 41.21 -30.69 -7.24
CA HIS A 536 41.18 -30.08 -5.90
C HIS A 536 40.96 -31.12 -4.82
N GLU A 537 41.12 -30.72 -3.58
CA GLU A 537 40.97 -31.67 -2.50
C GLU A 537 39.53 -32.24 -2.43
N VAL A 538 39.40 -33.46 -1.94
CA VAL A 538 38.09 -34.11 -1.82
C VAL A 538 37.51 -33.77 -0.47
N ALA A 539 36.19 -33.74 -0.36
CA ALA A 539 35.55 -33.40 0.90
C ALA A 539 34.43 -34.39 1.25
N CYS A 540 34.09 -35.25 0.32
CA CYS A 540 33.10 -36.26 0.60
C CYS A 540 32.99 -37.29 -0.51
N LEU A 541 32.62 -38.50 -0.12
CA LEU A 541 32.50 -39.61 -1.03
C LEU A 541 31.36 -40.48 -0.62
N ASP A 542 30.85 -41.23 -1.56
CA ASP A 542 29.79 -42.15 -1.24
C ASP A 542 29.68 -43.17 -2.36
N ILE A 543 29.89 -44.43 -2.02
CA ILE A 543 29.80 -45.45 -3.03
C ILE A 543 28.65 -46.41 -2.79
N THR A 544 27.60 -45.90 -2.14
CA THR A 544 26.43 -46.71 -1.86
C THR A 544 26.02 -47.31 -3.20
N PRO A 545 25.86 -48.64 -3.24
CA PRO A 545 25.47 -49.32 -4.48
C PRO A 545 23.98 -49.09 -4.72
N LEU A 546 23.55 -49.17 -5.98
CA LEU A 546 22.14 -48.94 -6.28
C LEU A 546 21.54 -50.04 -7.14
N GLY A 547 20.39 -49.73 -7.74
CA GLY A 547 19.69 -50.67 -8.60
C GLY A 547 19.64 -52.12 -8.14
N ASP A 548 19.32 -53.01 -9.08
CA ASP A 548 19.24 -54.44 -8.81
C ASP A 548 20.62 -54.99 -8.51
N SER A 549 21.62 -54.14 -8.69
CA SER A 549 23.01 -54.49 -8.47
C SER A 549 23.22 -55.41 -7.27
N ASN A 550 24.37 -56.08 -7.29
CA ASN A 550 24.72 -57.00 -6.23
C ASN A 550 25.86 -56.43 -5.41
N GLY A 551 25.55 -55.49 -4.54
CA GLY A 551 26.56 -54.90 -3.69
C GLY A 551 27.71 -54.14 -4.36
N LEU A 552 27.89 -54.27 -5.67
CA LEU A 552 28.97 -53.55 -6.32
C LEU A 552 28.55 -52.31 -7.06
N SER A 553 29.06 -51.17 -6.61
CA SER A 553 28.75 -49.88 -7.22
C SER A 553 29.67 -49.57 -8.39
N PRO A 554 29.07 -49.17 -9.52
CA PRO A 554 29.86 -48.82 -10.71
C PRO A 554 30.28 -47.36 -10.55
N LEU A 555 29.60 -46.67 -9.64
CA LEU A 555 29.81 -45.25 -9.38
C LEU A 555 30.41 -44.82 -8.05
N CYS A 556 30.92 -43.58 -8.04
CA CYS A 556 31.51 -42.97 -6.86
C CYS A 556 31.14 -41.48 -6.80
N ALA A 557 30.22 -41.12 -5.92
CA ALA A 557 29.81 -39.74 -5.75
C ALA A 557 30.98 -39.00 -5.13
N ILE A 558 31.01 -37.69 -5.24
CA ILE A 558 32.12 -36.94 -4.67
C ILE A 558 31.90 -35.44 -4.76
N GLY A 559 32.51 -34.69 -3.85
CA GLY A 559 32.37 -33.25 -3.81
C GLY A 559 33.71 -32.68 -3.43
N LEU A 560 34.19 -31.71 -4.22
CA LEU A 560 35.51 -31.14 -4.01
C LEU A 560 35.58 -29.75 -3.43
N TRP A 561 36.74 -29.39 -2.92
CA TRP A 561 36.96 -28.07 -2.37
C TRP A 561 37.39 -26.60 -2.48
N THR A 562 37.58 -26.16 -3.72
CA THR A 562 37.94 -24.79 -4.02
C THR A 562 37.02 -24.52 -5.25
N ASP A 563 37.02 -25.41 -6.22
CA ASP A 563 36.20 -25.22 -7.39
C ASP A 563 34.72 -25.44 -7.01
N ILE A 564 34.50 -26.10 -5.89
CA ILE A 564 33.16 -26.38 -5.37
C ILE A 564 32.29 -27.17 -6.33
N SER A 565 32.79 -28.31 -6.80
CA SER A 565 32.03 -29.15 -7.72
C SER A 565 31.41 -30.32 -6.99
N ALA A 566 30.76 -31.18 -7.75
CA ALA A 566 30.12 -32.35 -7.18
C ALA A 566 29.84 -33.29 -8.32
N ARG A 567 30.79 -34.15 -8.62
CA ARG A 567 30.65 -35.09 -9.73
C ARG A 567 30.47 -36.57 -9.39
N ILE A 568 30.12 -37.35 -10.41
CA ILE A 568 29.94 -38.78 -10.28
C ILE A 568 31.02 -39.42 -11.15
N LEU A 569 31.95 -40.13 -10.51
CA LEU A 569 33.04 -40.80 -11.23
C LEU A 569 32.67 -42.27 -11.44
N LYS A 570 33.21 -42.87 -12.50
CA LYS A 570 32.97 -44.28 -12.81
C LYS A 570 34.07 -45.00 -12.04
N LEU A 571 33.70 -45.99 -11.23
CA LEU A 571 34.67 -46.69 -10.39
C LEU A 571 35.93 -47.36 -10.94
N PRO A 572 35.80 -48.51 -11.64
CA PRO A 572 37.06 -49.09 -12.12
C PRO A 572 38.10 -48.07 -12.63
N SER A 573 37.65 -47.08 -13.41
CA SER A 573 38.56 -46.07 -13.98
C SER A 573 38.64 -44.68 -13.34
N PHE A 574 37.57 -44.27 -12.65
CA PHE A 574 37.46 -42.94 -12.03
C PHE A 574 37.22 -41.97 -13.16
N GLU A 575 36.74 -42.52 -14.27
CA GLU A 575 36.45 -41.70 -15.43
C GLU A 575 35.36 -40.75 -14.96
N LEU A 576 35.13 -39.70 -15.72
CA LEU A 576 34.12 -38.71 -15.37
C LEU A 576 32.83 -38.95 -16.15
N LEU A 577 31.68 -38.86 -15.47
CA LEU A 577 30.40 -39.05 -16.15
C LEU A 577 29.59 -37.77 -16.12
N HIS A 578 29.47 -37.19 -14.93
CA HIS A 578 28.73 -35.96 -14.76
C HIS A 578 29.46 -35.04 -13.78
N LYS A 579 29.69 -33.81 -14.23
CA LYS A 579 30.33 -32.78 -13.42
C LYS A 579 29.31 -31.70 -13.26
N GLU A 580 28.94 -31.38 -12.02
CA GLU A 580 27.95 -30.34 -11.74
C GLU A 580 28.52 -29.25 -10.83
N MET A 581 28.51 -28.02 -11.30
CA MET A 581 28.96 -26.90 -10.49
C MET A 581 27.75 -26.46 -9.68
N LEU A 582 27.99 -25.88 -8.52
CA LEU A 582 26.87 -25.41 -7.72
C LEU A 582 27.26 -24.16 -6.98
N GLY A 583 27.46 -24.47 -5.57
CA GLY A 583 27.84 -23.46 -4.55
C GLY A 583 28.40 -22.12 -5.05
N GLY A 584 29.15 -21.48 -4.16
CA GLY A 584 29.76 -20.20 -4.47
C GLY A 584 30.94 -19.98 -3.58
N GLU A 585 30.76 -20.23 -2.29
CA GLU A 585 31.83 -20.05 -1.33
C GLU A 585 31.82 -21.17 -0.28
N ILE A 586 30.75 -21.97 -0.26
CA ILE A 586 30.68 -23.07 0.70
C ILE A 586 30.71 -24.40 -0.03
N ILE A 587 31.55 -25.30 0.47
CA ILE A 587 31.77 -26.63 -0.12
C ILE A 587 30.84 -27.74 0.33
N PRO A 588 30.78 -28.84 -0.45
CA PRO A 588 29.92 -29.98 -0.11
C PRO A 588 30.50 -30.48 1.19
N ARG A 589 29.74 -31.21 1.98
CA ARG A 589 30.31 -31.64 3.24
C ARG A 589 29.85 -33.01 3.54
N SER A 590 28.82 -33.42 2.82
CA SER A 590 28.21 -34.73 2.97
C SER A 590 27.54 -35.05 1.64
N ILE A 591 27.63 -36.28 1.19
CA ILE A 591 27.02 -36.65 -0.07
C ILE A 591 26.40 -38.01 0.09
N LEU A 592 25.60 -38.46 -0.87
CA LEU A 592 24.97 -39.76 -0.73
C LEU A 592 24.02 -40.10 -1.88
N MET A 593 24.25 -41.25 -2.51
CA MET A 593 23.39 -41.66 -3.61
C MET A 593 22.30 -42.49 -2.95
N THR A 594 21.13 -42.56 -3.55
CA THR A 594 20.08 -43.37 -2.94
C THR A 594 18.83 -43.58 -3.78
N THR A 595 18.07 -44.60 -3.44
CA THR A 595 16.84 -44.88 -4.15
C THR A 595 15.73 -44.68 -3.15
N PHE A 596 14.76 -43.84 -3.52
CA PHE A 596 13.64 -43.56 -2.63
C PHE A 596 12.36 -44.33 -2.89
N GLU A 597 11.66 -44.04 -3.97
CA GLU A 597 10.43 -44.80 -4.22
C GLU A 597 10.67 -45.88 -5.26
N SER A 598 11.74 -45.69 -6.05
CA SER A 598 12.15 -46.60 -7.11
C SER A 598 13.01 -45.75 -8.03
N SER A 599 13.10 -44.47 -7.68
CA SER A 599 13.87 -43.50 -8.45
C SER A 599 15.14 -43.19 -7.67
N HIS A 600 16.25 -43.12 -8.38
CA HIS A 600 17.53 -42.86 -7.73
C HIS A 600 17.79 -41.36 -7.69
N TYR A 601 18.35 -40.88 -6.59
CA TYR A 601 18.69 -39.47 -6.47
C TYR A 601 20.08 -39.42 -5.84
N LEU A 602 20.74 -38.29 -6.04
CA LEU A 602 22.06 -38.06 -5.47
C LEU A 602 21.79 -36.83 -4.60
N LEU A 603 22.34 -36.82 -3.39
CA LEU A 603 22.09 -35.67 -2.55
C LEU A 603 23.36 -35.10 -1.96
N CYS A 604 23.75 -33.94 -2.44
CA CYS A 604 24.91 -33.29 -1.86
C CYS A 604 24.30 -32.39 -0.79
N ALA A 605 25.13 -31.77 0.03
CA ALA A 605 24.64 -30.92 1.09
C ALA A 605 25.80 -30.05 1.50
N LEU A 606 25.67 -28.74 1.26
CA LEU A 606 26.74 -27.79 1.58
C LEU A 606 27.04 -27.64 3.07
N GLY A 607 27.98 -26.76 3.39
CA GLY A 607 28.33 -26.50 4.77
C GLY A 607 27.42 -25.39 5.27
N ASP A 608 26.73 -24.76 4.30
CA ASP A 608 25.78 -23.68 4.52
C ASP A 608 24.68 -24.27 5.37
N GLY A 609 24.18 -25.39 4.89
CA GLY A 609 23.11 -26.08 5.55
C GLY A 609 22.13 -26.27 4.43
N ALA A 610 22.59 -26.02 3.21
CA ALA A 610 21.73 -26.17 2.04
C ALA A 610 21.76 -27.62 1.64
N LEU A 611 20.83 -28.03 0.80
CA LEU A 611 20.76 -29.43 0.35
C LEU A 611 20.26 -29.62 -1.07
N PHE A 612 21.18 -29.85 -2.01
CA PHE A 612 20.81 -30.08 -3.41
C PHE A 612 20.45 -31.52 -3.59
N TYR A 613 19.62 -31.80 -4.58
CA TYR A 613 19.29 -33.17 -4.85
C TYR A 613 18.92 -33.31 -6.29
N PHE A 614 19.45 -34.32 -6.95
CA PHE A 614 19.18 -34.51 -8.36
C PHE A 614 18.55 -35.88 -8.64
N GLY A 615 17.98 -36.04 -9.83
CA GLY A 615 17.36 -37.30 -10.21
C GLY A 615 18.35 -38.20 -10.91
N LEU A 616 19.43 -38.54 -10.20
CA LEU A 616 20.52 -39.39 -10.70
C LEU A 616 20.11 -40.74 -11.29
N ASN A 617 20.34 -40.92 -12.58
CA ASN A 617 20.02 -42.19 -13.21
C ASN A 617 21.33 -42.98 -13.24
N ILE A 618 21.30 -44.19 -12.68
CA ILE A 618 22.50 -45.02 -12.60
C ILE A 618 23.02 -45.42 -13.97
N GLU A 619 22.12 -45.78 -14.88
CA GLU A 619 22.47 -46.22 -16.23
C GLU A 619 23.50 -45.37 -16.98
N THR A 620 23.17 -44.13 -17.28
CA THR A 620 24.10 -43.27 -18.03
C THR A 620 25.09 -42.62 -17.08
N GLY A 621 24.72 -42.58 -15.80
CA GLY A 621 25.59 -41.96 -14.83
C GLY A 621 25.60 -40.46 -15.00
N LEU A 622 24.43 -39.84 -14.84
CA LEU A 622 24.30 -38.39 -14.95
C LEU A 622 23.08 -37.93 -14.15
N LEU A 623 23.09 -36.66 -13.72
CA LEU A 623 21.99 -36.15 -12.82
C LEU A 623 21.14 -35.02 -13.44
N SER A 624 19.88 -34.68 -12.94
CA SER A 624 19.07 -33.90 -13.94
C SER A 624 17.72 -33.12 -13.76
N ASP A 625 17.40 -32.66 -12.61
CA ASP A 625 16.24 -31.87 -12.28
C ASP A 625 16.68 -31.35 -10.93
N ARG A 626 17.71 -30.54 -11.00
CA ARG A 626 18.38 -29.95 -9.85
C ARG A 626 17.47 -29.11 -8.97
N LYS A 627 17.16 -29.63 -7.78
CA LYS A 627 16.31 -28.93 -6.81
C LYS A 627 17.16 -28.52 -5.60
N LYS A 628 16.57 -27.74 -4.70
CA LYS A 628 17.32 -27.29 -3.54
C LYS A 628 16.44 -26.81 -2.39
N VAL A 629 16.91 -27.03 -1.16
CA VAL A 629 16.21 -26.63 0.05
C VAL A 629 17.27 -26.25 1.06
N THR A 630 16.86 -25.82 2.23
CA THR A 630 17.81 -25.44 3.26
C THR A 630 17.28 -26.03 4.54
N LEU A 631 18.14 -26.64 5.36
CA LEU A 631 17.65 -27.26 6.58
C LEU A 631 18.20 -26.67 7.84
N GLY A 632 19.46 -26.25 7.81
CA GLY A 632 20.03 -25.68 9.00
C GLY A 632 21.04 -24.58 8.75
N THR A 633 21.86 -24.32 9.76
CA THR A 633 22.89 -23.30 9.67
C THR A 633 24.27 -23.95 9.80
N GLN A 634 24.29 -25.16 10.37
CA GLN A 634 25.51 -25.94 10.56
C GLN A 634 25.61 -26.96 9.43
N PRO A 635 26.84 -27.34 9.06
CA PRO A 635 26.99 -28.33 7.98
C PRO A 635 26.36 -29.65 8.43
N THR A 636 25.39 -30.13 7.67
CA THR A 636 24.74 -31.37 8.06
C THR A 636 25.59 -32.55 7.66
N VAL A 637 24.99 -33.72 7.74
CA VAL A 637 25.64 -34.96 7.38
C VAL A 637 24.51 -35.91 7.05
N LEU A 638 24.47 -36.43 5.84
CA LEU A 638 23.43 -37.36 5.48
C LEU A 638 23.77 -38.77 5.98
N ARG A 639 22.74 -39.55 6.26
CA ARG A 639 22.90 -40.92 6.72
C ARG A 639 21.63 -41.69 6.39
N THR A 640 21.76 -42.76 5.60
CA THR A 640 20.59 -43.53 5.25
C THR A 640 20.20 -44.47 6.38
N PHE A 641 18.91 -44.81 6.42
CA PHE A 641 18.38 -45.71 7.43
C PHE A 641 16.99 -46.18 7.00
N ARG A 642 16.71 -47.45 7.26
CA ARG A 642 15.43 -48.04 6.86
C ARG A 642 14.33 -48.00 7.91
N SER A 643 13.10 -47.81 7.43
CA SER A 643 11.95 -47.75 8.31
C SER A 643 11.29 -49.11 8.30
N LEU A 644 10.01 -49.13 8.70
CA LEU A 644 9.22 -50.34 8.73
C LEU A 644 9.58 -51.17 7.51
N SER A 645 9.05 -50.80 6.35
CA SER A 645 9.35 -51.55 5.15
C SER A 645 9.88 -50.67 4.01
N THR A 646 10.17 -49.42 4.36
CA THR A 646 10.68 -48.46 3.39
C THR A 646 11.99 -47.79 3.84
N THR A 647 12.73 -47.23 2.89
CA THR A 647 14.01 -46.58 3.19
C THR A 647 13.96 -45.05 3.18
N ASN A 648 14.98 -44.42 3.76
CA ASN A 648 15.04 -42.96 3.83
C ASN A 648 16.26 -42.35 4.54
N VAL A 649 16.64 -41.15 4.12
CA VAL A 649 17.81 -40.45 4.67
C VAL A 649 17.57 -39.75 5.99
N PHE A 650 18.59 -39.15 6.55
CA PHE A 650 18.43 -38.48 7.83
C PHE A 650 19.50 -37.40 7.98
N ALA A 651 19.08 -36.15 7.75
CA ALA A 651 19.99 -35.00 7.78
C ALA A 651 20.39 -34.43 9.14
N CYS A 652 21.39 -35.02 9.77
CA CYS A 652 21.85 -34.55 11.07
C CYS A 652 22.38 -33.11 11.07
N SER A 653 21.80 -32.24 11.90
CA SER A 653 22.25 -30.84 11.95
C SER A 653 21.69 -30.05 13.14
N ASP A 654 21.65 -28.73 13.00
CA ASP A 654 21.11 -27.90 14.06
C ASP A 654 19.58 -28.00 13.98
N ARG A 655 19.08 -28.30 12.77
CA ARG A 655 17.64 -28.45 12.48
C ARG A 655 17.32 -29.80 11.81
N PRO A 656 17.53 -30.93 12.53
CA PRO A 656 17.32 -32.32 12.16
C PRO A 656 16.11 -32.54 11.28
N THR A 657 16.28 -33.19 10.14
CA THR A 657 15.17 -33.45 9.25
C THR A 657 15.17 -34.91 8.86
N VAL A 658 14.25 -35.31 7.98
CA VAL A 658 14.18 -36.69 7.57
C VAL A 658 13.66 -36.85 6.14
N ILE A 659 14.56 -36.82 5.16
CA ILE A 659 14.14 -36.95 3.76
C ILE A 659 13.54 -38.33 3.42
N TYR A 660 12.65 -38.34 2.41
CA TYR A 660 12.01 -39.55 1.91
C TYR A 660 10.95 -39.19 0.89
N SER A 661 10.57 -40.15 0.05
CA SER A 661 9.56 -39.91 -0.98
C SER A 661 8.16 -40.24 -0.50
N SER A 662 7.30 -39.23 -0.51
CA SER A 662 5.92 -39.41 -0.09
C SER A 662 5.10 -39.80 -1.29
N ASN A 663 5.41 -39.17 -2.42
CA ASN A 663 4.71 -39.46 -3.67
C ASN A 663 5.51 -38.97 -4.86
N HIS A 664 6.55 -39.72 -5.21
CA HIS A 664 7.41 -39.36 -6.34
C HIS A 664 7.89 -37.94 -6.16
N LYS A 665 7.87 -37.52 -4.90
CA LYS A 665 8.28 -36.19 -4.51
C LYS A 665 8.91 -36.27 -3.13
N LEU A 666 10.03 -35.58 -2.96
CA LEU A 666 10.78 -35.56 -1.71
C LEU A 666 9.97 -34.87 -0.60
N VAL A 667 10.22 -35.28 0.64
CA VAL A 667 9.53 -34.72 1.79
C VAL A 667 10.46 -34.58 2.96
N PHE A 668 10.36 -33.46 3.68
CA PHE A 668 11.23 -33.19 4.84
C PHE A 668 10.38 -33.01 6.11
N SER A 669 10.78 -33.64 7.21
CA SER A 669 9.99 -33.55 8.44
C SER A 669 10.75 -33.24 9.70
N ASN A 670 11.17 -31.99 9.88
CA ASN A 670 11.93 -31.66 11.06
C ASN A 670 11.55 -32.53 12.27
N VAL A 671 12.56 -33.18 12.80
CA VAL A 671 12.39 -34.05 13.93
C VAL A 671 12.33 -33.17 15.17
N ASN A 672 11.27 -33.35 15.94
CA ASN A 672 11.03 -32.58 17.16
C ASN A 672 12.15 -32.75 18.19
N LEU A 673 13.37 -32.39 17.79
CA LEU A 673 14.52 -32.52 18.65
C LEU A 673 15.51 -31.37 18.42
N LYS A 674 16.33 -31.03 19.41
CA LYS A 674 17.28 -29.95 19.19
C LYS A 674 18.40 -30.45 18.27
N GLU A 675 19.65 -30.45 18.75
CA GLU A 675 20.77 -30.91 17.94
C GLU A 675 20.82 -32.42 17.78
N VAL A 676 21.27 -32.87 16.61
CA VAL A 676 21.41 -34.31 16.27
C VAL A 676 22.69 -34.43 15.39
N ASN A 677 23.86 -34.42 16.02
CA ASN A 677 25.11 -34.48 15.27
C ASN A 677 25.31 -35.70 14.37
N TYR A 678 25.47 -36.88 14.97
CA TYR A 678 25.63 -38.10 14.17
C TYR A 678 24.53 -39.10 14.45
N MET A 679 24.40 -40.09 13.57
CA MET A 679 23.36 -41.08 13.73
C MET A 679 23.55 -42.33 12.87
N CYS A 680 22.95 -43.43 13.29
CA CYS A 680 22.99 -44.72 12.56
C CYS A 680 21.82 -45.60 13.00
N PRO A 681 21.42 -46.57 12.18
CA PRO A 681 20.31 -47.43 12.60
C PRO A 681 20.86 -48.37 13.66
N LEU A 682 20.00 -48.92 14.51
CA LEU A 682 20.46 -49.86 15.53
C LEU A 682 19.40 -50.95 15.60
N ASN A 683 19.78 -52.15 15.18
CA ASN A 683 18.88 -53.30 15.11
C ASN A 683 19.14 -54.36 16.18
N SER A 684 19.66 -53.96 17.34
CA SER A 684 19.90 -54.91 18.44
C SER A 684 18.62 -55.67 18.69
N ASP A 685 18.72 -56.76 19.44
CA ASP A 685 17.52 -57.54 19.75
C ASP A 685 16.84 -56.92 20.95
N GLY A 686 17.64 -56.26 21.79
CA GLY A 686 17.12 -55.61 22.98
C GLY A 686 16.48 -54.29 22.57
N TYR A 687 16.93 -53.82 21.42
CA TYR A 687 16.44 -52.56 20.78
C TYR A 687 16.04 -52.88 19.30
N PRO A 688 14.85 -53.38 19.07
CA PRO A 688 14.39 -53.98 17.78
C PRO A 688 14.63 -53.48 16.32
N ASP A 689 14.41 -52.27 15.97
CA ASP A 689 14.60 -51.72 14.66
C ASP A 689 14.53 -50.31 15.15
N SER A 690 15.63 -49.85 15.70
CA SER A 690 15.68 -48.54 16.31
C SER A 690 16.67 -47.63 15.61
N LEU A 691 17.03 -46.55 16.28
CA LEU A 691 17.97 -45.55 15.77
C LEU A 691 18.85 -45.15 16.91
N ALA A 692 20.07 -44.72 16.58
CA ALA A 692 21.03 -44.30 17.61
C ALA A 692 21.47 -42.89 17.28
N LEU A 693 21.23 -41.96 18.19
CA LEU A 693 21.60 -40.57 17.95
C LEU A 693 22.53 -40.02 18.99
N ALA A 694 23.43 -39.16 18.54
CA ALA A 694 24.36 -38.52 19.44
C ALA A 694 24.41 -37.02 19.21
N ASN A 695 24.17 -36.26 20.27
CA ASN A 695 24.24 -34.82 20.18
C ASN A 695 25.61 -34.51 20.75
N ASN A 696 25.81 -33.31 21.28
CA ASN A 696 27.12 -32.95 21.83
C ASN A 696 27.28 -33.35 23.26
N SER A 697 26.16 -33.67 23.90
CA SER A 697 26.16 -34.03 25.29
C SER A 697 25.73 -35.44 25.59
N THR A 698 24.94 -36.07 24.72
CA THR A 698 24.48 -37.41 25.05
C THR A 698 24.12 -38.38 23.91
N LEU A 699 24.39 -39.67 24.15
CA LEU A 699 24.04 -40.68 23.19
C LEU A 699 22.67 -41.21 23.63
N THR A 700 21.75 -41.36 22.69
CA THR A 700 20.41 -41.86 23.01
C THR A 700 19.89 -42.74 21.87
N ILE A 701 19.27 -43.86 22.23
CA ILE A 701 18.72 -44.79 21.25
C ILE A 701 17.22 -44.68 21.41
N GLY A 702 16.48 -44.98 20.34
CA GLY A 702 15.05 -44.93 20.41
C GLY A 702 14.47 -45.06 19.03
N THR A 703 13.16 -45.23 18.93
CA THR A 703 12.52 -45.34 17.64
C THR A 703 11.84 -44.02 17.24
N ILE A 704 11.39 -43.95 15.99
CA ILE A 704 10.74 -42.76 15.43
C ILE A 704 9.31 -42.69 15.92
N ASP A 705 8.84 -41.50 16.29
CA ASP A 705 7.47 -41.34 16.78
C ASP A 705 6.43 -41.28 15.66
N GLU A 706 6.70 -40.47 14.64
CA GLU A 706 5.80 -40.32 13.50
C GLU A 706 4.32 -40.11 13.81
N ILE A 707 4.06 -39.04 14.54
CA ILE A 707 2.74 -38.64 14.91
C ILE A 707 2.90 -37.16 15.03
N GLN A 708 2.71 -36.45 13.90
CA GLN A 708 2.87 -35.00 13.86
C GLN A 708 2.40 -34.38 15.16
N LYS A 709 3.25 -33.58 15.64
CA LYS A 709 3.03 -32.74 16.71
C LYS A 709 3.63 -31.51 16.15
N LEU A 710 3.49 -30.41 16.84
CA LEU A 710 3.97 -29.11 16.38
C LEU A 710 5.30 -28.75 17.04
N HIS A 711 6.27 -28.30 16.27
CA HIS A 711 7.57 -27.91 16.83
C HIS A 711 7.72 -26.42 16.74
N ILE A 712 8.31 -25.77 17.74
CA ILE A 712 8.46 -24.32 17.77
C ILE A 712 9.91 -23.88 17.83
N ARG A 713 10.32 -23.09 16.84
CA ARG A 713 11.68 -22.55 16.69
C ARG A 713 11.59 -21.04 16.96
N THR A 714 12.45 -20.51 17.83
CA THR A 714 12.41 -19.08 18.17
C THR A 714 13.66 -18.21 17.92
N VAL A 715 13.47 -17.05 17.28
CA VAL A 715 14.56 -16.11 16.97
C VAL A 715 14.44 -14.77 17.70
N PRO A 716 15.02 -14.63 18.91
CA PRO A 716 14.94 -13.36 19.66
C PRO A 716 15.16 -12.08 18.84
N LEU A 717 14.55 -10.98 19.27
CA LEU A 717 14.70 -9.69 18.58
C LEU A 717 14.99 -8.56 19.55
N TYR A 718 14.68 -8.80 20.81
CA TYR A 718 14.88 -7.84 21.89
C TYR A 718 14.22 -6.50 21.57
N GLU A 719 13.14 -6.56 20.80
CA GLU A 719 12.41 -5.38 20.42
C GLU A 719 11.13 -5.89 19.74
N SER A 720 10.01 -5.24 20.03
CA SER A 720 8.73 -5.63 19.48
C SER A 720 8.50 -5.60 17.95
N PRO A 721 7.87 -6.64 17.38
CA PRO A 721 7.55 -6.77 15.96
C PRO A 721 6.05 -6.47 15.77
N ARG A 722 5.68 -5.89 14.63
CA ARG A 722 4.28 -5.55 14.38
C ARG A 722 3.73 -6.19 13.11
N LYS A 723 4.57 -6.38 12.11
CA LYS A 723 4.06 -6.98 10.88
C LYS A 723 5.14 -7.83 10.20
N ILE A 724 4.73 -8.69 9.28
CA ILE A 724 5.70 -9.55 8.59
C ILE A 724 5.18 -10.04 7.25
N CYS A 725 6.09 -10.21 6.28
CA CYS A 725 5.71 -10.65 4.93
C CYS A 725 6.78 -11.55 4.37
N TYR A 726 6.45 -12.28 3.32
CA TYR A 726 7.44 -13.15 2.73
C TYR A 726 7.74 -12.81 1.28
N GLN A 727 9.01 -12.51 1.03
CA GLN A 727 9.54 -12.16 -0.29
C GLN A 727 10.07 -13.44 -0.95
N GLU A 728 9.31 -13.97 -1.91
CA GLU A 728 9.67 -15.21 -2.62
C GLU A 728 10.89 -15.14 -3.55
N VAL A 729 11.51 -13.98 -3.66
CA VAL A 729 12.64 -13.84 -4.57
C VAL A 729 13.93 -13.47 -3.87
N SER A 730 13.82 -12.69 -2.81
CA SER A 730 15.00 -12.28 -2.05
C SER A 730 15.25 -13.30 -0.94
N GLN A 731 14.45 -14.37 -0.93
CA GLN A 731 14.56 -15.44 0.07
C GLN A 731 14.68 -14.85 1.47
N CYS A 732 14.00 -13.73 1.70
CA CYS A 732 14.04 -13.06 3.00
C CYS A 732 12.66 -12.58 3.42
N PHE A 733 12.55 -12.28 4.72
CA PHE A 733 11.30 -11.82 5.29
C PHE A 733 11.25 -10.33 5.52
N GLY A 734 10.03 -9.83 5.66
CA GLY A 734 9.84 -8.42 5.94
C GLY A 734 9.25 -8.31 7.33
N VAL A 735 9.90 -7.53 8.20
CA VAL A 735 9.39 -7.38 9.55
C VAL A 735 9.46 -5.95 10.06
N LEU A 736 8.30 -5.32 10.23
CA LEU A 736 8.29 -3.97 10.80
C LEU A 736 8.55 -4.21 12.25
N SER A 737 9.51 -3.51 12.82
CA SER A 737 9.80 -3.72 14.21
C SER A 737 9.59 -2.42 14.94
N SER A 738 10.25 -2.26 16.07
CA SER A 738 10.11 -1.05 16.84
C SER A 738 10.81 -1.19 18.19
N ARG A 739 11.70 -0.25 18.50
CA ARG A 739 12.40 -0.29 19.78
C ARG A 739 12.01 0.94 20.54
N ILE A 740 12.14 0.85 21.85
CA ILE A 740 11.83 1.96 22.74
C ILE A 740 13.16 2.54 23.16
N GLU A 741 13.27 3.86 23.14
CA GLU A 741 14.52 4.50 23.54
C GLU A 741 14.23 5.59 24.54
N VAL A 742 15.14 5.77 25.50
CA VAL A 742 14.99 6.77 26.56
C VAL A 742 15.48 8.14 26.15
N GLN A 743 15.40 9.07 27.10
CA GLN A 743 15.83 10.44 26.88
C GLN A 743 17.16 10.75 27.55
N ASP A 744 18.05 11.37 26.77
CA ASP A 744 19.37 11.77 27.24
C ASP A 744 19.65 13.16 26.72
N THR A 745 19.61 14.15 27.60
CA THR A 745 19.84 15.56 27.27
C THR A 745 20.76 15.73 26.06
N SER A 746 21.89 15.00 26.06
CA SER A 746 22.79 15.24 24.92
C SER A 746 21.93 15.92 23.90
N GLY A 747 21.74 15.34 22.73
CA GLY A 747 20.89 15.91 21.73
C GLY A 747 19.57 15.14 21.74
N GLY A 748 19.55 14.05 22.53
CA GLY A 748 18.32 13.27 22.60
C GLY A 748 18.37 11.82 23.09
N THR A 749 17.64 10.98 22.33
CA THR A 749 17.39 9.59 22.62
C THR A 749 18.45 8.55 22.29
N THR A 750 18.76 7.73 23.29
CA THR A 750 19.71 6.64 23.15
C THR A 750 18.90 5.37 23.37
N ALA A 751 19.40 4.24 22.92
CA ALA A 751 18.69 2.97 23.08
C ALA A 751 18.55 2.57 24.55
N LEU A 752 18.13 1.33 24.76
CA LEU A 752 17.97 0.76 26.10
C LEU A 752 18.81 -0.53 26.15
N ARG A 753 19.05 -1.09 24.96
CA ARG A 753 19.82 -2.32 24.80
C ARG A 753 19.88 -2.64 23.32
N PRO A 754 20.84 -3.47 22.89
CA PRO A 754 20.97 -3.85 21.48
C PRO A 754 19.70 -4.58 21.06
N SER A 755 19.56 -4.81 19.77
CA SER A 755 18.36 -5.47 19.27
C SER A 755 18.38 -5.64 17.76
N ALA A 756 17.43 -6.43 17.28
CA ALA A 756 17.33 -6.71 15.87
C ALA A 756 17.74 -5.54 15.03
N SER A 757 17.10 -4.39 15.25
CA SER A 757 17.35 -3.17 14.47
C SER A 757 18.66 -2.43 14.69
N THR A 758 19.18 -2.45 15.92
CA THR A 758 20.41 -1.74 16.22
C THR A 758 21.69 -2.53 15.94
N GLN A 759 21.55 -3.81 15.58
CA GLN A 759 22.70 -4.66 15.31
C GLN A 759 22.49 -5.50 14.06
N ALA A 760 22.59 -4.91 12.88
CA ALA A 760 22.42 -5.66 11.64
C ALA A 760 23.55 -5.30 10.68
N LEU A 761 23.59 -5.96 9.53
CA LEU A 761 24.62 -5.64 8.54
C LEU A 761 24.35 -4.22 8.05
N SER A 762 23.82 -4.09 6.84
CA SER A 762 23.49 -2.78 6.30
C SER A 762 22.37 -2.16 7.13
N SER A 763 22.26 -0.83 7.09
CA SER A 763 21.23 -0.13 7.83
C SER A 763 21.19 1.34 7.41
N SER A 764 20.08 1.71 6.77
CA SER A 764 19.86 3.06 6.29
C SER A 764 18.71 3.74 6.99
N VAL A 765 18.74 5.07 7.05
CA VAL A 765 17.67 5.86 7.66
C VAL A 765 16.88 6.49 6.51
N SER A 766 15.69 7.00 6.79
CA SER A 766 14.91 7.61 5.73
C SER A 766 15.44 9.00 5.48
N SER A 767 15.71 9.29 4.21
CA SER A 767 16.21 10.59 3.82
C SER A 767 14.84 10.55 3.05
N SER A 768 14.05 11.52 3.35
CA SER A 768 12.76 11.89 2.77
C SER A 768 12.48 13.06 3.65
N LYS A 769 12.11 14.14 3.06
CA LYS A 769 11.84 15.35 3.83
C LYS A 769 10.53 16.00 3.40
N LEU A 770 9.45 15.21 3.37
CA LEU A 770 8.15 15.76 2.99
C LEU A 770 7.46 16.42 4.18
N PHE A 771 7.94 16.11 5.38
CA PHE A 771 7.36 16.64 6.60
C PHE A 771 8.33 17.56 7.33
N SER A 772 9.42 17.92 6.66
CA SER A 772 10.41 18.80 7.25
C SER A 772 9.85 20.22 7.38
N SER A 773 8.62 20.39 6.91
CA SER A 773 7.93 21.69 6.97
C SER A 773 8.11 22.35 8.34
N SER A 774 7.59 21.70 9.39
CA SER A 774 7.70 22.21 10.75
C SER A 774 8.21 21.13 11.69
N THR A 775 7.29 20.36 12.29
CA THR A 775 7.66 19.27 13.21
C THR A 775 8.28 19.77 14.53
N ALA A 776 7.47 20.38 15.39
CA ALA A 776 7.99 20.91 16.65
C ALA A 776 7.25 20.54 17.92
N PRO A 777 7.61 19.38 18.52
CA PRO A 777 7.01 18.88 19.77
C PRO A 777 7.84 19.31 20.98
N HIS A 778 7.24 20.09 21.88
CA HIS A 778 7.95 20.59 23.07
C HIS A 778 7.73 19.75 24.33
N GLU A 779 8.03 18.45 24.24
CA GLU A 779 7.90 17.54 25.38
C GLU A 779 9.00 16.48 25.31
N THR A 780 10.04 16.84 24.61
CA THR A 780 11.11 15.89 24.44
C THR A 780 12.11 15.88 25.61
N SER A 781 12.28 16.94 26.44
CA SER A 781 13.57 17.12 27.19
C SER A 781 14.02 16.34 28.44
N PHE A 782 13.11 15.73 29.10
CA PHE A 782 13.39 15.05 30.34
C PHE A 782 13.13 13.55 30.08
N GLY A 783 13.81 12.60 30.71
CA GLY A 783 13.60 11.17 30.46
C GLY A 783 12.22 10.81 29.95
N GLU A 784 12.16 10.07 28.84
CA GLU A 784 10.91 9.63 28.25
C GLU A 784 11.11 8.44 27.33
N GLU A 785 10.01 7.76 27.00
CA GLU A 785 10.07 6.61 26.10
C GLU A 785 9.66 7.13 24.74
N VAL A 786 10.20 6.57 23.68
CA VAL A 786 9.83 7.02 22.34
C VAL A 786 10.06 5.89 21.35
N GLU A 787 8.97 5.41 20.75
CA GLU A 787 9.05 4.33 19.79
C GLU A 787 9.80 4.75 18.51
N VAL A 788 10.73 3.90 18.11
CA VAL A 788 11.50 4.09 16.89
C VAL A 788 11.18 2.86 16.08
N HIS A 789 10.62 3.05 14.90
CA HIS A 789 10.25 1.91 14.10
C HIS A 789 11.20 1.65 12.95
N ASN A 790 11.54 0.39 12.75
CA ASN A 790 12.43 0.01 11.69
C ASN A 790 11.75 -1.01 10.81
N LEU A 791 12.35 -1.28 9.66
CA LEU A 791 11.87 -2.29 8.74
C LEU A 791 13.03 -3.21 8.80
N LEU A 792 12.79 -4.48 9.10
CA LEU A 792 13.87 -5.44 9.18
C LEU A 792 13.74 -6.41 8.05
N ILE A 793 14.80 -6.59 7.28
CA ILE A 793 14.77 -7.57 6.21
C ILE A 793 15.52 -8.77 6.82
N ILE A 794 14.86 -9.92 6.85
CA ILE A 794 15.45 -11.10 7.49
C ILE A 794 15.69 -12.30 6.58
N ASP A 795 16.86 -12.92 6.75
CA ASP A 795 17.16 -14.09 5.94
C ASP A 795 16.39 -15.36 6.25
N GLN A 796 15.72 -15.82 5.20
CA GLN A 796 14.90 -17.01 5.23
C GLN A 796 15.55 -18.21 5.91
N HIS A 797 16.81 -18.48 5.56
CA HIS A 797 17.55 -19.63 6.07
C HIS A 797 18.13 -19.47 7.45
N THR A 798 18.93 -18.44 7.65
CA THR A 798 19.61 -18.21 8.92
C THR A 798 18.91 -17.32 9.93
N PHE A 799 17.93 -16.54 9.49
CA PHE A 799 17.20 -15.63 10.36
C PHE A 799 18.13 -14.61 10.99
N GLU A 800 19.10 -14.16 10.21
CA GLU A 800 20.03 -13.14 10.68
C GLU A 800 19.44 -11.84 10.14
N VAL A 801 19.64 -10.74 10.86
CA VAL A 801 19.10 -9.44 10.43
C VAL A 801 19.97 -8.85 9.31
N LEU A 802 19.59 -9.11 8.06
CA LEU A 802 20.37 -8.63 6.94
C LEU A 802 20.52 -7.11 6.93
N HIS A 803 19.45 -6.39 6.58
CA HIS A 803 19.43 -4.92 6.52
C HIS A 803 18.45 -4.28 7.50
N ALA A 804 18.80 -3.11 8.04
CA ALA A 804 17.94 -2.42 9.00
C ALA A 804 17.61 -0.96 8.68
N HIS A 805 16.61 -0.75 7.83
CA HIS A 805 16.16 0.58 7.42
C HIS A 805 15.37 1.32 8.53
N GLN A 806 15.91 2.38 9.10
CA GLN A 806 15.19 3.12 10.15
C GLN A 806 14.17 4.09 9.52
N PHE A 807 13.28 4.64 10.37
CA PHE A 807 12.21 5.57 9.91
C PHE A 807 12.26 6.97 10.52
N LEU A 808 11.55 7.90 9.88
CA LEU A 808 11.47 9.31 10.32
C LEU A 808 11.09 9.40 11.78
N GLN A 809 11.74 10.28 12.52
CA GLN A 809 11.42 10.39 13.94
C GLN A 809 9.91 10.48 14.17
N ASN A 810 9.46 9.98 15.31
CA ASN A 810 8.03 10.02 15.64
C ASN A 810 7.14 9.41 14.57
N GLU A 811 7.69 8.48 13.78
CA GLU A 811 6.91 7.81 12.76
C GLU A 811 6.75 6.32 13.10
N TYR A 812 5.53 5.81 12.90
CA TYR A 812 5.20 4.43 13.17
C TYR A 812 4.89 3.71 11.89
N ALA A 813 5.34 2.46 11.83
CA ALA A 813 5.10 1.61 10.69
C ALA A 813 3.92 0.74 11.12
N LEU A 814 2.98 0.49 10.22
CA LEU A 814 1.84 -0.32 10.60
C LEU A 814 1.28 -1.14 9.47
N SER A 815 1.78 -0.94 8.25
CA SER A 815 1.31 -1.72 7.14
C SER A 815 2.53 -2.41 6.55
N LEU A 816 2.32 -3.31 5.60
CA LEU A 816 3.43 -4.02 4.98
C LEU A 816 2.94 -5.05 4.00
N VAL A 817 3.58 -5.14 2.86
CA VAL A 817 3.18 -6.10 1.87
C VAL A 817 4.26 -6.23 0.79
N SER A 818 4.35 -7.42 0.21
CA SER A 818 5.31 -7.68 -0.84
C SER A 818 4.50 -8.10 -2.06
N CYS A 819 4.60 -7.32 -3.12
CA CYS A 819 3.84 -7.63 -4.33
C CYS A 819 4.44 -7.06 -5.61
N LYS A 820 3.68 -7.25 -6.69
CA LYS A 820 4.05 -6.75 -8.00
C LYS A 820 2.88 -5.90 -8.49
N LEU A 821 3.21 -4.73 -9.03
CA LEU A 821 2.19 -3.80 -9.48
C LEU A 821 2.30 -3.48 -10.97
N GLY A 822 1.16 -3.14 -11.57
CA GLY A 822 1.11 -2.80 -12.98
C GLY A 822 1.83 -3.78 -13.88
N LYS A 823 2.69 -3.27 -14.74
CA LYS A 823 3.46 -4.10 -15.66
C LYS A 823 4.90 -4.21 -15.16
N ASP A 824 5.18 -3.51 -14.06
CA ASP A 824 6.48 -3.49 -13.41
C ASP A 824 6.87 -4.90 -12.92
N PRO A 825 7.88 -5.53 -13.54
CA PRO A 825 8.40 -6.87 -13.22
C PRO A 825 9.08 -7.07 -11.87
N ASN A 826 9.47 -5.98 -11.21
CA ASN A 826 10.14 -6.10 -9.92
C ASN A 826 9.33 -6.82 -8.84
N THR A 827 9.66 -6.54 -7.58
CA THR A 827 9.00 -7.14 -6.43
C THR A 827 9.42 -6.23 -5.27
N TYR A 828 8.47 -5.45 -4.75
CA TYR A 828 8.83 -4.51 -3.71
C TYR A 828 8.28 -4.76 -2.34
N PHE A 829 8.86 -4.04 -1.39
CA PHE A 829 8.49 -4.05 0.02
C PHE A 829 7.79 -2.70 0.25
N ILE A 830 6.47 -2.69 0.13
CA ILE A 830 5.70 -1.48 0.30
C ILE A 830 5.26 -1.32 1.75
N VAL A 831 5.67 -0.22 2.36
CA VAL A 831 5.36 0.08 3.75
C VAL A 831 4.20 1.08 3.89
N GLY A 832 3.55 1.06 5.03
CA GLY A 832 2.44 1.98 5.30
C GLY A 832 2.67 2.54 6.70
N THR A 833 2.75 3.86 6.83
CA THR A 833 3.00 4.46 8.15
C THR A 833 2.05 5.58 8.53
N ALA A 834 2.44 6.27 9.61
CA ALA A 834 1.69 7.39 10.14
C ALA A 834 2.53 8.19 11.14
N MET A 835 2.41 9.51 11.06
CA MET A 835 3.13 10.41 11.96
C MET A 835 2.33 10.54 13.24
N VAL A 836 2.86 10.00 14.33
CA VAL A 836 2.18 9.99 15.62
C VAL A 836 2.70 10.98 16.66
N TYR A 837 1.78 11.70 17.31
CA TYR A 837 2.10 12.68 18.36
C TYR A 837 1.04 12.65 19.47
N PRO A 838 1.45 12.62 20.75
CA PRO A 838 0.47 12.58 21.85
C PRO A 838 -0.51 13.75 21.91
N GLU A 839 -0.08 14.93 21.48
CA GLU A 839 -0.97 16.09 21.51
C GLU A 839 -2.09 15.93 20.52
N GLU A 840 -1.91 15.06 19.53
CA GLU A 840 -2.95 14.80 18.53
C GLU A 840 -3.83 13.64 18.96
N ALA A 841 -5.09 13.66 18.52
CA ALA A 841 -6.02 12.61 18.87
C ALA A 841 -5.89 11.51 17.85
N GLU A 842 -5.36 11.88 16.69
CA GLU A 842 -5.16 10.95 15.59
C GLU A 842 -4.12 11.54 14.64
N PRO A 843 -3.56 10.71 13.75
CA PRO A 843 -2.55 11.16 12.79
C PRO A 843 -3.17 11.88 11.60
N LYS A 844 -2.56 12.98 11.17
CA LYS A 844 -3.02 13.77 10.03
C LYS A 844 -2.04 13.56 8.87
N GLN A 845 -0.84 13.10 9.24
CA GLN A 845 0.23 12.86 8.29
C GLN A 845 0.75 11.42 8.32
N GLY A 846 1.09 10.91 7.14
CA GLY A 846 1.63 9.56 7.04
C GLY A 846 2.02 9.30 5.59
N ARG A 847 2.73 8.20 5.34
CA ARG A 847 3.14 7.92 3.97
C ARG A 847 3.16 6.43 3.61
N ILE A 848 3.21 6.20 2.31
CA ILE A 848 3.27 4.87 1.73
C ILE A 848 4.59 4.71 1.00
N VAL A 849 5.63 4.29 1.71
CA VAL A 849 6.95 4.10 1.09
C VAL A 849 6.97 2.83 0.23
N VAL A 850 7.82 2.82 -0.79
CA VAL A 850 7.96 1.64 -1.62
C VAL A 850 9.43 1.36 -1.68
N PHE A 851 9.81 0.15 -1.29
CA PHE A 851 11.20 -0.23 -1.30
C PHE A 851 11.46 -1.38 -2.24
N GLN A 852 12.71 -1.80 -2.26
CA GLN A 852 13.19 -2.92 -3.04
C GLN A 852 14.49 -3.40 -2.42
N TYR A 853 14.53 -4.70 -2.15
CA TYR A 853 15.71 -5.33 -1.59
C TYR A 853 16.44 -5.71 -2.87
N SER A 854 17.31 -4.82 -3.33
CA SER A 854 18.07 -5.03 -4.54
C SER A 854 19.08 -6.11 -4.21
N ASP A 855 20.00 -5.77 -3.32
CA ASP A 855 21.02 -6.71 -2.89
C ASP A 855 21.85 -6.14 -1.76
N GLY A 856 21.84 -6.85 -0.64
CA GLY A 856 22.58 -6.39 0.52
C GLY A 856 21.84 -5.26 1.19
N LYS A 857 21.08 -4.49 0.41
CA LYS A 857 20.35 -3.37 0.98
C LYS A 857 19.09 -2.95 0.20
N LEU A 858 18.28 -2.14 0.88
CA LEU A 858 17.02 -1.61 0.38
C LEU A 858 17.22 -0.40 -0.50
N GLN A 859 16.17 0.01 -1.20
CA GLN A 859 16.27 1.17 -2.06
C GLN A 859 14.93 1.82 -2.41
N THR A 860 14.59 2.87 -1.66
CA THR A 860 13.33 3.61 -1.85
C THR A 860 12.98 3.97 -3.28
N VAL A 861 12.19 3.14 -3.93
CA VAL A 861 11.76 3.42 -5.31
C VAL A 861 10.72 4.56 -5.26
N ALA A 862 9.46 4.20 -5.04
CA ALA A 862 8.37 5.15 -4.97
C ALA A 862 8.30 5.74 -3.57
N GLU A 863 7.38 6.69 -3.38
CA GLU A 863 7.23 7.33 -2.09
C GLU A 863 6.08 8.35 -2.14
N LYS A 864 4.85 7.86 -2.16
CA LYS A 864 3.65 8.69 -2.21
C LYS A 864 3.42 9.33 -0.84
N GLU A 865 2.41 10.17 -0.73
CA GLU A 865 2.10 10.87 0.51
C GLU A 865 0.61 10.80 0.80
N VAL A 866 0.22 11.02 2.06
CA VAL A 866 -1.19 11.02 2.47
C VAL A 866 -1.44 11.60 3.86
N LYS A 867 -2.67 12.07 4.08
CA LYS A 867 -3.05 12.72 5.34
C LYS A 867 -3.68 11.77 6.33
N GLY A 868 -2.87 11.18 7.20
CA GLY A 868 -3.37 10.25 8.19
C GLY A 868 -2.81 8.85 8.05
N ALA A 869 -2.92 8.07 9.13
CA ALA A 869 -2.44 6.69 9.22
C ALA A 869 -2.83 5.76 8.09
N VAL A 870 -1.93 4.84 7.75
CA VAL A 870 -2.24 3.87 6.71
C VAL A 870 -2.40 2.56 7.48
N TYR A 871 -3.58 2.39 8.04
CA TYR A 871 -3.90 1.24 8.84
C TYR A 871 -3.69 -0.11 8.23
N SER A 872 -3.76 -0.20 6.91
CA SER A 872 -3.56 -1.48 6.27
C SER A 872 -3.67 -1.38 4.77
N MET A 873 -2.85 -2.14 4.05
CA MET A 873 -2.92 -2.15 2.60
C MET A 873 -2.81 -3.57 2.12
N VAL A 874 -2.97 -3.77 0.82
CA VAL A 874 -2.90 -5.11 0.25
C VAL A 874 -2.99 -5.17 -1.27
N GLU A 875 -2.09 -5.95 -1.88
CA GLU A 875 -2.07 -6.10 -3.32
C GLU A 875 -3.48 -6.49 -3.79
N PHE A 876 -4.09 -5.65 -4.62
CA PHE A 876 -5.42 -5.94 -5.15
C PHE A 876 -5.34 -5.93 -6.67
N ASN A 877 -5.48 -7.10 -7.28
CA ASN A 877 -5.41 -7.22 -8.73
C ASN A 877 -4.38 -6.33 -9.43
N GLY A 878 -3.11 -6.45 -9.01
CA GLY A 878 -2.06 -5.65 -9.61
C GLY A 878 -2.07 -4.25 -9.05
N LYS A 879 -3.27 -3.74 -8.77
CA LYS A 879 -3.46 -2.41 -8.21
C LYS A 879 -3.11 -2.46 -6.73
N LEU A 880 -2.96 -1.30 -6.09
CA LEU A 880 -2.60 -1.27 -4.69
C LEU A 880 -3.64 -0.67 -3.74
N LEU A 881 -4.54 -1.50 -3.24
CA LEU A 881 -5.61 -1.07 -2.33
C LEU A 881 -5.20 -0.87 -0.87
N ALA A 882 -4.81 0.36 -0.52
CA ALA A 882 -4.44 0.67 0.87
C ALA A 882 -5.60 1.37 1.54
N SER A 883 -5.42 1.84 2.77
CA SER A 883 -6.50 2.54 3.45
C SER A 883 -5.92 3.43 4.53
N ILE A 884 -6.28 4.72 4.50
CA ILE A 884 -5.74 5.64 5.48
C ILE A 884 -6.52 5.73 6.78
N ASN A 885 -7.45 6.67 6.98
CA ASN A 885 -8.18 6.65 8.26
C ASN A 885 -9.62 6.25 8.07
N SER A 886 -10.41 7.21 7.59
CA SER A 886 -11.81 6.98 7.35
C SER A 886 -11.91 6.57 5.87
N THR A 887 -10.84 6.85 5.15
CA THR A 887 -10.77 6.58 3.71
C THR A 887 -10.25 5.20 3.31
N VAL A 888 -10.73 4.70 2.17
CA VAL A 888 -10.32 3.41 1.63
C VAL A 888 -9.96 3.60 0.15
N ARG A 889 -8.70 3.95 -0.08
CA ARG A 889 -8.15 4.26 -1.41
C ARG A 889 -7.63 3.10 -2.27
N LEU A 890 -7.76 3.25 -3.58
CA LEU A 890 -7.23 2.26 -4.49
C LEU A 890 -6.17 3.01 -5.31
N TYR A 891 -5.05 2.36 -5.60
CA TYR A 891 -3.96 3.01 -6.33
C TYR A 891 -3.49 2.29 -7.61
N GLU A 892 -2.73 3.01 -8.43
CA GLU A 892 -2.19 2.47 -9.67
C GLU A 892 -0.69 2.68 -9.71
N TRP A 893 0.00 1.80 -10.44
CA TRP A 893 1.46 1.83 -10.58
C TRP A 893 1.78 2.11 -12.05
N THR A 894 2.00 3.39 -12.38
CA THR A 894 2.29 3.82 -13.74
C THR A 894 3.58 3.26 -14.31
N THR A 895 3.91 3.77 -15.50
CA THR A 895 5.12 3.39 -16.18
C THR A 895 6.24 4.31 -15.69
N GLU A 896 5.85 5.46 -15.14
CA GLU A 896 6.81 6.44 -14.61
C GLU A 896 7.26 5.99 -13.23
N LYS A 897 6.64 4.94 -12.73
CA LYS A 897 6.96 4.38 -11.41
C LYS A 897 6.56 5.30 -10.27
N ASP A 898 5.24 5.48 -10.15
CA ASP A 898 4.63 6.31 -9.13
C ASP A 898 3.25 5.75 -8.82
N VAL A 899 2.74 6.06 -7.63
CA VAL A 899 1.42 5.61 -7.24
C VAL A 899 0.50 6.83 -7.27
N ARG A 900 -0.63 6.72 -7.97
CA ARG A 900 -1.55 7.85 -8.06
C ARG A 900 -2.98 7.48 -7.67
N THR A 901 -3.53 8.21 -6.71
CA THR A 901 -4.89 7.99 -6.24
C THR A 901 -5.74 7.56 -7.46
N GLU A 902 -6.73 6.71 -7.26
CA GLU A 902 -7.53 6.30 -8.42
C GLU A 902 -8.97 5.89 -8.13
N CYS A 903 -9.36 5.97 -6.87
CA CYS A 903 -10.71 5.59 -6.50
C CYS A 903 -10.80 5.64 -4.99
N ASN A 904 -11.93 6.08 -4.46
CA ASN A 904 -12.03 6.19 -3.01
C ASN A 904 -13.38 5.81 -2.40
N HIS A 905 -13.37 5.60 -1.09
CA HIS A 905 -14.55 5.26 -0.28
C HIS A 905 -14.34 5.90 1.08
N TYR A 906 -15.20 6.87 1.43
CA TYR A 906 -15.03 7.60 2.69
C TYR A 906 -16.04 7.23 3.77
N ASN A 907 -16.95 6.32 3.46
CA ASN A 907 -18.01 5.93 4.40
C ASN A 907 -17.65 4.94 5.53
N ASN A 908 -16.63 5.28 6.30
CA ASN A 908 -16.19 4.42 7.42
C ASN A 908 -15.68 5.21 8.58
N ILE A 909 -16.05 4.72 9.76
CA ILE A 909 -15.63 5.48 10.93
C ILE A 909 -14.10 5.41 11.14
N MET A 910 -13.47 4.32 10.66
CA MET A 910 -12.07 4.03 10.76
C MET A 910 -11.89 2.66 10.15
N ALA A 911 -11.25 2.57 8.95
CA ALA A 911 -11.01 1.27 8.27
C ALA A 911 -9.70 0.65 8.75
N LEU A 912 -9.78 -0.36 9.61
CA LEU A 912 -8.58 -0.98 10.13
C LEU A 912 -8.15 -2.30 9.49
N TYR A 913 -9.09 -2.96 8.83
CA TYR A 913 -8.79 -4.27 8.27
C TYR A 913 -9.26 -4.48 6.84
N LEU A 914 -8.34 -4.89 5.96
CA LEU A 914 -8.70 -5.10 4.56
C LEU A 914 -8.54 -6.55 4.16
N LYS A 915 -9.18 -6.95 3.06
CA LYS A 915 -9.11 -8.37 2.58
C LYS A 915 -9.58 -8.45 1.10
N THR A 916 -8.90 -9.20 0.18
CA THR A 916 -9.10 -8.98 -1.31
C THR A 916 -9.67 -9.76 -2.51
N LYS A 917 -10.21 -10.87 -2.32
CA LYS A 917 -10.85 -11.73 -3.28
C LYS A 917 -11.51 -11.25 -4.59
N GLY A 918 -10.89 -11.42 -5.75
CA GLY A 918 -11.47 -10.99 -7.02
C GLY A 918 -11.57 -9.46 -7.04
N ASP A 919 -12.75 -8.94 -7.35
CA ASP A 919 -13.00 -7.50 -7.35
C ASP A 919 -13.84 -7.18 -6.10
N PHE A 920 -13.67 -8.02 -5.08
CA PHE A 920 -14.38 -7.88 -3.81
C PHE A 920 -13.43 -7.49 -2.70
N ILE A 921 -13.80 -6.46 -1.95
CA ILE A 921 -12.99 -5.97 -0.83
C ILE A 921 -13.80 -6.11 0.46
N LEU A 922 -13.26 -6.79 1.47
CA LEU A 922 -13.96 -6.92 2.74
C LEU A 922 -13.30 -5.93 3.73
N VAL A 923 -14.06 -4.96 4.21
CA VAL A 923 -13.51 -3.95 5.10
C VAL A 923 -14.04 -4.07 6.51
N GLY A 924 -13.16 -3.92 7.49
CA GLY A 924 -13.56 -4.01 8.88
C GLY A 924 -13.33 -2.70 9.60
N ASP A 925 -14.35 -2.25 10.33
CA ASP A 925 -14.25 -0.99 11.06
C ASP A 925 -13.95 -1.15 12.53
N LEU A 926 -13.42 -0.08 13.13
CA LEU A 926 -13.07 -0.03 14.54
C LEU A 926 -14.25 -0.43 15.42
N MET A 927 -15.44 0.02 15.01
CA MET A 927 -16.68 -0.24 15.71
C MET A 927 -17.89 -0.34 14.76
N ARG A 928 -17.68 -0.08 13.48
CA ARG A 928 -18.76 -0.12 12.51
C ARG A 928 -18.90 -1.46 11.79
N SER A 929 -18.29 -2.50 12.34
CA SER A 929 -18.33 -3.86 11.77
C SER A 929 -17.79 -4.02 10.34
N VAL A 930 -18.26 -5.04 9.64
CA VAL A 930 -17.78 -5.29 8.28
C VAL A 930 -18.60 -4.71 7.14
N LEU A 931 -17.99 -4.60 5.98
CA LEU A 931 -18.63 -4.03 4.80
C LEU A 931 -18.10 -4.71 3.53
N LEU A 932 -18.97 -5.02 2.58
CA LEU A 932 -18.52 -5.65 1.35
C LEU A 932 -18.50 -4.62 0.23
N LEU A 933 -17.30 -4.13 -0.09
CA LEU A 933 -17.10 -3.16 -1.16
C LEU A 933 -16.89 -3.92 -2.45
N ALA A 934 -16.68 -3.19 -3.52
CA ALA A 934 -16.46 -3.82 -4.80
C ALA A 934 -15.83 -2.87 -5.79
N TYR A 935 -15.03 -3.44 -6.68
CA TYR A 935 -14.38 -2.67 -7.70
C TYR A 935 -15.23 -2.87 -8.94
N LYS A 936 -15.80 -1.79 -9.44
CA LYS A 936 -16.60 -1.86 -10.65
C LYS A 936 -15.61 -1.53 -11.77
N PRO A 937 -15.22 -2.56 -12.55
CA PRO A 937 -14.27 -2.40 -13.66
C PRO A 937 -14.59 -1.21 -14.54
N MET A 938 -15.67 -1.35 -15.31
CA MET A 938 -16.13 -0.32 -16.22
C MET A 938 -16.31 1.02 -15.49
N GLU A 939 -17.15 1.03 -14.45
CA GLU A 939 -17.40 2.25 -13.66
C GLU A 939 -16.11 2.95 -13.20
N GLY A 940 -15.03 2.18 -13.06
CA GLY A 940 -13.77 2.74 -12.62
C GLY A 940 -13.80 3.22 -11.19
N ASN A 941 -14.67 2.63 -10.38
CA ASN A 941 -14.75 3.03 -8.97
C ASN A 941 -15.49 2.05 -8.04
N PHE A 942 -15.55 2.42 -6.76
CA PHE A 942 -16.17 1.62 -5.72
C PHE A 942 -17.68 1.60 -5.61
N GLU A 943 -18.20 0.49 -5.09
CA GLU A 943 -19.63 0.30 -4.91
C GLU A 943 -19.87 -0.62 -3.71
N GLU A 944 -20.51 -0.11 -2.66
CA GLU A 944 -20.78 -0.96 -1.51
C GLU A 944 -21.77 -2.02 -1.99
N ILE A 945 -21.61 -3.25 -1.52
CA ILE A 945 -22.53 -4.30 -1.94
C ILE A 945 -23.45 -4.61 -0.78
N ALA A 946 -22.85 -4.90 0.37
CA ALA A 946 -23.61 -5.23 1.56
C ALA A 946 -22.92 -4.67 2.78
N ARG A 947 -23.33 -5.17 3.94
CA ARG A 947 -22.72 -4.79 5.21
C ARG A 947 -23.54 -5.23 6.41
N ASP A 948 -22.83 -5.68 7.43
CA ASP A 948 -23.42 -6.11 8.68
C ASP A 948 -24.03 -4.82 9.26
N PHE A 949 -25.18 -4.92 9.89
CA PHE A 949 -25.80 -3.74 10.49
C PHE A 949 -25.72 -3.69 12.00
N ASN A 950 -25.00 -4.64 12.58
CA ASN A 950 -24.84 -4.68 14.01
C ASN A 950 -23.56 -3.96 14.38
N PRO A 951 -23.61 -3.11 15.41
CA PRO A 951 -22.38 -2.42 15.79
C PRO A 951 -21.38 -3.46 16.31
N ASN A 952 -20.26 -3.61 15.62
CA ASN A 952 -19.23 -4.56 16.02
C ASN A 952 -17.81 -4.02 16.02
N TRP A 953 -17.15 -4.12 17.17
CA TRP A 953 -15.78 -3.65 17.35
C TRP A 953 -14.74 -4.64 16.78
N MET A 954 -14.71 -4.76 15.45
CA MET A 954 -13.76 -5.63 14.78
C MET A 954 -12.33 -5.59 15.35
N SER A 955 -11.69 -6.75 15.30
CA SER A 955 -10.34 -6.98 15.79
C SER A 955 -9.49 -7.59 14.67
N ALA A 956 -10.18 -8.27 13.76
CA ALA A 956 -9.54 -8.91 12.63
C ALA A 956 -10.68 -9.34 11.75
N VAL A 957 -10.38 -9.82 10.54
CA VAL A 957 -11.46 -10.23 9.64
C VAL A 957 -10.86 -10.97 8.46
N GLU A 958 -11.64 -11.81 7.79
CA GLU A 958 -11.13 -12.59 6.68
C GLU A 958 -12.25 -13.01 5.73
N ILE A 959 -11.91 -13.29 4.49
CA ILE A 959 -12.87 -13.75 3.49
C ILE A 959 -12.69 -15.24 3.26
N LEU A 960 -13.65 -16.05 3.69
CA LEU A 960 -13.59 -17.50 3.54
C LEU A 960 -13.85 -17.94 2.12
N ASP A 961 -15.03 -17.59 1.61
CA ASP A 961 -15.41 -17.92 0.24
C ASP A 961 -16.12 -16.71 -0.33
N ASP A 962 -16.53 -16.78 -1.59
CA ASP A 962 -17.23 -15.66 -2.23
C ASP A 962 -18.36 -15.06 -1.39
N ASP A 963 -19.15 -15.93 -0.75
CA ASP A 963 -20.31 -15.48 0.02
C ASP A 963 -20.23 -15.38 1.55
N ASN A 964 -19.17 -15.86 2.18
CA ASN A 964 -19.09 -15.77 3.64
C ASN A 964 -17.88 -15.02 4.15
N PHE A 965 -18.12 -14.13 5.11
CA PHE A 965 -17.05 -13.32 5.70
C PHE A 965 -16.91 -13.56 7.20
N LEU A 966 -15.69 -13.88 7.62
CA LEU A 966 -15.40 -14.19 8.99
C LEU A 966 -14.84 -12.99 9.72
N GLY A 967 -15.41 -12.67 10.87
CA GLY A 967 -14.92 -11.54 11.63
C GLY A 967 -14.70 -11.91 13.07
N ALA A 968 -13.91 -11.14 13.81
CA ALA A 968 -13.66 -11.43 15.22
C ALA A 968 -13.52 -10.11 15.95
N GLU A 969 -14.25 -9.88 17.03
CA GLU A 969 -14.14 -8.60 17.72
C GLU A 969 -13.63 -8.64 19.15
N ASN A 970 -13.38 -7.46 19.73
CA ASN A 970 -12.86 -7.30 21.10
C ASN A 970 -13.74 -7.96 22.15
N ALA A 971 -14.91 -8.41 21.73
CA ALA A 971 -15.83 -9.06 22.64
C ALA A 971 -15.30 -10.45 23.00
N PHE A 972 -14.36 -10.92 22.19
CA PHE A 972 -13.74 -12.22 22.36
C PHE A 972 -14.57 -13.26 21.64
N ASN A 973 -15.33 -12.83 20.64
CA ASN A 973 -16.22 -13.71 19.89
C ASN A 973 -15.97 -13.73 18.41
N LEU A 974 -16.54 -14.69 17.72
CA LEU A 974 -16.35 -14.77 16.28
C LEU A 974 -17.70 -14.71 15.64
N PHE A 975 -17.77 -14.33 14.38
CA PHE A 975 -19.06 -14.30 13.73
C PHE A 975 -18.85 -14.40 12.23
N VAL A 976 -19.89 -14.79 11.52
CA VAL A 976 -19.78 -14.94 10.08
C VAL A 976 -20.97 -14.30 9.38
N CYS A 977 -20.69 -13.38 8.45
CA CYS A 977 -21.77 -12.71 7.71
C CYS A 977 -21.83 -13.34 6.34
N GLN A 978 -23.01 -13.31 5.74
CA GLN A 978 -23.19 -13.93 4.43
C GLN A 978 -24.12 -13.12 3.54
N LYS A 979 -23.79 -13.00 2.26
CA LYS A 979 -24.65 -12.24 1.36
C LYS A 979 -26.00 -12.95 1.31
N ASP A 980 -27.08 -12.24 1.64
CA ASP A 980 -28.42 -12.83 1.65
C ASP A 980 -28.74 -13.60 0.37
N SER A 981 -29.46 -14.71 0.50
CA SER A 981 -29.81 -15.51 -0.66
C SER A 981 -31.25 -15.29 -1.12
N ALA A 982 -31.99 -14.46 -0.37
CA ALA A 982 -33.37 -14.12 -0.72
C ALA A 982 -33.27 -13.01 -1.75
N ALA A 983 -32.64 -13.34 -2.90
CA ALA A 983 -32.43 -12.40 -4.00
C ALA A 983 -33.72 -11.79 -4.56
N THR A 984 -34.75 -11.73 -3.74
CA THR A 984 -36.02 -11.16 -4.15
C THR A 984 -35.94 -9.64 -4.34
N THR A 985 -35.48 -8.95 -3.31
CA THR A 985 -35.35 -7.49 -3.37
C THR A 985 -33.92 -7.06 -3.65
N ASP A 986 -33.76 -5.85 -4.17
CA ASP A 986 -32.46 -5.30 -4.47
C ASP A 986 -31.97 -4.48 -3.27
N GLU A 987 -32.71 -4.60 -2.17
CA GLU A 987 -32.41 -3.90 -0.93
C GLU A 987 -32.12 -4.95 0.15
N GLU A 988 -32.75 -6.11 0.02
CA GLU A 988 -32.53 -7.22 0.96
C GLU A 988 -31.26 -7.91 0.48
N ARG A 989 -30.44 -7.14 -0.20
CA ARG A 989 -29.16 -7.59 -0.78
C ARG A 989 -28.11 -6.62 -0.26
N GLN A 990 -28.58 -5.54 0.36
CA GLN A 990 -27.73 -4.52 0.94
C GLN A 990 -27.37 -5.08 2.32
N HIS A 991 -28.15 -6.06 2.74
CA HIS A 991 -27.96 -6.71 4.03
C HIS A 991 -27.31 -8.07 3.93
N LEU A 992 -26.52 -8.40 4.95
CA LEU A 992 -25.91 -9.71 5.07
C LEU A 992 -26.08 -9.98 6.55
N GLN A 993 -26.72 -11.10 6.88
CA GLN A 993 -27.00 -11.43 8.28
C GLN A 993 -25.98 -12.29 9.00
N GLU A 994 -25.76 -11.97 10.27
CA GLU A 994 -24.83 -12.71 11.12
C GLU A 994 -25.40 -14.12 11.27
N VAL A 995 -24.96 -15.02 10.40
CA VAL A 995 -25.42 -16.41 10.39
C VAL A 995 -24.48 -17.38 11.12
N GLY A 996 -23.82 -16.87 12.16
CA GLY A 996 -22.91 -17.69 12.93
C GLY A 996 -22.27 -16.88 14.04
N LEU A 997 -22.38 -17.37 15.27
CA LEU A 997 -21.81 -16.69 16.40
C LEU A 997 -21.12 -17.72 17.28
N PHE A 998 -19.99 -17.35 17.88
CA PHE A 998 -19.24 -18.28 18.71
C PHE A 998 -18.37 -17.49 19.70
N HIS A 999 -18.21 -17.96 20.92
CA HIS A 999 -17.40 -17.23 21.88
C HIS A 999 -16.05 -17.92 22.05
N LEU A 1000 -15.02 -17.40 21.39
CA LEU A 1000 -13.69 -17.98 21.45
C LEU A 1000 -12.97 -17.82 22.77
N GLY A 1001 -13.04 -16.65 23.37
CA GLY A 1001 -12.33 -16.48 24.63
C GLY A 1001 -10.90 -16.01 24.42
N GLU A 1002 -10.56 -15.82 23.14
CA GLU A 1002 -9.24 -15.38 22.75
C GLU A 1002 -9.34 -14.10 21.92
N PHE A 1003 -8.38 -13.19 22.06
CA PHE A 1003 -8.42 -11.97 21.29
C PHE A 1003 -7.66 -12.15 20.00
N VAL A 1004 -8.34 -12.54 18.93
CA VAL A 1004 -7.65 -12.78 17.66
C VAL A 1004 -6.96 -11.53 17.10
N ASN A 1005 -5.72 -11.66 16.62
CA ASN A 1005 -4.99 -10.53 16.05
C ASN A 1005 -4.74 -10.66 14.57
N VAL A 1006 -4.84 -11.88 14.07
CA VAL A 1006 -4.63 -12.14 12.66
C VAL A 1006 -5.25 -13.44 12.22
N PHE A 1007 -5.70 -13.44 10.97
CA PHE A 1007 -6.33 -14.58 10.34
C PHE A 1007 -5.51 -14.82 9.10
N CYS A 1008 -5.67 -15.97 8.46
CA CYS A 1008 -4.99 -16.24 7.18
C CYS A 1008 -5.09 -17.64 6.58
N HIS A 1009 -5.40 -17.66 5.30
CA HIS A 1009 -5.52 -18.87 4.54
C HIS A 1009 -4.21 -19.65 4.55
N GLY A 1010 -4.30 -20.94 4.80
CA GLY A 1010 -3.11 -21.79 4.84
C GLY A 1010 -3.21 -22.88 5.89
N SER A 1011 -2.66 -24.05 5.60
CA SER A 1011 -2.69 -25.19 6.52
C SER A 1011 -1.31 -25.60 7.03
N LEU A 1012 -1.30 -26.43 8.06
CA LEU A 1012 -0.05 -26.93 8.63
C LEU A 1012 0.14 -28.44 8.42
N VAL A 1013 -0.87 -29.09 7.89
CA VAL A 1013 -0.82 -30.51 7.66
C VAL A 1013 -0.48 -30.72 6.21
N MET A 1014 0.27 -31.79 5.94
CA MET A 1014 0.66 -32.15 4.59
C MET A 1014 -0.61 -32.20 3.78
N GLN A 1015 -0.67 -31.43 2.71
CA GLN A 1015 -1.89 -31.37 1.91
C GLN A 1015 -2.14 -32.55 0.97
N ASN A 1016 -1.33 -32.67 -0.08
CA ASN A 1016 -1.48 -33.75 -1.08
C ASN A 1016 -2.79 -33.48 -1.84
N LEU A 1017 -2.97 -32.22 -2.25
CA LEU A 1017 -4.16 -31.78 -2.97
C LEU A 1017 -4.09 -31.83 -4.50
N GLY A 1018 -4.78 -32.81 -5.06
CA GLY A 1018 -4.88 -32.93 -6.51
C GLY A 1018 -6.33 -32.69 -6.86
N GLU A 1019 -7.20 -33.47 -6.20
CA GLU A 1019 -8.64 -33.40 -6.36
C GLU A 1019 -9.37 -34.04 -5.14
N THR A 1020 -8.60 -34.47 -4.11
CA THR A 1020 -8.90 -35.19 -2.83
C THR A 1020 -10.06 -34.96 -1.89
N SER A 1021 -11.26 -35.30 -2.23
CA SER A 1021 -12.39 -35.18 -1.31
C SER A 1021 -12.06 -34.97 0.19
N THR A 1022 -12.28 -33.76 0.76
CA THR A 1022 -12.06 -33.54 2.22
C THR A 1022 -13.43 -33.19 2.85
N PRO A 1023 -13.65 -33.78 4.02
CA PRO A 1023 -14.84 -33.65 4.90
C PRO A 1023 -15.16 -32.24 5.35
N THR A 1024 -14.10 -31.47 5.41
CA THR A 1024 -14.20 -30.07 5.80
C THR A 1024 -13.68 -29.31 4.60
N GLN A 1025 -14.06 -28.05 4.46
CA GLN A 1025 -13.61 -27.27 3.33
C GLN A 1025 -12.94 -26.01 3.82
N GLY A 1026 -12.00 -25.49 3.02
CA GLY A 1026 -11.30 -24.28 3.40
C GLY A 1026 -10.40 -24.44 4.62
N SER A 1027 -9.49 -23.49 4.80
CA SER A 1027 -8.57 -23.53 5.92
C SER A 1027 -8.05 -22.14 6.24
N VAL A 1028 -8.24 -21.73 7.50
CA VAL A 1028 -7.79 -20.44 7.97
C VAL A 1028 -7.16 -20.59 9.35
N LEU A 1029 -5.97 -20.05 9.51
CA LEU A 1029 -5.29 -20.12 10.79
C LEU A 1029 -5.48 -18.75 11.40
N PHE A 1030 -5.41 -18.66 12.72
CA PHE A 1030 -5.55 -17.38 13.37
C PHE A 1030 -4.72 -17.23 14.60
N GLY A 1031 -4.11 -16.05 14.73
CA GLY A 1031 -3.24 -15.79 15.86
C GLY A 1031 -4.01 -15.13 16.98
N THR A 1032 -3.53 -15.27 18.21
CA THR A 1032 -4.18 -14.73 19.41
C THR A 1032 -3.26 -14.11 20.46
N VAL A 1033 -3.73 -13.07 21.11
CA VAL A 1033 -2.91 -12.44 22.13
C VAL A 1033 -2.37 -13.43 23.13
N ASN A 1034 -3.11 -14.48 23.39
CA ASN A 1034 -2.68 -15.47 24.35
C ASN A 1034 -1.79 -16.52 23.78
N GLY A 1035 -1.31 -16.31 22.58
CA GLY A 1035 -0.44 -17.30 21.98
C GLY A 1035 -1.23 -18.42 21.36
N MET A 1036 -2.50 -18.52 21.67
CA MET A 1036 -3.27 -19.60 21.09
C MET A 1036 -3.32 -19.47 19.57
N ILE A 1037 -3.15 -20.58 18.87
CA ILE A 1037 -3.24 -20.59 17.42
C ILE A 1037 -4.44 -21.49 17.16
N GLY A 1038 -5.30 -21.12 16.23
CA GLY A 1038 -6.47 -21.92 15.98
C GLY A 1038 -6.70 -22.13 14.51
N LEU A 1039 -7.72 -22.91 14.19
CA LEU A 1039 -8.04 -23.21 12.80
C LEU A 1039 -9.53 -23.15 12.60
N VAL A 1040 -9.93 -22.64 11.43
CA VAL A 1040 -11.33 -22.49 11.04
C VAL A 1040 -11.51 -23.08 9.64
N THR A 1041 -12.55 -23.90 9.50
CA THR A 1041 -12.88 -24.59 8.25
C THR A 1041 -14.38 -24.63 8.10
N SER A 1042 -14.85 -24.77 6.85
CA SER A 1042 -16.30 -24.83 6.55
C SER A 1042 -16.82 -26.26 6.58
N LEU A 1043 -18.13 -26.42 6.72
CA LEU A 1043 -18.71 -27.75 6.79
C LEU A 1043 -19.86 -28.00 5.85
N SER A 1044 -20.15 -29.28 5.64
CA SER A 1044 -21.27 -29.69 4.82
C SER A 1044 -22.45 -29.56 5.76
N GLU A 1045 -23.53 -28.96 5.29
CA GLU A 1045 -24.72 -28.81 6.12
C GLU A 1045 -24.93 -30.15 6.80
N SER A 1046 -24.78 -31.20 6.00
CA SER A 1046 -24.94 -32.57 6.45
C SER A 1046 -24.02 -32.95 7.62
N TRP A 1047 -22.82 -32.37 7.68
CA TRP A 1047 -21.87 -32.66 8.76
C TRP A 1047 -22.09 -31.82 10.01
N TYR A 1048 -22.85 -30.73 9.87
CA TYR A 1048 -23.12 -29.84 10.98
C TYR A 1048 -24.06 -30.49 11.99
N ASN A 1049 -25.23 -30.90 11.53
CA ASN A 1049 -26.22 -31.51 12.40
C ASN A 1049 -25.64 -32.70 13.17
N LEU A 1050 -24.92 -33.57 12.47
CA LEU A 1050 -24.36 -34.72 13.14
C LEU A 1050 -23.52 -34.22 14.27
N LEU A 1051 -22.50 -33.46 13.91
CA LEU A 1051 -21.56 -32.91 14.89
C LEU A 1051 -22.21 -32.01 15.92
N LEU A 1052 -23.28 -31.33 15.53
CA LEU A 1052 -23.99 -30.46 16.45
C LEU A 1052 -24.75 -31.37 17.38
N ASP A 1053 -25.36 -32.39 16.80
CA ASP A 1053 -26.10 -33.35 17.60
C ASP A 1053 -25.08 -34.01 18.55
N MET A 1054 -24.00 -34.53 17.97
CA MET A 1054 -22.95 -35.21 18.75
C MET A 1054 -22.42 -34.33 19.88
N GLN A 1055 -22.23 -33.05 19.59
CA GLN A 1055 -21.76 -32.10 20.60
C GLN A 1055 -22.65 -32.20 21.82
N ASN A 1056 -23.96 -32.15 21.56
CA ASN A 1056 -24.95 -32.20 22.60
C ASN A 1056 -24.90 -33.45 23.45
N ARG A 1057 -24.79 -34.60 22.79
CA ARG A 1057 -24.73 -35.87 23.49
C ARG A 1057 -23.61 -35.83 24.54
N LEU A 1058 -22.44 -35.36 24.10
CA LEU A 1058 -21.26 -35.24 24.97
C LEU A 1058 -21.40 -34.34 26.19
N ASN A 1059 -22.10 -33.22 26.04
CA ASN A 1059 -22.25 -32.31 27.16
C ASN A 1059 -23.06 -32.90 28.30
N LYS A 1060 -23.85 -33.94 28.00
CA LYS A 1060 -24.66 -34.61 29.02
C LYS A 1060 -23.83 -35.63 29.81
N VAL A 1061 -23.03 -36.42 29.09
CA VAL A 1061 -22.21 -37.47 29.68
C VAL A 1061 -20.88 -37.00 30.27
N ILE A 1062 -20.34 -35.91 29.74
CA ILE A 1062 -19.05 -35.38 30.19
C ILE A 1062 -19.14 -34.49 31.42
N LYS A 1063 -18.36 -34.80 32.44
CA LYS A 1063 -18.36 -33.97 33.64
C LYS A 1063 -17.63 -32.72 33.22
N SER A 1064 -18.04 -31.57 33.75
CA SER A 1064 -17.39 -30.30 33.44
C SER A 1064 -16.48 -29.93 34.61
N VAL A 1065 -15.33 -29.35 34.30
CA VAL A 1065 -14.38 -29.02 35.35
C VAL A 1065 -14.81 -27.95 36.34
N GLY A 1066 -16.04 -27.51 36.22
CA GLY A 1066 -16.56 -26.52 37.15
C GLY A 1066 -18.05 -26.68 37.14
N LYS A 1067 -18.50 -27.67 36.37
CA LYS A 1067 -19.92 -27.92 36.23
C LYS A 1067 -20.45 -26.70 35.48
N ILE A 1068 -19.73 -26.32 34.42
CA ILE A 1068 -20.09 -25.18 33.59
C ILE A 1068 -20.73 -25.70 32.31
N GLU A 1069 -21.84 -25.12 31.90
CA GLU A 1069 -22.44 -25.62 30.70
C GLU A 1069 -21.77 -25.14 29.41
N HIS A 1070 -21.28 -26.10 28.63
CA HIS A 1070 -20.62 -25.80 27.37
C HIS A 1070 -21.44 -24.89 26.47
N SER A 1071 -22.77 -24.98 26.58
CA SER A 1071 -23.64 -24.15 25.75
C SER A 1071 -23.49 -22.69 26.15
N PHE A 1072 -23.30 -22.49 27.46
CA PHE A 1072 -23.13 -21.17 28.07
C PHE A 1072 -21.79 -20.56 27.71
N TRP A 1073 -20.71 -21.27 28.06
CA TRP A 1073 -19.34 -20.83 27.76
C TRP A 1073 -19.27 -20.33 26.32
N ARG A 1074 -19.69 -21.18 25.40
CA ARG A 1074 -19.64 -20.83 24.00
C ARG A 1074 -20.72 -19.88 23.56
N SER A 1075 -21.38 -19.22 24.49
CA SER A 1075 -22.43 -18.30 24.09
C SER A 1075 -21.84 -16.93 23.74
N PHE A 1076 -22.30 -16.39 22.60
CA PHE A 1076 -21.87 -15.08 22.12
C PHE A 1076 -22.22 -14.13 23.24
N HIS A 1077 -21.23 -13.43 23.75
CA HIS A 1077 -21.48 -12.53 24.87
C HIS A 1077 -20.68 -11.26 24.86
N THR A 1078 -21.40 -10.15 24.83
CA THR A 1078 -20.80 -8.82 24.86
C THR A 1078 -21.55 -8.05 25.92
N GLU A 1079 -21.07 -6.85 26.26
CA GLU A 1079 -21.75 -6.05 27.26
C GLU A 1079 -23.15 -5.76 26.78
N ARG A 1080 -23.34 -5.81 25.45
CA ARG A 1080 -24.63 -5.54 24.82
C ARG A 1080 -25.65 -6.70 24.91
N LYS A 1081 -25.44 -7.73 24.08
CA LYS A 1081 -26.33 -8.88 24.05
C LYS A 1081 -25.69 -10.18 24.56
N THR A 1082 -26.40 -11.30 24.31
CA THR A 1082 -25.94 -12.63 24.69
C THR A 1082 -26.74 -13.74 23.98
N GLU A 1083 -26.64 -13.81 22.66
CA GLU A 1083 -27.32 -14.83 21.85
C GLU A 1083 -26.64 -16.16 22.20
N PRO A 1084 -27.12 -17.27 21.63
CA PRO A 1084 -26.54 -18.60 21.90
C PRO A 1084 -25.21 -18.93 21.24
N ALA A 1085 -25.30 -19.62 20.11
CA ALA A 1085 -24.12 -20.08 19.34
C ALA A 1085 -24.68 -20.66 18.08
N THR A 1086 -23.94 -20.62 16.98
CA THR A 1086 -24.45 -21.19 15.72
C THR A 1086 -23.44 -21.22 14.59
N GLY A 1087 -23.69 -22.09 13.62
CA GLY A 1087 -22.79 -22.20 12.48
C GLY A 1087 -21.36 -22.42 12.91
N PHE A 1088 -21.18 -22.88 14.14
CA PHE A 1088 -19.87 -23.16 14.68
C PHE A 1088 -19.92 -24.37 15.57
N ILE A 1089 -18.99 -25.29 15.31
CA ILE A 1089 -18.88 -26.51 16.09
C ILE A 1089 -17.49 -26.45 16.67
N ASP A 1090 -17.31 -26.35 17.99
CA ASP A 1090 -15.93 -26.31 18.42
C ASP A 1090 -15.39 -27.71 18.53
N GLY A 1091 -14.43 -27.98 17.64
CA GLY A 1091 -13.79 -29.28 17.56
C GLY A 1091 -13.01 -29.69 18.77
N ASP A 1092 -12.77 -28.79 19.69
CA ASP A 1092 -12.03 -29.18 20.90
C ASP A 1092 -12.84 -30.25 21.63
N LEU A 1093 -14.15 -30.05 21.68
CA LEU A 1093 -15.08 -30.98 22.31
C LEU A 1093 -15.09 -32.25 21.48
N ILE A 1094 -15.48 -32.10 20.22
CA ILE A 1094 -15.55 -33.20 19.26
C ILE A 1094 -14.21 -33.90 19.07
N GLU A 1095 -13.35 -33.83 20.08
CA GLU A 1095 -12.05 -34.47 20.00
C GLU A 1095 -11.79 -35.11 21.35
N SER A 1096 -12.54 -34.68 22.35
CA SER A 1096 -12.39 -35.24 23.69
C SER A 1096 -13.18 -36.52 23.69
N PHE A 1097 -13.73 -36.84 22.51
CA PHE A 1097 -14.51 -38.05 22.32
C PHE A 1097 -13.60 -39.28 22.27
N LEU A 1098 -12.39 -39.08 21.76
CA LEU A 1098 -11.45 -40.18 21.66
C LEU A 1098 -10.72 -40.42 22.99
N ASP A 1099 -10.88 -39.50 23.94
CA ASP A 1099 -10.21 -39.65 25.23
C ASP A 1099 -11.04 -40.18 26.41
N ILE A 1100 -12.35 -40.35 26.20
CA ILE A 1100 -13.22 -40.88 27.26
C ILE A 1100 -13.36 -42.40 27.09
N SER A 1101 -13.67 -43.10 28.17
CA SER A 1101 -13.82 -44.56 28.17
C SER A 1101 -14.79 -45.09 27.11
N ARG A 1102 -14.46 -46.27 26.57
CA ARG A 1102 -15.27 -46.91 25.54
C ARG A 1102 -16.75 -47.08 25.96
N PRO A 1103 -17.01 -47.34 27.25
CA PRO A 1103 -18.39 -47.51 27.71
C PRO A 1103 -19.24 -46.26 27.41
N LYS A 1104 -18.68 -45.10 27.75
CA LYS A 1104 -19.34 -43.82 27.53
C LYS A 1104 -19.58 -43.58 26.04
N MET A 1105 -18.68 -44.09 25.21
CA MET A 1105 -18.81 -43.95 23.76
C MET A 1105 -20.21 -44.35 23.30
N GLN A 1106 -20.54 -45.62 23.51
CA GLN A 1106 -21.85 -46.14 23.12
C GLN A 1106 -22.94 -45.38 23.88
N GLU A 1107 -22.59 -44.95 25.09
CA GLU A 1107 -23.50 -44.19 25.96
C GLU A 1107 -23.75 -42.82 25.35
N VAL A 1108 -23.32 -42.64 24.10
CA VAL A 1108 -23.49 -41.38 23.39
C VAL A 1108 -24.18 -41.58 22.05
N VAL A 1109 -23.77 -42.62 21.31
CA VAL A 1109 -24.39 -42.91 20.03
C VAL A 1109 -25.79 -43.40 20.35
N ALA A 1110 -26.06 -43.46 21.66
CA ALA A 1110 -27.34 -43.90 22.21
C ALA A 1110 -28.53 -43.34 21.45
N ASN A 1111 -29.01 -44.08 20.46
CA ASN A 1111 -30.16 -43.71 19.63
C ASN A 1111 -29.81 -42.67 18.57
N LEU A 1112 -28.52 -42.38 18.42
CA LEU A 1112 -28.08 -41.39 17.45
C LEU A 1112 -28.29 -41.85 16.01
N GLN A 1113 -28.77 -40.94 15.18
CA GLN A 1113 -29.03 -41.28 13.76
C GLN A 1113 -28.24 -40.36 12.80
N TYR A 1114 -28.55 -40.31 11.46
CA TYR A 1114 -27.67 -39.37 10.63
C TYR A 1114 -27.83 -38.76 9.17
N ASP A 1115 -28.77 -39.23 8.34
CA ASP A 1115 -29.32 -39.16 6.94
C ASP A 1115 -29.09 -38.37 5.58
N ASP A 1116 -28.25 -37.39 5.36
CA ASP A 1116 -28.35 -36.61 4.12
C ASP A 1116 -27.25 -36.92 3.14
N GLY A 1117 -26.13 -36.36 3.55
CA GLY A 1117 -24.87 -36.42 2.85
C GLY A 1117 -24.59 -37.85 2.44
N SER A 1118 -25.03 -38.79 3.27
CA SER A 1118 -24.89 -40.21 3.02
C SER A 1118 -26.26 -40.83 3.30
N GLY A 1119 -26.55 -41.98 2.69
CA GLY A 1119 -27.83 -42.61 2.90
C GLY A 1119 -28.01 -43.28 4.26
N MET A 1120 -28.70 -42.59 5.18
CA MET A 1120 -28.93 -43.16 6.51
C MET A 1120 -29.87 -42.30 7.39
N LYS A 1121 -30.26 -42.94 8.52
CA LYS A 1121 -31.29 -42.48 9.46
C LYS A 1121 -31.24 -43.49 10.60
N ARG A 1122 -30.36 -44.48 10.42
CA ARG A 1122 -30.18 -45.54 11.40
C ARG A 1122 -29.12 -45.18 12.43
N GLU A 1123 -29.01 -46.03 13.44
CA GLU A 1123 -28.04 -45.82 14.49
C GLU A 1123 -26.63 -45.81 13.93
N ALA A 1124 -25.65 -45.94 14.82
CA ALA A 1124 -24.24 -45.97 14.48
C ALA A 1124 -23.51 -45.98 15.81
N THR A 1125 -22.76 -47.05 16.08
CA THR A 1125 -22.03 -47.16 17.32
C THR A 1125 -20.79 -46.26 17.28
N ALA A 1126 -19.87 -46.48 18.20
CA ALA A 1126 -18.65 -45.70 18.30
C ALA A 1126 -17.77 -45.80 17.05
N ASP A 1127 -17.36 -47.01 16.72
CA ASP A 1127 -16.48 -47.27 15.58
C ASP A 1127 -16.88 -46.57 14.28
N ASP A 1128 -17.93 -45.75 14.34
CA ASP A 1128 -18.37 -44.99 13.18
C ASP A 1128 -17.84 -43.58 13.38
N LEU A 1129 -18.12 -43.03 14.57
CA LEU A 1129 -17.67 -41.70 14.94
C LEU A 1129 -16.17 -41.67 14.96
N ILE A 1130 -15.58 -42.59 15.72
CA ILE A 1130 -14.13 -42.68 15.83
C ILE A 1130 -13.56 -42.46 14.44
N LYS A 1131 -14.10 -43.18 13.47
CA LYS A 1131 -13.62 -43.04 12.10
C LYS A 1131 -13.69 -41.56 11.73
N VAL A 1132 -14.88 -40.97 11.82
CA VAL A 1132 -15.06 -39.55 11.49
C VAL A 1132 -14.19 -38.64 12.34
N VAL A 1133 -14.35 -38.67 13.66
CA VAL A 1133 -13.52 -37.85 14.54
C VAL A 1133 -12.07 -37.99 14.09
N GLU A 1134 -11.53 -39.20 14.23
CA GLU A 1134 -10.16 -39.52 13.83
C GLU A 1134 -9.87 -38.86 12.48
N GLU A 1135 -10.57 -39.28 11.44
CA GLU A 1135 -10.37 -38.74 10.10
C GLU A 1135 -10.50 -37.22 10.06
N LEU A 1136 -11.24 -36.69 11.01
CA LEU A 1136 -11.46 -35.26 11.09
C LEU A 1136 -10.34 -34.53 11.82
N THR A 1137 -9.60 -35.22 12.66
CA THR A 1137 -8.51 -34.56 13.39
C THR A 1137 -7.27 -34.46 12.50
N ARG A 1138 -7.44 -34.76 11.22
CA ARG A 1138 -6.33 -34.71 10.28
C ARG A 1138 -6.07 -33.35 9.64
N ILE A 1139 -6.99 -32.41 9.80
CA ILE A 1139 -6.80 -31.10 9.16
C ILE A 1139 -5.96 -30.11 9.94
N HIS A 1140 -5.50 -30.50 11.12
CA HIS A 1140 -4.68 -29.61 11.91
C HIS A 1140 -3.58 -30.36 12.62
N PRO B 10 -10.11 30.59 33.05
CA PRO B 10 -8.90 29.85 33.23
C PRO B 10 -9.13 29.26 34.55
N ASP B 11 -9.39 28.00 34.66
CA ASP B 11 -9.71 27.46 35.96
C ASP B 11 -8.66 26.38 36.37
N GLU B 12 -8.91 25.52 37.39
CA GLU B 12 -7.80 24.58 37.76
C GLU B 12 -7.93 23.29 38.57
N ILE B 13 -9.04 23.09 39.22
CA ILE B 13 -9.18 21.96 40.09
C ILE B 13 -10.32 21.05 39.62
N ASN B 14 -11.24 21.82 39.06
CA ASN B 14 -12.46 21.31 38.47
C ASN B 14 -12.13 20.96 37.00
N LYS B 15 -10.91 20.46 36.80
CA LYS B 15 -10.41 20.03 35.50
C LYS B 15 -9.40 18.91 35.75
N LEU B 16 -9.92 17.75 36.10
CA LEU B 16 -9.11 16.58 36.36
C LEU B 16 -9.79 15.28 35.91
N ILE B 17 -9.38 14.84 34.73
CA ILE B 17 -9.85 13.62 34.11
C ILE B 17 -8.64 13.02 33.39
N GLU B 18 -8.83 11.94 32.66
CA GLU B 18 -7.69 11.34 31.96
C GLU B 18 -7.68 11.72 30.47
N THR B 19 -6.48 11.93 29.94
CA THR B 19 -6.31 12.25 28.53
C THR B 19 -5.98 10.90 27.88
N GLY B 20 -6.61 10.63 26.75
CA GLY B 20 -6.35 9.39 26.07
C GLY B 20 -5.16 9.58 25.14
N LEU B 21 -4.78 8.53 24.44
CA LEU B 21 -3.63 8.62 23.54
C LEU B 21 -4.07 8.68 22.09
N ASN B 22 -3.09 8.83 21.20
CA ASN B 22 -3.39 8.90 19.79
C ASN B 22 -4.16 7.65 19.41
N THR B 23 -4.86 7.68 18.27
CA THR B 23 -5.61 6.50 17.84
C THR B 23 -4.62 5.34 17.70
N VAL B 24 -3.58 5.55 16.90
CA VAL B 24 -2.57 4.53 16.68
C VAL B 24 -2.05 3.94 17.99
N GLU B 25 -1.81 4.77 19.00
CA GLU B 25 -1.30 4.23 20.25
C GLU B 25 -2.26 3.14 20.72
N TYR B 26 -3.55 3.41 20.67
CA TYR B 26 -4.57 2.43 21.05
C TYR B 26 -4.38 1.23 20.17
N PHE B 27 -4.43 1.43 18.86
CA PHE B 27 -4.27 0.34 17.90
C PHE B 27 -3.11 -0.56 18.35
N THR B 28 -2.00 0.05 18.70
CA THR B 28 -0.83 -0.67 19.18
C THR B 28 -1.05 -1.36 20.52
N SER B 29 -1.26 -0.60 21.58
CA SER B 29 -1.43 -1.21 22.89
C SER B 29 -2.42 -2.35 22.92
N GLN B 30 -3.39 -2.32 22.00
CA GLN B 30 -4.43 -3.34 21.98
C GLN B 30 -4.00 -4.70 21.43
N GLN B 31 -3.15 -4.73 20.42
CA GLN B 31 -2.73 -6.01 19.89
C GLN B 31 -1.87 -6.83 20.85
N VAL B 32 -1.32 -6.23 21.91
CA VAL B 32 -0.48 -7.00 22.80
C VAL B 32 -1.19 -7.47 24.03
N THR B 33 -2.38 -6.92 24.26
CA THR B 33 -3.15 -7.30 25.41
C THR B 33 -4.59 -7.42 24.99
N GLY B 34 -5.33 -8.36 25.55
CA GLY B 34 -6.73 -8.48 25.16
C GLY B 34 -7.34 -7.11 25.36
N THR B 35 -7.17 -6.62 26.59
CA THR B 35 -7.63 -5.31 27.05
C THR B 35 -7.56 -4.22 26.01
N SER B 36 -8.68 -3.54 25.81
CA SER B 36 -8.77 -2.44 24.85
C SER B 36 -9.24 -1.20 25.62
N SER B 37 -8.49 -0.10 25.54
CA SER B 37 -8.88 1.08 26.30
C SER B 37 -9.57 2.20 25.53
N LEU B 38 -10.81 2.45 25.95
CA LEU B 38 -11.70 3.48 25.41
C LEU B 38 -12.93 3.41 26.30
N GLY B 39 -12.87 2.46 27.26
CA GLY B 39 -13.95 2.27 28.21
C GLY B 39 -13.64 2.97 29.52
N LYS B 40 -13.11 4.20 29.39
CA LYS B 40 -12.76 5.05 30.52
C LYS B 40 -13.12 6.51 30.20
N ASN B 41 -13.39 7.30 31.24
CA ASN B 41 -13.76 8.70 31.04
C ASN B 41 -12.57 9.58 30.57
N THR B 42 -12.07 9.29 29.37
CA THR B 42 -10.95 10.02 28.82
C THR B 42 -11.36 10.92 27.66
N ILE B 43 -10.81 12.13 27.66
CA ILE B 43 -11.09 13.11 26.61
C ILE B 43 -9.92 13.06 25.62
N PRO B 44 -10.21 12.78 24.34
CA PRO B 44 -9.21 12.71 23.26
C PRO B 44 -8.27 13.88 23.23
N PRO B 45 -6.96 13.62 23.34
CA PRO B 45 -5.86 14.59 23.33
C PRO B 45 -5.95 15.79 22.40
N GLY B 46 -5.55 16.95 22.92
CA GLY B 46 -5.55 18.19 22.15
C GLY B 46 -6.93 18.71 21.80
N VAL B 47 -7.89 18.46 22.67
CA VAL B 47 -9.29 18.87 22.47
C VAL B 47 -9.76 19.48 23.78
N THR B 48 -10.54 20.57 23.72
CA THR B 48 -11.02 21.17 24.95
C THR B 48 -12.52 21.44 24.96
N GLY B 49 -13.12 21.23 26.13
CA GLY B 49 -14.53 21.45 26.27
C GLY B 49 -14.77 22.86 26.78
N LEU B 50 -15.77 23.51 26.22
CA LEU B 50 -16.11 24.86 26.63
C LEU B 50 -17.34 24.79 27.49
N LEU B 51 -17.17 24.54 28.79
CA LEU B 51 -18.29 24.45 29.71
C LEU B 51 -17.91 24.58 31.19
N THR B 52 -18.01 25.80 31.73
CA THR B 52 -17.68 26.08 33.13
C THR B 52 -18.92 26.49 33.92
N ASN B 53 -19.81 27.23 33.25
CA ASN B 53 -21.06 27.71 33.84
C ASN B 53 -20.94 27.88 35.36
N ALA B 54 -21.12 26.77 36.08
CA ALA B 54 -21.04 26.74 37.54
C ALA B 54 -20.49 25.39 38.02
N PRO B 81 -5.02 22.28 27.64
CA PRO B 81 -6.31 22.90 27.96
C PRO B 81 -7.39 21.87 28.32
N LYS B 82 -7.31 21.30 29.52
CA LYS B 82 -8.28 20.32 29.97
C LYS B 82 -9.68 20.88 29.80
N ILE B 83 -9.96 21.92 30.59
CA ILE B 83 -11.25 22.63 30.58
C ILE B 83 -11.08 24.03 31.17
N ALA B 84 -11.77 25.01 30.60
CA ALA B 84 -11.70 26.39 31.08
C ALA B 84 -12.93 27.22 30.68
N ILE B 85 -13.30 28.17 31.54
CA ILE B 85 -14.46 29.04 31.34
C ILE B 85 -14.45 29.79 30.01
N VAL B 86 -15.63 30.21 29.58
CA VAL B 86 -15.74 30.93 28.32
C VAL B 86 -16.98 31.84 28.23
N PRO B 87 -16.89 32.90 27.39
CA PRO B 87 -17.97 33.86 27.20
C PRO B 87 -19.29 33.19 26.86
N ALA B 88 -20.36 33.64 27.51
CA ALA B 88 -21.70 33.11 27.29
C ALA B 88 -21.95 32.90 25.80
N ASP B 89 -21.67 33.94 25.04
CA ASP B 89 -21.85 33.92 23.58
C ASP B 89 -21.07 35.14 23.08
N ASP B 90 -21.52 35.71 21.96
CA ASP B 90 -20.86 36.88 21.41
C ASP B 90 -21.59 37.42 20.19
N LYS B 91 -21.91 38.71 20.29
CA LYS B 91 -22.59 39.45 19.24
C LYS B 91 -21.56 40.40 18.62
N THR B 92 -20.50 40.67 19.39
CA THR B 92 -19.41 41.56 19.01
C THR B 92 -18.73 41.24 17.66
N VAL B 93 -19.39 40.41 16.85
CA VAL B 93 -18.86 40.03 15.53
C VAL B 93 -19.82 39.12 14.80
N PRO B 94 -19.63 38.94 13.47
CA PRO B 94 -20.51 38.07 12.68
C PRO B 94 -20.75 36.76 13.43
N GLY B 95 -21.80 36.03 13.07
CA GLY B 95 -22.04 34.78 13.78
C GLY B 95 -23.29 33.96 13.52
N LYS B 96 -23.45 33.48 12.29
CA LYS B 96 -24.60 32.66 11.94
C LYS B 96 -24.52 31.47 12.90
N PRO B 97 -25.51 31.32 13.81
CA PRO B 97 -25.47 30.20 14.75
C PRO B 97 -25.65 28.82 14.12
N ILE B 98 -25.12 27.82 14.80
CA ILE B 98 -25.20 26.44 14.35
C ILE B 98 -26.47 25.78 14.85
N PRO B 99 -27.23 25.18 13.92
CA PRO B 99 -28.48 24.50 14.22
C PRO B 99 -28.27 23.32 15.17
N ASN B 100 -29.09 23.24 16.21
CA ASN B 100 -29.01 22.14 17.17
C ASN B 100 -28.80 20.87 16.37
N PRO B 101 -27.77 20.09 16.73
CA PRO B 101 -27.42 18.83 16.07
C PRO B 101 -28.56 17.82 16.03
N LEU B 102 -29.38 17.86 17.09
CA LEU B 102 -30.54 16.97 17.25
C LEU B 102 -31.70 17.26 16.32
N LEU B 103 -32.04 18.54 16.23
CA LEU B 103 -33.15 18.98 15.40
C LEU B 103 -32.75 18.87 13.92
N GLY B 104 -32.07 17.78 13.61
CA GLY B 104 -31.61 17.47 12.27
C GLY B 104 -31.72 18.54 11.20
N LEU B 105 -31.11 19.70 11.44
CA LEU B 105 -31.16 20.78 10.48
C LEU B 105 -29.91 20.87 9.62
N ASP B 106 -30.03 21.61 8.52
CA ASP B 106 -28.92 21.76 7.59
C ASP B 106 -28.03 23.00 7.77
N SER B 107 -26.89 22.66 8.33
CA SER B 107 -25.75 23.46 8.25
C SER B 107 -25.36 22.49 7.18
N THR B 108 -24.51 22.88 6.30
CA THR B 108 -24.08 22.06 5.22
C THR B 108 -22.54 21.91 5.30
N PRO B 109 -21.86 23.07 5.56
CA PRO B 109 -20.39 22.97 5.57
C PRO B 109 -20.01 22.37 6.86
N SER B 110 -20.24 21.12 7.10
CA SER B 110 -19.94 20.55 8.41
C SER B 110 -20.02 19.01 8.39
N THR B 111 -19.82 18.40 9.55
CA THR B 111 -19.89 16.94 9.68
C THR B 111 -20.97 16.59 10.68
N GLN B 112 -21.73 15.54 10.36
CA GLN B 112 -22.83 15.05 11.20
C GLN B 112 -22.52 13.63 11.70
N THR B 113 -22.39 13.49 13.02
CA THR B 113 -22.07 12.21 13.63
C THR B 113 -23.21 11.65 14.50
N VAL B 114 -23.75 10.49 14.14
CA VAL B 114 -24.81 9.86 14.92
C VAL B 114 -24.15 8.79 15.78
N LEU B 115 -24.67 8.54 16.97
CA LEU B 115 -24.10 7.53 17.87
C LEU B 115 -25.06 6.92 18.88
N ASP B 116 -25.72 5.82 18.51
CA ASP B 116 -26.61 5.16 19.44
C ASP B 116 -25.79 4.61 20.62
N LEU B 117 -26.10 5.07 21.83
CA LEU B 117 -25.40 4.64 23.02
C LEU B 117 -25.90 3.27 23.49
N SER B 118 -26.21 2.39 22.54
CA SER B 118 -26.70 1.07 22.90
C SER B 118 -26.61 0.05 21.77
N GLY B 119 -25.64 0.24 20.87
CA GLY B 119 -25.48 -0.67 19.75
C GLY B 119 -26.80 -0.81 19.03
N LYS B 120 -27.09 -2.01 18.55
CA LYS B 120 -28.35 -2.23 17.84
C LYS B 120 -28.41 -1.45 16.53
N THR B 121 -27.74 -0.29 16.48
CA THR B 121 -27.69 0.57 15.28
C THR B 121 -26.28 1.11 15.01
N LEU B 122 -25.82 0.96 13.78
CA LEU B 122 -24.46 1.41 13.43
C LEU B 122 -24.20 2.89 13.63
N PRO B 123 -23.03 3.22 14.19
CA PRO B 123 -22.76 4.65 14.38
C PRO B 123 -22.40 5.15 13.00
N SER B 124 -22.18 6.46 12.89
CA SER B 124 -21.80 7.04 11.63
C SER B 124 -21.24 8.45 11.81
N GLY B 125 -20.43 8.86 10.85
CA GLY B 125 -19.81 10.15 10.92
C GLY B 125 -18.30 10.05 10.90
N SER B 126 -17.69 10.77 11.85
CA SER B 126 -16.25 10.80 11.94
C SER B 126 -15.87 10.17 13.27
N TYR B 127 -14.63 9.68 13.34
CA TYR B 127 -14.12 9.06 14.56
C TYR B 127 -14.18 10.06 15.71
N LYS B 128 -13.50 11.19 15.58
CA LYS B 128 -13.52 12.17 16.66
C LYS B 128 -14.97 12.49 17.03
N GLY B 129 -15.82 12.62 16.01
CA GLY B 129 -17.22 12.91 16.29
C GLY B 129 -17.72 11.96 17.36
N VAL B 130 -17.71 10.67 17.03
CA VAL B 130 -18.17 9.61 17.94
C VAL B 130 -17.54 9.69 19.33
N LYS B 131 -16.22 9.79 19.38
CA LYS B 131 -15.49 9.87 20.63
C LYS B 131 -16.10 10.90 21.58
N LEU B 132 -16.18 12.13 21.11
CA LEU B 132 -16.71 13.21 21.89
C LEU B 132 -18.15 12.98 22.24
N ALA B 133 -18.92 12.58 21.23
CA ALA B 133 -20.33 12.30 21.44
C ALA B 133 -20.49 11.54 22.75
N LYS B 134 -19.71 10.49 22.93
CA LYS B 134 -19.82 9.71 24.15
C LYS B 134 -19.22 10.43 25.36
N PHE B 135 -18.12 11.15 25.17
CA PHE B 135 -17.50 11.86 26.31
C PHE B 135 -18.42 12.95 26.83
N GLY B 136 -19.14 13.56 25.91
CA GLY B 136 -20.09 14.60 26.26
C GLY B 136 -21.18 13.97 27.12
N LYS B 137 -22.19 13.42 26.46
CA LYS B 137 -23.33 12.78 27.11
C LYS B 137 -23.01 12.23 28.50
N GLU B 138 -21.86 11.57 28.67
CA GLU B 138 -21.53 11.01 29.98
C GLU B 138 -21.02 12.01 31.01
N ASN B 139 -21.09 13.28 30.63
CA ASN B 139 -20.69 14.41 31.46
C ASN B 139 -21.58 15.52 30.89
N LEU B 140 -22.27 16.28 31.73
CA LEU B 140 -23.08 17.34 31.18
C LEU B 140 -22.14 18.31 30.46
N MET B 141 -21.82 18.02 29.19
CA MET B 141 -20.95 18.87 28.38
C MET B 141 -21.35 18.79 26.92
N THR B 142 -21.36 19.92 26.23
CA THR B 142 -21.80 19.93 24.84
C THR B 142 -20.93 20.64 23.84
N ARG B 143 -19.86 21.30 24.29
CA ARG B 143 -19.02 21.98 23.32
C ARG B 143 -17.51 21.84 23.49
N PHE B 144 -16.86 21.49 22.39
CA PHE B 144 -15.43 21.29 22.40
C PHE B 144 -14.81 21.99 21.21
N ILE B 145 -13.56 22.40 21.40
CA ILE B 145 -12.78 23.10 20.41
C ILE B 145 -11.44 22.38 20.29
N GLU B 146 -11.02 22.08 19.05
CA GLU B 146 -9.75 21.39 18.83
C GLU B 146 -8.69 22.25 18.13
N GLU B 147 -7.85 22.91 18.94
CA GLU B 147 -6.80 23.76 18.39
C GLU B 147 -5.80 22.91 17.62
N PRO B 148 -5.74 23.11 16.29
CA PRO B 148 -4.78 22.34 15.50
C PRO B 148 -3.42 22.35 16.16
N ARG B 149 -2.69 21.25 16.01
CA ARG B 149 -1.36 21.10 16.60
C ARG B 149 -0.44 22.20 16.22
N GLU B 150 -0.90 23.03 15.28
CA GLU B 150 0.09 23.93 14.81
C GLU B 150 0.61 24.97 15.82
N ASN B 151 -0.16 26.04 16.13
CA ASN B 151 0.24 27.17 17.03
C ASN B 151 -0.41 27.20 18.41
N PRO B 152 -0.27 28.38 19.11
CA PRO B 152 -0.86 28.61 20.46
C PRO B 152 -2.33 28.23 20.60
N ASP B 160 -4.75 32.08 28.33
CA ASP B 160 -6.19 32.27 28.23
C ASP B 160 -6.69 31.94 26.83
N PHE B 161 -7.58 32.78 26.29
CA PHE B 161 -8.14 32.54 24.95
C PHE B 161 -8.33 33.82 24.12
N LYS B 162 -7.24 34.30 23.53
CA LYS B 162 -7.24 35.52 22.72
C LYS B 162 -7.31 35.24 21.21
N ARG B 163 -7.93 34.14 20.83
CA ARG B 163 -8.04 33.80 19.42
C ARG B 163 -8.67 34.95 18.59
N GLY B 164 -7.83 35.87 18.14
CA GLY B 164 -8.31 37.00 17.36
C GLY B 164 -7.29 37.45 16.34
N ARG B 165 -7.07 38.75 16.22
CA ARG B 165 -6.10 39.28 15.26
C ARG B 165 -4.82 38.45 15.25
N ASP B 166 -4.07 38.56 16.36
CA ASP B 166 -2.82 37.85 16.55
C ASP B 166 -2.95 36.33 16.35
N THR B 167 -3.73 35.70 17.22
CA THR B 167 -3.96 34.26 17.16
C THR B 167 -4.98 33.93 16.08
N GLY B 168 -4.62 34.23 14.84
CA GLY B 168 -5.48 33.97 13.70
C GLY B 168 -4.70 33.42 12.52
N GLY B 169 -5.33 33.37 11.34
CA GLY B 169 -4.64 32.88 10.16
C GLY B 169 -5.02 31.53 9.57
N PHE B 170 -5.69 30.67 10.35
CA PHE B 170 -6.09 29.34 9.88
C PHE B 170 -7.22 28.63 10.64
N HIS B 171 -8.08 27.93 9.89
CA HIS B 171 -9.25 27.21 10.43
C HIS B 171 -9.05 26.46 11.75
N ARG B 172 -10.18 26.12 12.39
CA ARG B 172 -10.18 25.44 13.68
C ARG B 172 -11.34 24.44 13.68
N ARG B 173 -11.35 23.49 14.62
CA ARG B 173 -12.44 22.52 14.64
C ARG B 173 -13.39 22.77 15.80
N GLU B 174 -14.69 22.75 15.46
CA GLU B 174 -15.77 22.99 16.40
C GLU B 174 -16.64 21.79 16.71
N TYR B 175 -17.09 21.71 17.96
CA TYR B 175 -17.93 20.61 18.37
C TYR B 175 -19.17 20.99 19.22
N SER B 176 -20.34 20.68 18.67
CA SER B 176 -21.63 20.91 19.33
C SER B 176 -22.32 19.55 19.47
N ILE B 177 -22.73 19.22 20.70
CA ILE B 177 -23.33 17.92 21.02
C ILE B 177 -24.65 17.99 21.78
N GLY B 178 -25.60 17.10 21.41
CA GLY B 178 -26.95 17.03 22.03
C GLY B 178 -27.38 15.58 22.22
N TRP B 179 -28.12 15.23 23.34
CA TRP B 179 -28.43 13.78 23.64
C TRP B 179 -29.77 13.28 24.10
N VAL B 180 -30.69 13.29 23.30
CA VAL B 180 -32.00 12.83 23.63
C VAL B 180 -32.13 11.26 23.69
N GLY B 181 -32.35 10.66 24.88
CA GLY B 181 -32.43 9.23 24.97
C GLY B 181 -31.07 8.60 24.75
N ASP B 182 -31.04 7.44 24.12
CA ASP B 182 -29.78 6.76 23.86
C ASP B 182 -29.09 7.38 22.65
N GLU B 183 -29.85 8.11 21.83
CA GLU B 183 -29.29 8.75 20.65
C GLU B 183 -28.43 9.98 20.98
N VAL B 184 -27.43 10.21 20.15
CA VAL B 184 -26.52 11.33 20.27
C VAL B 184 -26.08 11.76 18.88
N LYS B 185 -25.94 13.07 18.69
CA LYS B 185 -25.54 13.60 17.40
C LYS B 185 -24.57 14.73 17.65
N VAL B 186 -23.64 14.88 16.73
CA VAL B 186 -22.62 15.91 16.83
C VAL B 186 -22.42 16.54 15.49
N THR B 187 -22.37 17.87 15.49
CA THR B 187 -22.12 18.63 14.29
C THR B 187 -20.80 19.29 14.57
N GLU B 188 -19.85 19.09 13.67
CA GLU B 188 -18.54 19.70 13.86
C GLU B 188 -18.29 20.45 12.59
N TRP B 189 -17.60 21.57 12.74
CA TRP B 189 -17.29 22.45 11.61
C TRP B 189 -16.03 23.26 11.88
N CYS B 190 -15.74 24.19 10.97
CA CYS B 190 -14.57 25.04 11.11
C CYS B 190 -14.89 26.52 11.36
N ASN B 191 -14.41 26.99 12.51
CA ASN B 191 -14.59 28.35 12.98
C ASN B 191 -13.23 29.05 12.83
N PRO B 192 -13.10 29.93 11.82
CA PRO B 192 -11.85 30.66 11.57
C PRO B 192 -11.01 30.98 12.81
N SER B 193 -9.70 30.81 12.66
CA SER B 193 -8.72 31.00 13.73
C SER B 193 -8.84 32.20 14.68
N CYS B 194 -9.34 33.34 14.18
CA CYS B 194 -9.43 34.54 15.01
C CYS B 194 -10.77 34.85 15.67
N SER B 195 -11.73 33.97 15.51
CA SER B 195 -13.04 34.16 16.12
C SER B 195 -12.92 33.80 17.60
N PRO B 196 -13.90 34.19 18.41
CA PRO B 196 -13.78 33.83 19.83
C PRO B 196 -14.15 32.36 20.01
N ILE B 197 -14.58 32.02 21.22
CA ILE B 197 -14.99 30.66 21.54
C ILE B 197 -16.07 30.77 22.61
N THR B 198 -17.29 30.45 22.25
CA THR B 198 -18.39 30.55 23.21
C THR B 198 -19.35 29.37 23.15
N ALA B 199 -19.91 29.03 24.31
CA ALA B 199 -20.87 27.92 24.43
C ALA B 199 -21.97 28.10 23.39
N ALA B 200 -21.86 29.17 22.63
CA ALA B 200 -22.82 29.47 21.59
C ALA B 200 -22.27 28.78 20.35
N ALA B 201 -23.14 28.08 19.64
CA ALA B 201 -22.73 27.38 18.43
C ALA B 201 -22.92 28.29 17.23
N ARG B 202 -21.83 28.87 16.72
CA ARG B 202 -21.92 29.75 15.56
C ARG B 202 -20.86 29.55 14.51
N ARG B 203 -21.19 29.89 13.27
CA ARG B 203 -20.26 29.81 12.16
C ARG B 203 -19.84 31.25 11.88
N PHE B 204 -18.56 31.53 12.03
CA PHE B 204 -18.04 32.87 11.80
C PHE B 204 -17.48 33.07 10.39
N GLU B 205 -17.21 34.32 10.04
CA GLU B 205 -16.72 34.66 8.71
C GLU B 205 -15.21 34.89 8.59
N CYS B 206 -14.69 35.99 9.12
CA CYS B 206 -13.25 36.27 9.04
C CYS B 206 -12.83 37.71 9.43
N THR B 207 -12.68 37.98 10.73
CA THR B 207 -12.26 39.32 11.19
C THR B 207 -10.79 39.57 10.87
N CYS B 208 -10.01 38.51 10.74
CA CYS B 208 -8.59 38.64 10.39
C CYS B 208 -8.53 38.15 8.95
N HIS B 209 -8.88 39.06 8.04
CA HIS B 209 -8.91 38.81 6.59
C HIS B 209 -7.79 37.90 6.06
N GLN B 210 -6.89 37.52 6.96
CA GLN B 210 -5.75 36.66 6.65
C GLN B 210 -6.06 35.16 6.53
N CYS B 211 -7.01 34.68 7.32
CA CYS B 211 -7.38 33.25 7.33
C CYS B 211 -7.50 32.53 5.98
N PRO B 212 -7.43 31.18 6.01
CA PRO B 212 -7.52 30.28 4.84
C PRO B 212 -8.87 30.22 4.17
N VAL B 213 -8.98 29.30 3.21
CA VAL B 213 -10.21 29.12 2.46
C VAL B 213 -10.89 27.80 2.80
N THR B 214 -10.21 26.71 2.49
CA THR B 214 -10.72 25.37 2.72
C THR B 214 -9.62 24.47 3.31
N CYS B 215 -9.88 23.93 4.50
CA CYS B 215 -8.93 23.08 5.22
C CYS B 215 -9.28 21.59 5.19
N SER B 216 -8.24 20.75 5.23
CA SER B 216 -8.38 19.30 5.21
C SER B 216 -9.65 18.79 5.88
N GLU B 217 -9.90 19.22 7.11
CA GLU B 217 -11.09 18.79 7.85
C GLU B 217 -12.32 19.24 7.10
N CYS B 218 -12.36 20.53 6.80
CA CYS B 218 -13.46 21.19 6.11
C CYS B 218 -13.93 20.48 4.85
N GLU B 219 -13.01 20.02 4.01
CA GLU B 219 -13.41 19.29 2.82
C GLU B 219 -14.25 18.10 3.30
N ARG B 220 -14.98 17.45 2.39
CA ARG B 220 -15.82 16.32 2.77
C ARG B 220 -17.06 16.76 3.55
N ASP B 221 -17.02 17.96 4.10
CA ASP B 221 -18.14 18.47 4.87
C ASP B 221 -19.25 19.00 3.94
N THR B 222 -20.43 18.41 4.04
CA THR B 222 -21.57 18.82 3.21
C THR B 222 -22.89 18.63 3.94
N LYS C 41 14.81 -42.36 30.02
CA LYS C 41 15.28 -43.50 30.86
C LYS C 41 16.80 -43.61 30.85
N LYS C 42 17.44 -42.99 31.86
CA LYS C 42 18.90 -42.97 32.02
C LYS C 42 19.59 -44.29 31.60
N LEU C 43 20.92 -44.27 31.68
CA LEU C 43 21.74 -45.43 31.30
C LEU C 43 23.20 -45.17 31.67
N VAL C 44 23.89 -46.23 32.10
CA VAL C 44 25.30 -46.14 32.48
C VAL C 44 26.14 -47.22 31.80
N ILE C 45 27.36 -46.85 31.39
CA ILE C 45 28.27 -47.76 30.72
C ILE C 45 29.09 -48.61 31.69
N LYS C 46 28.92 -49.93 31.61
CA LYS C 46 29.65 -50.86 32.45
C LYS C 46 31.11 -50.91 32.04
N ASN C 47 32.00 -50.78 33.02
CA ASN C 47 33.44 -50.83 32.75
C ASN C 47 33.88 -49.73 31.77
N PHE C 48 33.51 -48.50 32.05
CA PHE C 48 33.90 -47.41 31.16
C PHE C 48 35.39 -47.10 31.32
N ARG C 49 36.23 -48.08 30.98
CA ARG C 49 37.67 -47.95 31.11
C ARG C 49 38.20 -46.54 31.31
N ASP C 50 37.74 -45.60 30.49
CA ASP C 50 38.19 -44.21 30.62
C ASP C 50 39.71 -44.26 30.65
N ARG C 51 40.28 -44.94 29.65
CA ARG C 51 41.72 -45.13 29.58
C ARG C 51 42.50 -44.66 28.34
N PRO C 52 41.87 -44.69 27.14
CA PRO C 52 42.65 -44.24 25.97
C PRO C 52 43.16 -42.78 25.98
N ARG C 53 43.63 -42.32 27.14
CA ARG C 53 44.15 -40.95 27.30
C ARG C 53 45.08 -40.78 28.51
N LEU C 54 46.39 -40.72 28.28
CA LEU C 54 47.37 -40.53 29.34
C LEU C 54 48.16 -39.23 29.09
N PRO C 55 48.97 -39.16 28.01
CA PRO C 55 49.72 -37.90 27.76
C PRO C 55 48.77 -36.78 27.32
N ASP C 56 49.21 -35.93 26.39
CA ASP C 56 48.39 -34.83 25.87
C ASP C 56 49.13 -33.71 25.14
N ASN C 57 48.87 -33.59 23.84
CA ASN C 57 49.48 -32.56 23.01
C ASN C 57 48.64 -32.28 21.78
N TYR C 58 47.87 -33.27 21.35
CA TYR C 58 46.99 -33.17 20.17
C TYR C 58 45.98 -32.04 20.35
N THR C 59 46.48 -30.89 20.78
CA THR C 59 45.69 -29.70 21.01
C THR C 59 46.56 -28.53 20.60
N GLN C 60 47.49 -28.15 21.47
CA GLN C 60 48.37 -27.04 21.16
C GLN C 60 49.21 -27.32 19.93
N ASP C 61 49.19 -28.56 19.47
CA ASP C 61 49.94 -28.95 18.27
C ASP C 61 48.98 -28.81 17.08
N THR C 62 47.70 -28.65 17.40
CA THR C 62 46.70 -28.43 16.37
C THR C 62 46.48 -26.91 16.27
N TRP C 63 46.60 -26.23 17.40
CA TRP C 63 46.47 -24.78 17.43
C TRP C 63 47.67 -24.22 16.68
N ARG C 64 48.72 -25.02 16.63
CA ARG C 64 49.95 -24.67 15.94
C ARG C 64 49.70 -24.83 14.43
N LYS C 65 49.12 -25.96 14.03
CA LYS C 65 48.85 -26.20 12.62
C LYS C 65 47.88 -25.15 12.08
N LEU C 66 47.18 -24.46 12.97
CA LEU C 66 46.25 -23.43 12.52
C LEU C 66 46.92 -22.08 12.41
N HIS C 67 47.69 -21.70 13.42
CA HIS C 67 48.41 -20.43 13.33
C HIS C 67 49.13 -20.41 12.00
N GLU C 68 49.88 -21.48 11.75
CA GLU C 68 50.64 -21.59 10.52
C GLU C 68 49.77 -21.45 9.30
N ALA C 69 48.73 -22.26 9.22
CA ALA C 69 47.81 -22.24 8.09
C ALA C 69 47.36 -20.82 7.81
N VAL C 70 47.09 -20.08 8.88
CA VAL C 70 46.68 -18.70 8.75
C VAL C 70 47.86 -17.81 8.32
N ARG C 71 48.86 -17.62 9.18
CA ARG C 71 50.01 -16.77 8.81
C ARG C 71 50.52 -17.05 7.39
N ALA C 72 50.17 -18.20 6.84
CA ALA C 72 50.63 -18.57 5.51
C ALA C 72 49.52 -18.50 4.47
N VAL C 73 48.40 -17.91 4.85
CA VAL C 73 47.30 -17.71 3.91
C VAL C 73 47.48 -16.22 3.75
N GLN C 74 47.72 -15.58 4.89
CA GLN C 74 48.00 -14.17 4.96
C GLN C 74 49.37 -14.23 4.32
N SER C 75 50.14 -13.14 4.33
CA SER C 75 51.47 -13.18 3.74
C SER C 75 51.65 -14.23 2.61
N SER C 76 50.72 -14.21 1.66
CA SER C 76 50.66 -15.09 0.50
C SER C 76 51.60 -16.31 0.40
N THR C 77 51.70 -17.10 1.47
CA THR C 77 52.55 -18.30 1.44
C THR C 77 51.68 -19.52 1.11
N SER C 78 52.30 -20.68 0.99
CA SER C 78 51.55 -21.89 0.74
C SER C 78 51.68 -22.73 1.99
N ILE C 79 50.58 -23.31 2.43
CA ILE C 79 50.63 -24.14 3.62
C ILE C 79 50.73 -25.58 3.18
N ARG C 80 51.16 -26.45 4.09
CA ARG C 80 51.30 -27.84 3.72
C ARG C 80 50.55 -28.82 4.61
N TYR C 81 49.33 -28.45 4.99
CA TYR C 81 48.50 -29.33 5.81
C TYR C 81 47.25 -29.68 5.02
N ASN C 82 47.21 -29.23 3.78
CA ASN C 82 46.10 -29.46 2.84
C ASN C 82 44.69 -29.45 3.50
N LEU C 83 43.91 -28.38 3.22
CA LEU C 83 42.56 -27.96 3.77
C LEU C 83 41.58 -28.80 4.60
N GLU C 84 41.15 -29.88 4.18
CA GLU C 84 40.23 -30.73 4.87
C GLU C 84 40.62 -31.22 6.27
N GLU C 85 41.88 -31.63 6.38
CA GLU C 85 42.43 -32.04 7.65
C GLU C 85 42.37 -30.83 8.59
N LEU C 86 42.79 -29.66 8.09
CA LEU C 86 42.75 -28.45 8.89
C LEU C 86 41.30 -28.15 9.29
N TYR C 87 40.37 -28.45 8.38
CA TYR C 87 38.94 -28.25 8.63
C TYR C 87 38.44 -29.12 9.76
N GLN C 88 38.74 -30.41 9.65
CA GLN C 88 38.35 -31.39 10.64
C GLN C 88 39.02 -31.08 11.96
N ALA C 89 40.19 -30.49 11.89
CA ALA C 89 40.91 -30.12 13.10
C ALA C 89 40.05 -29.12 13.87
N VAL C 90 39.39 -28.24 13.14
CA VAL C 90 38.55 -27.27 13.80
C VAL C 90 37.35 -28.05 14.32
N GLU C 91 36.54 -28.56 13.41
CA GLU C 91 35.35 -29.30 13.82
C GLU C 91 35.53 -30.15 15.07
N ASN C 92 36.71 -30.68 15.30
CA ASN C 92 36.88 -31.48 16.49
C ASN C 92 37.32 -30.60 17.63
N LEU C 93 38.29 -29.75 17.35
CA LEU C 93 38.81 -28.82 18.33
C LEU C 93 37.66 -27.91 18.76
N CYS C 94 36.83 -27.57 17.79
CA CYS C 94 35.70 -26.66 17.96
C CYS C 94 34.50 -27.20 18.72
N SER C 95 34.65 -27.29 20.03
CA SER C 95 33.57 -27.76 20.89
C SER C 95 33.42 -26.73 22.00
N HIS C 96 32.18 -26.35 22.30
CA HIS C 96 31.86 -25.37 23.34
C HIS C 96 32.92 -25.24 24.45
N LYS C 97 33.04 -24.03 24.99
CA LYS C 97 33.99 -23.70 26.05
C LYS C 97 35.37 -23.46 25.45
N VAL C 98 35.57 -23.99 24.24
CA VAL C 98 36.83 -23.82 23.54
C VAL C 98 36.63 -22.97 22.29
N SER C 99 35.54 -23.20 21.57
CA SER C 99 35.25 -22.43 20.38
C SER C 99 35.53 -20.96 20.68
N PRO C 100 34.92 -20.42 21.75
CA PRO C 100 35.08 -19.03 22.19
C PRO C 100 36.51 -18.50 22.27
N MET C 101 37.42 -19.32 22.78
CA MET C 101 38.83 -18.93 22.92
C MET C 101 39.54 -19.04 21.57
N LEU C 102 38.96 -19.84 20.68
CA LEU C 102 39.50 -20.06 19.36
C LEU C 102 39.23 -18.83 18.50
N TYR C 103 37.98 -18.36 18.55
CA TYR C 103 37.53 -17.20 17.80
C TYR C 103 38.44 -16.05 18.16
N LYS C 104 38.56 -15.77 19.44
CA LYS C 104 39.40 -14.68 19.90
C LYS C 104 40.76 -14.81 19.26
N GLN C 105 41.26 -16.05 19.18
CA GLN C 105 42.56 -16.30 18.58
C GLN C 105 42.58 -16.02 17.08
N LEU C 106 41.61 -16.53 16.34
CA LEU C 106 41.55 -16.30 14.90
C LEU C 106 41.39 -14.81 14.63
N ARG C 107 40.62 -14.15 15.47
CA ARG C 107 40.41 -12.72 15.31
C ARG C 107 41.75 -12.02 15.47
N GLN C 108 42.27 -12.02 16.70
CA GLN C 108 43.54 -11.36 16.97
C GLN C 108 44.67 -11.74 16.02
N ALA C 109 44.52 -12.83 15.29
CA ALA C 109 45.53 -13.22 14.33
C ALA C 109 45.52 -12.15 13.27
N CYS C 110 44.35 -11.92 12.69
CA CYS C 110 44.15 -10.90 11.66
C CYS C 110 44.40 -9.54 12.28
N GLU C 111 43.76 -9.30 13.42
CA GLU C 111 43.87 -8.05 14.13
C GLU C 111 45.33 -7.61 14.05
N ASP C 112 46.23 -8.58 14.12
CA ASP C 112 47.66 -8.30 14.05
C ASP C 112 48.14 -8.08 12.62
N HIS C 113 47.72 -8.96 11.71
CA HIS C 113 48.12 -8.88 10.32
C HIS C 113 47.69 -7.63 9.61
N VAL C 114 46.54 -7.08 9.97
CA VAL C 114 46.07 -5.87 9.31
C VAL C 114 46.83 -4.66 9.83
N GLN C 115 46.89 -4.48 11.14
CA GLN C 115 47.62 -3.34 11.69
C GLN C 115 49.00 -3.23 11.04
N ALA C 116 49.50 -4.37 10.56
CA ALA C 116 50.82 -4.41 9.92
C ALA C 116 50.72 -3.86 8.51
N GLN C 117 49.58 -4.11 7.89
CA GLN C 117 49.32 -3.66 6.53
C GLN C 117 49.27 -2.14 6.41
N ILE C 118 49.14 -1.44 7.54
CA ILE C 118 49.08 0.02 7.54
C ILE C 118 50.40 0.69 7.16
N LEU C 119 51.37 0.58 8.06
CA LEU C 119 52.72 1.15 7.88
C LEU C 119 53.09 1.67 6.48
N PRO C 120 53.15 0.81 5.45
CA PRO C 120 53.50 1.29 4.11
C PRO C 120 52.65 2.47 3.65
N PHE C 121 51.34 2.33 3.70
CA PHE C 121 50.45 3.42 3.30
C PHE C 121 50.75 4.70 4.07
N ARG C 122 51.29 4.55 5.27
CA ARG C 122 51.63 5.70 6.10
C ARG C 122 52.95 6.30 5.62
N GLU C 123 53.16 6.27 4.31
CA GLU C 123 54.36 6.82 3.68
C GLU C 123 54.09 8.16 3.01
N ASP C 124 54.89 8.46 1.99
CA ASP C 124 54.78 9.73 1.28
C ASP C 124 55.20 9.74 -0.20
N SER C 125 55.29 8.58 -0.83
CA SER C 125 55.65 8.49 -2.24
C SER C 125 54.43 8.76 -3.15
N LEU C 126 53.97 10.05 -3.12
CA LEU C 126 52.80 10.78 -3.80
C LEU C 126 52.20 10.65 -5.18
N ASP C 127 51.86 9.54 -5.69
CA ASP C 127 51.22 9.63 -6.99
C ASP C 127 49.84 9.08 -6.73
N SER C 128 48.91 9.96 -6.36
CA SER C 128 47.55 9.48 -6.01
C SER C 128 46.93 8.68 -7.14
N VAL C 129 47.55 7.54 -7.43
CA VAL C 129 47.08 6.62 -8.46
C VAL C 129 47.84 5.34 -8.16
N LEU C 130 49.04 5.48 -7.61
CA LEU C 130 49.80 4.32 -7.20
C LEU C 130 49.10 4.00 -5.90
N PHE C 131 49.06 5.03 -5.04
CA PHE C 131 48.42 4.93 -3.74
C PHE C 131 47.12 4.18 -3.89
N LEU C 132 46.42 4.44 -4.98
CA LEU C 132 45.15 3.78 -5.21
C LEU C 132 45.33 2.31 -5.54
N LYS C 133 45.93 1.99 -6.68
CA LYS C 133 46.14 0.59 -7.03
C LYS C 133 46.74 -0.16 -5.84
N LYS C 134 47.50 0.57 -5.02
CA LYS C 134 48.11 -0.01 -3.83
C LYS C 134 46.98 -0.53 -2.97
N ILE C 135 46.22 0.42 -2.45
CA ILE C 135 45.08 0.14 -1.58
C ILE C 135 44.08 -0.82 -2.17
N ASN C 136 44.02 -0.90 -3.49
CA ASN C 136 43.10 -1.82 -4.12
C ASN C 136 43.64 -3.24 -4.00
N THR C 137 44.90 -3.44 -4.33
CA THR C 137 45.45 -4.78 -4.22
C THR C 137 45.48 -5.16 -2.74
N CYS C 138 45.70 -4.17 -1.89
CA CYS C 138 45.72 -4.41 -0.45
C CYS C 138 44.35 -4.85 0.01
N TRP C 139 43.36 -4.67 -0.86
CA TRP C 139 42.00 -5.04 -0.53
C TRP C 139 41.66 -6.33 -1.26
N GLN C 140 41.87 -6.33 -2.58
CA GLN C 140 41.58 -7.50 -3.40
C GLN C 140 42.16 -8.78 -2.80
N ASP C 141 43.22 -8.63 -2.01
CA ASP C 141 43.89 -9.77 -1.36
C ASP C 141 43.25 -10.12 -0.03
N HIS C 142 43.28 -9.18 0.92
CA HIS C 142 42.64 -9.38 2.22
C HIS C 142 41.31 -10.03 1.92
N CYS C 143 40.76 -9.75 0.76
CA CYS C 143 39.50 -10.38 0.44
C CYS C 143 39.70 -11.87 0.28
N ARG C 144 40.37 -12.28 -0.79
CA ARG C 144 40.56 -13.71 -1.05
C ARG C 144 41.22 -14.47 0.11
N GLN C 145 41.95 -13.76 0.96
CA GLN C 145 42.57 -14.45 2.06
C GLN C 145 41.71 -14.52 3.34
N MET C 146 40.51 -13.96 3.31
CA MET C 146 39.64 -14.05 4.46
C MET C 146 38.60 -15.02 4.01
N ILE C 147 38.60 -15.28 2.71
CA ILE C 147 37.67 -16.21 2.12
C ILE C 147 38.30 -17.55 2.29
N MET C 148 39.63 -17.59 2.24
CA MET C 148 40.36 -18.85 2.42
C MET C 148 40.08 -19.29 3.83
N ILE C 149 40.41 -18.42 4.77
CA ILE C 149 40.20 -18.69 6.17
C ILE C 149 38.79 -19.20 6.44
N ARG C 150 37.79 -18.38 6.17
CA ARG C 150 36.41 -18.77 6.37
C ARG C 150 36.21 -20.25 6.00
N SER C 151 36.63 -20.64 4.81
CA SER C 151 36.47 -22.02 4.35
C SER C 151 37.10 -23.04 5.29
N ILE C 152 38.24 -22.69 5.87
CA ILE C 152 38.92 -23.59 6.80
C ILE C 152 38.13 -23.66 8.09
N PHE C 153 37.76 -22.48 8.61
CA PHE C 153 37.00 -22.40 9.84
C PHE C 153 35.50 -22.40 9.63
N LEU C 154 35.05 -22.89 8.48
CA LEU C 154 33.61 -22.93 8.21
C LEU C 154 32.83 -23.40 9.43
N PHE C 155 33.36 -24.43 10.08
CA PHE C 155 32.70 -25.01 11.23
C PHE C 155 32.62 -24.06 12.43
N LEU C 156 33.60 -23.20 12.58
CA LEU C 156 33.56 -22.27 13.70
C LEU C 156 32.65 -21.10 13.40
N ASP C 157 32.48 -20.76 12.13
CA ASP C 157 31.63 -19.64 11.77
C ASP C 157 30.18 -20.03 11.80
N ARG C 158 29.88 -21.17 11.18
CA ARG C 158 28.50 -21.62 11.11
C ARG C 158 28.03 -22.52 12.24
N THR C 159 28.64 -22.34 13.41
CA THR C 159 28.29 -23.12 14.57
C THR C 159 28.24 -22.14 15.72
N TYR C 160 29.41 -21.72 16.16
CA TYR C 160 29.51 -20.80 17.26
C TYR C 160 29.15 -19.36 16.88
N VAL C 161 29.98 -18.75 16.04
CA VAL C 161 29.74 -17.38 15.63
C VAL C 161 28.33 -17.16 15.08
N LEU C 162 27.81 -18.13 14.34
CA LEU C 162 26.49 -17.98 13.75
C LEU C 162 25.40 -18.02 14.80
N GLN C 163 25.69 -18.66 15.93
CA GLN C 163 24.73 -18.74 17.03
C GLN C 163 25.08 -17.59 17.96
N ASN C 164 25.14 -16.39 17.39
CA ASN C 164 25.48 -15.24 18.21
C ASN C 164 25.35 -13.95 17.40
N SER C 165 24.29 -13.19 17.69
CA SER C 165 24.05 -11.93 17.03
C SER C 165 25.24 -11.07 17.45
N THR C 166 25.67 -11.29 18.69
CA THR C 166 26.80 -10.61 19.28
C THR C 166 28.04 -10.65 18.41
N LEU C 167 28.38 -11.86 17.95
CA LEU C 167 29.56 -12.06 17.13
C LEU C 167 29.32 -12.09 15.63
N PRO C 168 30.12 -11.30 14.90
CA PRO C 168 30.17 -11.09 13.45
C PRO C 168 30.82 -12.26 12.72
N SER C 169 30.31 -12.59 11.53
CA SER C 169 30.90 -13.68 10.77
C SER C 169 32.38 -13.41 10.64
N ILE C 170 33.15 -14.44 10.33
CA ILE C 170 34.58 -14.25 10.17
C ILE C 170 34.70 -13.19 9.10
N TRP C 171 33.87 -13.33 8.06
CA TRP C 171 33.90 -12.38 6.98
C TRP C 171 33.71 -10.99 7.56
N ASP C 172 32.46 -10.69 7.93
CA ASP C 172 32.10 -9.40 8.50
C ASP C 172 33.13 -8.94 9.54
N MET C 173 33.75 -9.88 10.26
CA MET C 173 34.75 -9.54 11.26
C MET C 173 36.05 -8.98 10.66
N GLY C 174 36.36 -9.39 9.42
CA GLY C 174 37.55 -8.88 8.76
C GLY C 174 37.27 -7.51 8.17
N LEU C 175 36.06 -7.36 7.65
CA LEU C 175 35.63 -6.11 7.08
C LEU C 175 35.74 -5.09 8.21
N GLU C 176 35.33 -5.48 9.41
CA GLU C 176 35.40 -4.58 10.54
C GLU C 176 36.83 -4.23 10.92
N LEU C 177 37.76 -5.12 10.60
CA LEU C 177 39.15 -4.85 10.93
C LEU C 177 39.78 -4.03 9.82
N PHE C 178 39.50 -4.41 8.58
CA PHE C 178 40.06 -3.68 7.46
C PHE C 178 39.53 -2.25 7.48
N ARG C 179 38.50 -2.00 8.27
CA ARG C 179 37.93 -0.67 8.37
C ARG C 179 38.63 0.12 9.43
N THR C 180 38.56 -0.35 10.67
CA THR C 180 39.23 0.31 11.79
C THR C 180 40.63 0.83 11.49
N HIS C 181 41.56 -0.03 11.17
CA HIS C 181 42.83 0.49 10.86
C HIS C 181 42.75 1.22 9.49
N ILE C 182 42.70 0.62 8.33
CA ILE C 182 43.01 1.17 7.01
C ILE C 182 42.40 2.26 6.08
N ILE C 183 41.12 2.32 6.09
CA ILE C 183 40.39 3.12 5.20
C ILE C 183 39.73 4.19 5.99
N SER C 184 39.92 3.93 7.23
CA SER C 184 39.41 4.68 8.32
C SER C 184 40.56 5.22 9.17
N ASP C 185 40.20 5.98 10.19
CA ASP C 185 41.15 6.58 11.12
C ASP C 185 42.55 6.79 10.54
N LYS C 186 42.62 7.26 9.30
CA LYS C 186 43.91 7.50 8.68
C LYS C 186 43.89 8.64 7.67
N MET C 187 45.09 9.07 7.31
CA MET C 187 45.24 10.11 6.31
C MET C 187 44.73 9.39 5.07
N VAL C 188 44.88 8.07 5.10
CA VAL C 188 44.47 7.17 4.02
C VAL C 188 43.07 7.50 3.54
N GLN C 189 42.16 7.74 4.47
CA GLN C 189 40.80 8.08 4.07
C GLN C 189 40.96 9.26 3.13
N SER C 190 41.21 10.42 3.72
CA SER C 190 41.40 11.65 2.98
C SER C 190 42.74 11.54 2.27
N LYS C 191 42.79 10.70 1.25
CA LYS C 191 43.99 10.47 0.47
C LYS C 191 43.55 9.44 -0.54
N THR C 192 42.44 8.80 -0.21
CA THR C 192 41.83 7.79 -1.06
C THR C 192 40.61 8.46 -1.66
N ILE C 193 39.95 9.23 -0.83
CA ILE C 193 38.76 9.96 -1.21
C ILE C 193 39.17 11.12 -2.12
N ASP C 194 39.94 12.05 -1.57
CA ASP C 194 40.39 13.19 -2.34
C ASP C 194 41.05 12.70 -3.61
N GLY C 195 41.35 11.39 -3.64
CA GLY C 195 41.99 10.81 -4.81
C GLY C 195 41.06 10.07 -5.74
N ILE C 196 39.85 9.75 -5.26
CA ILE C 196 38.88 9.07 -6.10
C ILE C 196 38.20 10.14 -6.90
N LEU C 197 37.81 11.22 -6.22
CA LEU C 197 37.16 12.34 -6.89
C LEU C 197 38.10 12.81 -8.00
N LEU C 198 39.35 13.09 -7.62
CA LEU C 198 40.37 13.53 -8.56
C LEU C 198 40.33 12.75 -9.85
N LEU C 199 40.22 11.43 -9.75
CA LEU C 199 40.16 10.57 -10.94
C LEU C 199 38.91 10.90 -11.75
N ILE C 200 37.81 11.13 -11.07
CA ILE C 200 36.57 11.43 -11.77
C ILE C 200 36.66 12.83 -12.36
N GLU C 201 36.82 13.82 -11.48
CA GLU C 201 36.93 15.22 -11.91
C GLU C 201 37.71 15.30 -13.21
N ARG C 202 38.66 14.40 -13.38
CA ARG C 202 39.48 14.38 -14.58
C ARG C 202 38.93 13.51 -15.71
N GLU C 203 37.76 12.91 -15.50
CA GLU C 203 37.12 12.10 -16.54
C GLU C 203 35.93 12.91 -17.00
N ARG C 204 35.58 13.88 -16.16
CA ARG C 204 34.48 14.80 -16.40
C ARG C 204 35.04 15.95 -17.21
N SER C 205 36.14 15.65 -17.85
CA SER C 205 36.81 16.56 -18.70
C SER C 205 37.99 15.92 -19.43
N GLY C 206 37.75 15.08 -20.40
CA GLY C 206 38.86 14.66 -21.34
C GLY C 206 40.09 13.73 -21.09
N GLU C 207 40.17 13.04 -19.96
CA GLU C 207 41.23 12.08 -19.70
C GLU C 207 40.47 10.80 -19.54
N ALA C 208 41.17 9.72 -19.37
CA ALA C 208 40.55 8.44 -19.04
C ALA C 208 40.92 8.26 -17.58
N VAL C 209 40.50 7.17 -16.95
CA VAL C 209 40.84 6.97 -15.54
C VAL C 209 40.82 5.53 -15.06
N ASP C 210 40.58 4.61 -16.00
CA ASP C 210 40.51 3.18 -15.65
C ASP C 210 39.32 2.97 -14.73
N ARG C 211 38.20 2.63 -15.37
CA ARG C 211 36.95 2.39 -14.68
C ARG C 211 37.13 1.37 -13.56
N SER C 212 37.62 0.20 -13.92
CA SER C 212 37.84 -0.87 -12.96
C SER C 212 38.43 -0.43 -11.62
N LEU C 213 39.57 0.25 -11.64
CA LEU C 213 40.20 0.70 -10.40
C LEU C 213 39.24 1.38 -9.46
N LEU C 214 38.27 2.10 -10.00
CA LEU C 214 37.31 2.80 -9.15
C LEU C 214 36.13 1.90 -8.80
N ARG C 215 35.62 1.18 -9.80
CA ARG C 215 34.49 0.32 -9.55
C ARG C 215 34.83 -0.56 -8.39
N SER C 216 36.12 -0.84 -8.28
CA SER C 216 36.62 -1.68 -7.22
C SER C 216 36.70 -0.89 -5.91
N LEU C 217 37.47 0.20 -5.90
CA LEU C 217 37.63 1.02 -4.72
C LEU C 217 36.32 1.55 -4.14
N LEU C 218 35.39 1.87 -5.02
CA LEU C 218 34.12 2.36 -4.55
C LEU C 218 33.32 1.18 -4.02
N GLY C 219 33.37 0.07 -4.76
CA GLY C 219 32.67 -1.12 -4.33
C GLY C 219 33.14 -1.37 -2.91
N MET C 220 34.46 -1.50 -2.75
CA MET C 220 35.04 -1.72 -1.45
C MET C 220 34.33 -0.83 -0.46
N LEU C 221 34.49 0.49 -0.62
CA LEU C 221 33.87 1.47 0.29
C LEU C 221 32.47 1.08 0.63
N SER C 222 31.75 0.57 -0.36
CA SER C 222 30.39 0.14 -0.12
C SER C 222 30.50 -1.07 0.81
N ASP C 223 31.02 -2.19 0.30
CA ASP C 223 31.17 -3.41 1.09
C ASP C 223 31.62 -3.15 2.54
N LEU C 224 32.31 -2.04 2.71
CA LEU C 224 32.84 -1.63 4.00
C LEU C 224 31.89 -0.69 4.78
N GLN C 225 30.82 -0.27 4.13
CA GLN C 225 29.86 0.61 4.79
C GLN C 225 30.40 2.00 5.18
N VAL C 226 31.07 2.65 4.24
CA VAL C 226 31.60 3.98 4.48
C VAL C 226 31.41 4.83 3.23
N TYR C 227 30.71 4.25 2.26
CA TYR C 227 30.42 4.92 1.00
C TYR C 227 29.50 6.12 1.19
N LYS C 228 28.23 5.85 1.44
CA LYS C 228 27.28 6.93 1.63
C LYS C 228 27.64 7.69 2.90
N ASP C 229 28.90 8.08 3.07
CA ASP C 229 29.28 8.81 4.29
C ASP C 229 30.72 9.32 4.29
N SER C 230 31.63 8.59 3.67
CA SER C 230 33.02 9.04 3.62
C SER C 230 33.34 9.36 2.16
N PHE C 231 32.29 9.33 1.35
CA PHE C 231 32.42 9.60 -0.08
C PHE C 231 31.24 10.32 -0.74
N GLU C 232 30.03 10.00 -0.31
CA GLU C 232 28.82 10.59 -0.88
C GLU C 232 28.78 12.11 -0.89
N LEU C 233 28.67 12.72 0.29
CA LEU C 233 28.60 14.17 0.37
C LEU C 233 29.65 14.77 -0.51
N LYS C 234 30.91 14.70 -0.08
CA LYS C 234 31.99 15.26 -0.89
C LYS C 234 31.59 15.13 -2.35
N PHE C 235 31.44 13.89 -2.81
CA PHE C 235 31.05 13.68 -4.20
C PHE C 235 29.98 14.63 -4.65
N LEU C 236 28.84 14.59 -3.98
CA LEU C 236 27.79 15.50 -4.39
C LEU C 236 28.24 16.94 -4.14
N GLU C 237 28.60 17.26 -2.91
CA GLU C 237 29.02 18.62 -2.58
C GLU C 237 30.02 19.14 -3.60
N GLU C 238 30.70 18.24 -4.29
CA GLU C 238 31.70 18.66 -5.28
C GLU C 238 31.13 18.67 -6.70
N THR C 239 29.96 18.08 -6.85
CA THR C 239 29.32 18.05 -8.16
C THR C 239 28.37 19.25 -8.19
N ASN C 240 27.49 19.37 -7.20
CA ASN C 240 26.56 20.49 -7.12
C ASN C 240 27.34 21.78 -6.99
N CYS C 241 28.59 21.72 -7.40
CA CYS C 241 29.47 22.87 -7.35
C CYS C 241 30.06 23.01 -8.74
N LEU C 242 30.77 21.97 -9.19
CA LEU C 242 31.40 22.00 -10.50
C LEU C 242 30.40 22.38 -11.58
N TYR C 243 29.24 21.73 -11.56
CA TYR C 243 28.22 22.02 -12.56
C TYR C 243 27.62 23.40 -12.36
N ALA C 244 27.64 23.86 -11.12
CA ALA C 244 27.13 25.19 -10.82
C ALA C 244 27.89 26.15 -11.72
N ALA C 245 29.21 25.99 -11.77
CA ALA C 245 30.06 26.84 -12.60
C ALA C 245 29.71 26.69 -14.07
N GLU C 246 29.74 25.46 -14.58
CA GLU C 246 29.41 25.18 -15.98
C GLU C 246 28.23 26.04 -16.45
N GLY C 247 27.22 26.15 -15.59
CA GLY C 247 26.03 26.94 -15.89
C GLY C 247 26.44 28.27 -16.48
N GLN C 248 26.90 29.20 -15.63
CA GLN C 248 27.34 30.51 -16.10
C GLN C 248 28.30 30.36 -17.25
N ARG C 249 29.50 29.88 -16.97
CA ARG C 249 30.49 29.71 -18.02
C ARG C 249 29.85 29.35 -19.37
N LEU C 250 29.02 28.32 -19.39
CA LEU C 250 28.41 27.91 -20.64
C LEU C 250 27.19 28.66 -21.15
N MET C 251 26.51 29.41 -20.28
CA MET C 251 25.34 30.17 -20.72
C MET C 251 25.83 31.34 -21.55
N GLN C 252 26.78 32.08 -20.98
CA GLN C 252 27.35 33.19 -21.65
C GLN C 252 28.21 32.75 -22.84
N GLU C 253 28.63 31.47 -22.90
CA GLU C 253 29.68 31.14 -23.86
C GLU C 253 29.40 30.51 -25.19
N ARG C 254 28.30 29.85 -25.28
CA ARG C 254 27.95 29.18 -26.48
C ARG C 254 26.45 29.46 -26.77
N GLU C 255 25.93 29.26 -27.95
CA GLU C 255 24.51 29.51 -28.17
C GLU C 255 23.67 28.47 -27.41
N VAL C 256 22.37 28.39 -27.70
CA VAL C 256 21.50 27.45 -27.01
C VAL C 256 21.41 26.05 -27.60
N PRO C 257 21.11 25.96 -28.90
CA PRO C 257 21.03 24.62 -29.49
C PRO C 257 22.21 23.77 -29.03
N GLU C 258 23.34 24.45 -28.88
CA GLU C 258 24.57 23.80 -28.51
C GLU C 258 24.68 23.60 -27.00
N TYR C 259 24.05 24.47 -26.25
CA TYR C 259 24.08 24.34 -24.80
C TYR C 259 23.19 23.17 -24.42
N LEU C 260 22.00 23.13 -25.00
CA LEU C 260 21.07 22.06 -24.71
C LEU C 260 21.63 20.73 -25.15
N ASN C 261 22.65 20.78 -25.99
CA ASN C 261 23.29 19.55 -26.46
C ASN C 261 24.27 19.08 -25.42
N HIS C 262 24.93 20.04 -24.79
CA HIS C 262 25.90 19.75 -23.75
C HIS C 262 25.20 19.23 -22.52
N VAL C 263 23.94 19.59 -22.37
CA VAL C 263 23.21 19.13 -21.21
C VAL C 263 22.76 17.68 -21.40
N SER C 264 22.38 17.34 -22.63
CA SER C 264 21.94 15.99 -22.90
C SER C 264 23.16 15.09 -22.97
N LYS C 265 24.34 15.70 -22.88
CA LYS C 265 25.58 14.92 -22.93
C LYS C 265 25.96 14.59 -21.51
N ARG C 266 26.02 15.60 -20.65
CA ARG C 266 26.36 15.38 -19.26
C ARG C 266 25.38 14.38 -18.63
N LEU C 267 24.10 14.53 -18.92
CA LEU C 267 23.13 13.61 -18.36
C LEU C 267 23.42 12.19 -18.80
N GLU C 268 23.93 12.02 -20.01
CA GLU C 268 24.29 10.70 -20.56
C GLU C 268 25.53 10.20 -19.83
N GLU C 269 26.48 11.08 -19.61
CA GLU C 269 27.71 10.70 -18.95
C GLU C 269 27.46 10.41 -17.48
N GLU C 270 26.87 11.36 -16.75
CA GLU C 270 26.62 11.11 -15.34
C GLU C 270 25.70 9.92 -15.18
N GLY C 271 25.07 9.50 -16.28
CA GLY C 271 24.18 8.37 -16.22
C GLY C 271 24.95 7.08 -16.46
N ASP C 272 25.76 7.10 -17.52
CA ASP C 272 26.58 5.96 -17.89
C ASP C 272 27.75 5.87 -16.92
N ARG C 273 27.64 6.60 -15.81
CA ARG C 273 28.69 6.58 -14.80
C ARG C 273 28.15 5.71 -13.70
N VAL C 274 26.92 5.99 -13.28
CA VAL C 274 26.26 5.20 -12.24
C VAL C 274 26.37 3.70 -12.57
N ILE C 275 26.13 3.35 -13.83
CA ILE C 275 26.24 1.95 -14.22
C ILE C 275 27.63 1.44 -13.92
N THR C 276 28.64 2.18 -14.33
CA THR C 276 30.01 1.75 -14.07
C THR C 276 30.38 1.80 -12.59
N TYR C 277 31.29 2.68 -12.20
CA TYR C 277 31.70 2.72 -10.82
C TYR C 277 30.79 3.26 -9.73
N LEU C 278 29.61 3.78 -10.05
CA LEU C 278 28.76 4.31 -8.99
C LEU C 278 27.70 3.41 -8.38
N ASP C 279 27.31 3.74 -7.17
CA ASP C 279 26.28 2.97 -6.47
C ASP C 279 24.89 3.38 -6.96
N HIS C 280 24.13 2.39 -7.47
CA HIS C 280 22.78 2.62 -7.97
C HIS C 280 21.97 3.59 -7.12
N SER C 281 22.35 3.76 -5.85
CA SER C 281 21.63 4.66 -4.96
C SER C 281 21.79 6.08 -5.43
N THR C 282 23.05 6.47 -5.56
CA THR C 282 23.49 7.81 -5.95
C THR C 282 22.81 8.39 -7.19
N GLN C 283 22.63 7.59 -8.22
CA GLN C 283 21.99 8.05 -9.46
C GLN C 283 20.87 9.06 -9.25
N LYS C 284 19.99 8.82 -8.28
CA LYS C 284 18.87 9.74 -8.02
C LYS C 284 19.34 11.12 -7.52
N PRO C 285 20.11 11.15 -6.42
CA PRO C 285 20.56 12.46 -5.95
C PRO C 285 21.43 13.19 -6.98
N LEU C 286 22.43 12.49 -7.50
CA LEU C 286 23.32 13.08 -8.48
C LEU C 286 22.59 13.74 -9.62
N ILE C 287 21.85 12.95 -10.38
CA ILE C 287 21.12 13.50 -11.50
C ILE C 287 20.25 14.68 -11.16
N ALA C 288 19.60 14.67 -10.01
CA ALA C 288 18.77 15.81 -9.61
C ALA C 288 19.66 17.04 -9.53
N CYS C 289 20.83 16.88 -8.93
CA CYS C 289 21.78 17.98 -8.81
C CYS C 289 22.13 18.51 -10.20
N VAL C 290 22.66 17.66 -11.07
CA VAL C 290 23.00 18.09 -12.42
C VAL C 290 21.83 18.82 -13.05
N GLU C 291 20.65 18.21 -13.02
CA GLU C 291 19.46 18.85 -13.60
C GLU C 291 19.24 20.23 -12.99
N LYS C 292 19.34 20.32 -11.66
CA LYS C 292 19.12 21.60 -10.99
C LYS C 292 20.37 22.46 -10.98
N GLN C 293 21.05 22.56 -12.12
CA GLN C 293 22.27 23.36 -12.23
C GLN C 293 22.58 23.57 -13.68
N LEU C 294 21.91 22.83 -14.54
CA LEU C 294 22.10 22.99 -15.97
C LEU C 294 20.77 23.38 -16.58
N LEU C 295 19.68 23.14 -15.84
CA LEU C 295 18.35 23.49 -16.31
C LEU C 295 17.63 24.29 -15.21
N GLY C 296 17.39 23.68 -14.07
CA GLY C 296 16.78 24.47 -13.02
C GLY C 296 17.88 25.48 -12.82
N GLU C 297 17.53 26.71 -12.46
CA GLU C 297 18.51 27.79 -12.23
C GLU C 297 18.66 28.62 -13.47
N HIS C 298 18.00 28.22 -14.56
CA HIS C 298 18.07 28.93 -15.85
C HIS C 298 17.17 28.24 -16.74
N LEU C 299 16.02 28.76 -16.82
CA LEU C 299 15.08 28.19 -17.69
C LEU C 299 14.67 29.39 -18.44
N THR C 300 14.18 30.25 -17.56
CA THR C 300 13.78 31.60 -17.86
C THR C 300 14.86 32.21 -18.71
N ALA C 301 16.08 32.18 -18.20
CA ALA C 301 17.21 32.75 -18.92
C ALA C 301 17.50 32.08 -20.27
N ILE C 302 17.26 30.77 -20.35
CA ILE C 302 17.50 29.98 -21.57
C ILE C 302 16.47 30.22 -22.67
N LEU C 303 15.22 30.45 -22.27
CA LEU C 303 14.16 30.70 -23.23
C LEU C 303 14.28 32.15 -23.71
N GLN C 304 14.31 33.04 -22.73
CA GLN C 304 14.40 34.47 -22.94
C GLN C 304 15.39 34.82 -24.03
N LYS C 305 16.43 34.02 -24.18
CA LYS C 305 17.42 34.32 -25.17
C LYS C 305 17.76 33.16 -26.08
N GLY C 306 16.76 32.54 -26.69
CA GLY C 306 17.03 31.42 -27.57
C GLY C 306 15.80 30.78 -28.18
N LEU C 307 14.71 30.77 -27.42
CA LEU C 307 13.46 30.18 -27.91
C LEU C 307 12.98 30.94 -29.13
N ASP C 308 12.68 32.23 -28.96
CA ASP C 308 12.19 33.04 -30.08
C ASP C 308 12.91 32.64 -31.36
N HIS C 309 14.20 32.93 -31.42
CA HIS C 309 15.02 32.59 -32.59
C HIS C 309 14.73 31.16 -33.08
N LEU C 310 14.71 30.19 -32.17
CA LEU C 310 14.44 28.80 -32.53
C LEU C 310 13.13 28.60 -33.29
N LEU C 311 12.06 29.26 -32.83
CA LEU C 311 10.78 29.12 -33.48
C LEU C 311 10.65 29.74 -34.87
N ASP C 312 10.91 31.03 -35.00
CA ASP C 312 10.76 31.65 -36.31
C ASP C 312 11.86 31.31 -37.32
N GLU C 313 12.60 30.24 -37.02
CA GLU C 313 13.66 29.77 -37.89
C GLU C 313 13.42 28.28 -38.15
N ASN C 314 12.54 27.72 -37.33
CA ASN C 314 12.13 26.33 -37.42
C ASN C 314 13.16 25.21 -37.13
N ARG C 315 13.94 25.38 -36.07
CA ARG C 315 14.93 24.39 -35.64
C ARG C 315 14.16 23.29 -34.93
N VAL C 316 13.56 22.39 -35.70
CA VAL C 316 12.78 21.26 -35.19
C VAL C 316 13.54 20.43 -34.15
N PRO C 317 14.67 19.82 -34.56
CA PRO C 317 15.49 19.00 -33.67
C PRO C 317 15.75 19.71 -32.36
N ASP C 318 16.19 20.96 -32.47
CA ASP C 318 16.52 21.76 -31.30
C ASP C 318 15.31 22.02 -30.40
N LEU C 319 14.16 22.10 -31.01
CA LEU C 319 12.95 22.33 -30.25
C LEU C 319 12.60 21.10 -29.43
N ALA C 320 12.90 19.93 -30.00
CA ALA C 320 12.62 18.66 -29.34
C ALA C 320 13.49 18.46 -28.12
N GLN C 321 14.79 18.56 -28.32
CA GLN C 321 15.70 18.39 -27.19
C GLN C 321 15.25 19.34 -26.08
N MET C 322 14.81 20.53 -26.47
CA MET C 322 14.37 21.48 -25.48
C MET C 322 13.13 20.97 -24.77
N TYR C 323 12.17 20.48 -25.53
CA TYR C 323 10.95 19.97 -24.92
C TYR C 323 11.27 18.88 -23.91
N GLN C 324 11.90 17.81 -24.40
CA GLN C 324 12.27 16.70 -23.52
C GLN C 324 13.02 17.21 -22.29
N LEU C 325 14.14 17.87 -22.48
CA LEU C 325 14.88 18.40 -21.34
C LEU C 325 13.96 19.15 -20.39
N PHE C 326 13.56 20.35 -20.78
CA PHE C 326 12.70 21.15 -19.93
C PHE C 326 11.63 20.39 -19.18
N SER C 327 11.12 19.33 -19.79
CA SER C 327 10.08 18.55 -19.15
C SER C 327 10.55 17.98 -17.82
N ARG C 328 11.76 17.44 -17.80
CA ARG C 328 12.34 16.87 -16.59
C ARG C 328 12.39 17.77 -15.37
N VAL C 329 12.43 19.08 -15.56
CA VAL C 329 12.56 19.99 -14.42
C VAL C 329 11.28 20.38 -13.72
N ARG C 330 11.43 21.07 -12.59
CA ARG C 330 10.33 21.57 -11.78
C ARG C 330 9.26 22.14 -12.69
N GLY C 331 9.29 23.46 -12.85
CA GLY C 331 8.31 24.10 -13.72
C GLY C 331 8.90 24.41 -15.07
N GLY C 332 9.56 23.41 -15.65
CA GLY C 332 10.21 23.58 -16.94
C GLY C 332 9.24 23.49 -18.10
N GLN C 333 8.34 22.51 -18.07
CA GLN C 333 7.39 22.39 -19.16
C GLN C 333 6.36 23.52 -19.04
N GLN C 334 6.15 23.96 -17.81
CA GLN C 334 5.22 25.04 -17.54
C GLN C 334 5.76 26.34 -18.12
N ALA C 335 7.01 26.63 -17.83
CA ALA C 335 7.65 27.84 -18.31
C ALA C 335 7.82 27.81 -19.83
N LEU C 336 8.00 26.63 -20.41
CA LEU C 336 8.14 26.55 -21.86
C LEU C 336 6.85 26.96 -22.57
N LEU C 337 5.72 26.70 -21.93
CA LEU C 337 4.41 27.06 -22.46
C LEU C 337 4.34 28.57 -22.56
N GLN C 338 4.45 29.19 -21.40
CA GLN C 338 4.37 30.64 -21.25
C GLN C 338 5.00 31.34 -22.44
N HIS C 339 6.31 31.15 -22.62
CA HIS C 339 7.00 31.79 -23.73
C HIS C 339 6.39 31.43 -25.06
N TRP C 340 6.29 30.13 -25.34
CA TRP C 340 5.73 29.67 -26.60
C TRP C 340 4.43 30.38 -26.96
N SER C 341 3.55 30.55 -25.98
CA SER C 341 2.27 31.21 -26.20
C SER C 341 2.46 32.70 -26.47
N GLU C 342 3.21 33.36 -25.60
CA GLU C 342 3.43 34.77 -25.77
C GLU C 342 4.21 34.99 -27.05
N TYR C 343 4.79 33.94 -27.60
CA TYR C 343 5.51 34.07 -28.86
C TYR C 343 4.47 34.07 -29.97
N ILE C 344 3.62 33.04 -29.95
CA ILE C 344 2.55 32.89 -30.93
C ILE C 344 1.77 34.18 -31.08
N LYS C 345 1.33 34.74 -29.96
CA LYS C 345 0.57 36.00 -29.99
C LYS C 345 1.39 37.14 -30.58
N THR C 346 2.59 37.36 -30.07
CA THR C 346 3.39 38.45 -30.58
C THR C 346 3.59 38.38 -32.09
N PHE C 347 4.07 37.25 -32.58
CA PHE C 347 4.29 37.15 -34.02
C PHE C 347 2.96 37.09 -34.73
N GLY C 348 1.96 36.56 -34.03
CA GLY C 348 0.64 36.43 -34.61
C GLY C 348 -0.08 37.77 -34.77
N THR C 349 0.04 38.62 -33.76
CA THR C 349 -0.58 39.94 -33.77
C THR C 349 -0.14 40.71 -35.01
N ALA C 350 1.16 40.86 -35.16
CA ALA C 350 1.71 41.60 -36.28
C ALA C 350 1.39 41.01 -37.64
N ILE C 351 0.47 40.06 -37.69
CA ILE C 351 0.07 39.46 -38.95
C ILE C 351 -1.28 40.00 -39.30
N VAL C 352 -2.01 40.42 -38.27
CA VAL C 352 -3.37 40.92 -38.43
C VAL C 352 -3.66 42.34 -37.98
N ILE C 353 -2.67 43.12 -37.56
CA ILE C 353 -3.00 44.44 -37.07
C ILE C 353 -2.68 45.63 -37.96
N ASN C 354 -1.93 45.43 -39.04
CA ASN C 354 -1.63 46.55 -39.92
C ASN C 354 -2.51 46.47 -41.17
N PRO C 355 -3.47 47.39 -41.27
CA PRO C 355 -4.38 47.44 -42.42
C PRO C 355 -3.66 47.36 -43.75
N GLU C 356 -2.43 47.83 -43.78
CA GLU C 356 -1.68 47.84 -45.03
C GLU C 356 -1.31 46.45 -45.53
N LYS C 357 -1.27 45.48 -44.61
CA LYS C 357 -0.88 44.11 -44.95
C LYS C 357 -2.03 43.10 -45.03
N ASP C 358 -3.26 43.59 -45.08
CA ASP C 358 -4.46 42.74 -45.15
C ASP C 358 -4.57 41.84 -46.37
N LYS C 359 -3.86 42.20 -47.43
CA LYS C 359 -3.88 41.41 -48.64
C LYS C 359 -3.34 40.04 -48.33
N ASP C 360 -2.25 40.01 -47.56
CA ASP C 360 -1.59 38.77 -47.18
C ASP C 360 -2.14 38.19 -45.89
N MET C 361 -3.01 38.95 -45.24
CA MET C 361 -3.64 38.57 -43.98
C MET C 361 -3.90 37.09 -43.75
N VAL C 362 -4.82 36.52 -44.52
CA VAL C 362 -5.24 35.12 -44.37
C VAL C 362 -4.21 34.05 -44.67
N GLN C 363 -3.66 34.10 -45.88
CA GLN C 363 -2.69 33.10 -46.25
C GLN C 363 -1.62 33.01 -45.18
N ASP C 364 -1.11 34.15 -44.75
CA ASP C 364 -0.08 34.13 -43.74
C ASP C 364 -0.60 33.57 -42.43
N LEU C 365 -1.86 33.84 -42.11
CA LEU C 365 -2.41 33.28 -40.89
C LEU C 365 -2.43 31.76 -41.04
N LEU C 366 -2.97 31.28 -42.16
CA LEU C 366 -3.03 29.84 -42.39
C LEU C 366 -1.63 29.23 -42.28
N ASP C 367 -0.69 29.72 -43.07
CA ASP C 367 0.67 29.20 -43.07
C ASP C 367 1.33 29.22 -41.69
N PHE C 368 1.03 30.23 -40.89
CA PHE C 368 1.60 30.30 -39.55
C PHE C 368 1.05 29.10 -38.81
N LYS C 369 -0.27 29.07 -38.69
CA LYS C 369 -0.98 27.98 -38.01
C LYS C 369 -0.36 26.63 -38.35
N ASP C 370 0.13 26.47 -39.58
CA ASP C 370 0.76 25.22 -39.96
C ASP C 370 2.08 25.02 -39.23
N LYS C 371 3.00 25.97 -39.38
CA LYS C 371 4.28 25.87 -38.69
C LYS C 371 4.03 25.52 -37.22
N VAL C 372 3.18 26.32 -36.58
CA VAL C 372 2.83 26.13 -35.19
C VAL C 372 2.36 24.71 -34.92
N ASP C 373 1.35 24.28 -35.67
CA ASP C 373 0.81 22.93 -35.51
C ASP C 373 1.88 21.89 -35.70
N HIS C 374 2.56 21.95 -36.84
CA HIS C 374 3.62 21.00 -37.14
C HIS C 374 4.66 20.88 -36.03
N VAL C 375 4.92 21.95 -35.28
CA VAL C 375 5.89 21.85 -34.19
C VAL C 375 5.28 21.11 -33.03
N ILE C 376 3.97 21.24 -32.85
CA ILE C 376 3.30 20.54 -31.75
C ILE C 376 3.34 19.02 -31.97
N GLU C 377 3.18 18.58 -33.22
CA GLU C 377 3.22 17.15 -33.52
C GLU C 377 4.58 16.60 -33.15
N VAL C 378 5.55 16.82 -34.03
CA VAL C 378 6.91 16.36 -33.81
C VAL C 378 7.56 16.83 -32.51
N CYS C 379 7.96 18.10 -32.48
CA CYS C 379 8.64 18.68 -31.31
C CYS C 379 8.01 18.58 -29.89
N PHE C 380 6.69 18.60 -29.78
CA PHE C 380 6.10 18.54 -28.45
C PHE C 380 5.31 17.26 -28.19
N GLN C 381 5.51 16.26 -29.05
CA GLN C 381 4.82 14.98 -28.91
C GLN C 381 3.31 15.08 -28.75
N LYS C 382 2.72 16.12 -29.32
CA LYS C 382 1.27 16.29 -29.23
C LYS C 382 0.80 16.64 -27.83
N ASN C 383 1.69 16.95 -26.90
CA ASN C 383 1.22 17.27 -25.55
C ASN C 383 0.00 18.15 -25.67
N GLU C 384 -1.14 17.68 -25.18
CA GLU C 384 -2.36 18.46 -25.31
C GLU C 384 -2.41 19.76 -24.54
N ARG C 385 -1.58 19.91 -23.51
CA ARG C 385 -1.56 21.16 -22.74
C ARG C 385 -1.21 22.27 -23.72
N PHE C 386 -0.36 21.91 -24.67
CA PHE C 386 0.12 22.82 -25.70
C PHE C 386 -0.91 23.13 -26.78
N VAL C 387 -1.70 22.13 -27.15
CA VAL C 387 -2.73 22.35 -28.15
C VAL C 387 -3.71 23.33 -27.52
N ASN C 388 -4.02 23.13 -26.25
CA ASN C 388 -4.92 24.02 -25.53
C ASN C 388 -4.41 25.44 -25.70
N LEU C 389 -3.19 25.70 -25.22
CA LEU C 389 -2.62 27.03 -25.29
C LEU C 389 -2.49 27.64 -26.69
N MET C 390 -2.11 26.83 -27.68
CA MET C 390 -2.01 27.32 -29.06
C MET C 390 -3.41 27.76 -29.49
N LYS C 391 -4.38 26.88 -29.29
CA LYS C 391 -5.74 27.20 -29.63
C LYS C 391 -6.13 28.46 -28.88
N GLU C 392 -6.21 28.38 -27.56
CA GLU C 392 -6.59 29.55 -26.75
C GLU C 392 -5.88 30.86 -27.17
N SER C 393 -4.55 30.84 -27.18
CA SER C 393 -3.83 32.06 -27.52
C SER C 393 -4.11 32.52 -28.96
N PHE C 394 -4.20 31.58 -29.89
CA PHE C 394 -4.47 31.92 -31.28
C PHE C 394 -5.69 32.81 -31.42
N GLU C 395 -6.67 32.58 -30.56
CA GLU C 395 -7.90 33.33 -30.57
C GLU C 395 -7.76 34.65 -29.82
N THR C 396 -6.68 34.82 -29.09
CA THR C 396 -6.52 36.05 -28.35
C THR C 396 -5.93 37.09 -29.30
N PHE C 397 -5.05 36.67 -30.20
CA PHE C 397 -4.46 37.63 -31.11
C PHE C 397 -5.25 37.95 -32.37
N ILE C 398 -5.96 36.99 -32.91
CA ILE C 398 -6.69 37.30 -34.13
C ILE C 398 -7.81 38.27 -33.81
N ASN C 399 -8.32 38.22 -32.60
CA ASN C 399 -9.42 39.11 -32.25
C ASN C 399 -9.03 40.44 -31.69
N LYS C 400 -7.76 40.79 -31.85
CA LYS C 400 -7.28 42.10 -31.39
C LYS C 400 -7.61 43.05 -32.54
N ARG C 401 -8.00 42.48 -33.67
CA ARG C 401 -8.40 43.21 -34.87
C ARG C 401 -9.86 42.89 -35.13
N PRO C 402 -10.78 43.68 -34.57
CA PRO C 402 -12.22 43.57 -34.66
C PRO C 402 -12.93 42.89 -35.82
N ASN C 403 -13.07 43.55 -36.97
CA ASN C 403 -13.86 42.90 -38.02
C ASN C 403 -13.26 42.38 -39.29
N LYS C 404 -12.05 42.81 -39.62
CA LYS C 404 -11.43 42.35 -40.85
C LYS C 404 -11.24 40.83 -40.95
N PRO C 405 -10.60 40.22 -39.94
CA PRO C 405 -10.40 38.77 -40.01
C PRO C 405 -11.56 38.05 -40.69
N ALA C 406 -12.71 38.06 -40.04
CA ALA C 406 -13.90 37.40 -40.55
C ALA C 406 -14.12 37.76 -42.01
N GLU C 407 -14.16 39.07 -42.31
CA GLU C 407 -14.38 39.51 -43.68
C GLU C 407 -13.40 38.80 -44.60
N LEU C 408 -12.13 39.15 -44.45
CA LEU C 408 -11.09 38.57 -45.28
C LEU C 408 -11.21 37.06 -45.46
N ILE C 409 -11.43 36.32 -44.38
CA ILE C 409 -11.56 34.87 -44.48
C ILE C 409 -12.53 34.58 -45.61
N ALA C 410 -13.67 35.27 -45.59
CA ALA C 410 -14.69 35.09 -46.61
C ALA C 410 -14.18 35.41 -48.01
N LYS C 411 -13.69 36.64 -48.19
CA LYS C 411 -13.18 37.07 -49.49
C LYS C 411 -12.10 36.09 -49.99
N HIS C 412 -11.53 35.32 -49.06
CA HIS C 412 -10.49 34.34 -49.38
C HIS C 412 -11.17 33.10 -49.92
N VAL C 413 -12.19 32.64 -49.19
CA VAL C 413 -12.93 31.45 -49.59
C VAL C 413 -13.53 31.70 -50.96
N ASP C 414 -13.97 32.93 -51.19
CA ASP C 414 -14.57 33.30 -52.46
C ASP C 414 -13.59 33.13 -53.61
N SER C 415 -12.31 33.35 -53.36
CA SER C 415 -11.35 33.20 -54.44
C SER C 415 -11.03 31.74 -54.67
N LYS C 416 -11.56 30.88 -53.81
CA LYS C 416 -11.30 29.45 -53.95
C LYS C 416 -12.43 28.75 -54.67
N LEU C 417 -13.56 29.42 -54.78
CA LEU C 417 -14.70 28.82 -55.43
C LEU C 417 -15.07 29.42 -56.79
N ARG C 418 -14.36 30.47 -57.21
CA ARG C 418 -14.63 31.10 -58.50
C ARG C 418 -14.01 30.28 -59.63
N ALA C 419 -14.10 30.77 -60.87
CA ALA C 419 -13.54 30.14 -62.08
C ALA C 419 -12.01 30.18 -61.97
N GLY C 420 -11.42 28.99 -62.11
CA GLY C 420 -10.02 28.86 -62.02
C GLY C 420 -9.47 27.40 -61.68
N ASN C 421 -8.41 27.01 -62.52
CA ASN C 421 -7.52 25.82 -62.81
C ASN C 421 -6.67 25.28 -61.67
N LYS C 422 -6.36 26.23 -60.82
CA LYS C 422 -5.61 26.09 -59.60
C LYS C 422 -6.38 25.28 -58.66
N GLU C 423 -7.66 25.24 -58.81
CA GLU C 423 -8.30 24.39 -57.83
C GLU C 423 -8.71 23.18 -58.54
N ALA C 424 -7.79 22.54 -59.20
CA ALA C 424 -8.16 21.48 -60.09
C ALA C 424 -8.42 20.09 -59.53
N THR C 425 -8.37 19.89 -58.21
CA THR C 425 -8.63 18.57 -57.63
C THR C 425 -9.60 18.75 -56.47
N ASP C 426 -10.33 17.69 -56.14
CA ASP C 426 -11.30 17.75 -55.06
C ASP C 426 -10.68 17.29 -53.75
N GLU C 427 -9.79 16.31 -53.82
CA GLU C 427 -9.15 15.81 -52.63
C GLU C 427 -8.56 16.96 -51.81
N GLU C 428 -7.76 17.81 -52.46
CA GLU C 428 -7.12 18.93 -51.75
C GLU C 428 -7.95 20.19 -51.59
N LEU C 429 -9.01 20.34 -52.38
CA LEU C 429 -9.88 21.52 -52.28
C LEU C 429 -10.67 21.37 -51.00
N GLU C 430 -10.96 20.13 -50.63
CA GLU C 430 -11.69 19.86 -49.40
C GLU C 430 -10.74 20.09 -48.23
N ARG C 431 -9.45 20.00 -48.50
CA ARG C 431 -8.44 20.20 -47.48
C ARG C 431 -8.18 21.67 -47.25
N THR C 432 -7.95 22.39 -48.34
CA THR C 432 -7.68 23.82 -48.23
C THR C 432 -8.93 24.48 -47.67
N LEU C 433 -10.04 23.79 -47.83
CA LEU C 433 -11.33 24.28 -47.36
C LEU C 433 -11.48 23.96 -45.87
N ASP C 434 -10.95 22.80 -45.47
CA ASP C 434 -11.05 22.42 -44.07
C ASP C 434 -9.99 23.12 -43.24
N LYS C 435 -8.87 23.42 -43.87
CA LYS C 435 -7.83 24.10 -43.15
C LYS C 435 -8.34 25.48 -42.76
N ILE C 436 -9.06 26.12 -43.67
CA ILE C 436 -9.58 27.46 -43.38
C ILE C 436 -10.60 27.40 -42.26
N MET C 437 -11.53 26.46 -42.40
CA MET C 437 -12.59 26.28 -41.43
C MET C 437 -12.05 26.18 -40.01
N ILE C 438 -10.86 25.60 -39.87
CA ILE C 438 -10.29 25.46 -38.54
C ILE C 438 -9.82 26.80 -38.01
N LEU C 439 -9.57 27.75 -38.91
CA LEU C 439 -9.16 29.09 -38.50
C LEU C 439 -10.46 29.73 -38.06
N PHE C 440 -11.39 29.75 -39.00
CA PHE C 440 -12.72 30.29 -38.79
C PHE C 440 -13.08 30.28 -37.32
N ARG C 441 -13.20 29.07 -36.79
CA ARG C 441 -13.58 28.86 -35.40
C ARG C 441 -12.98 29.87 -34.43
N PHE C 442 -11.84 30.42 -34.77
CA PHE C 442 -11.21 31.37 -33.87
C PHE C 442 -11.80 32.77 -33.90
N ILE C 443 -12.39 33.14 -35.03
CA ILE C 443 -12.95 34.48 -35.21
C ILE C 443 -14.18 34.91 -34.41
N HIS C 444 -14.24 36.20 -34.11
CA HIS C 444 -15.34 36.83 -33.38
C HIS C 444 -16.07 37.77 -34.33
N GLY C 445 -17.27 37.40 -34.77
CA GLY C 445 -17.97 38.27 -35.68
C GLY C 445 -18.23 37.55 -36.97
N LYS C 446 -18.59 36.28 -36.82
CA LYS C 446 -18.88 35.46 -37.96
C LYS C 446 -20.09 36.06 -38.67
N ASP C 447 -20.82 36.93 -37.98
CA ASP C 447 -21.96 37.57 -38.60
C ASP C 447 -21.45 38.47 -39.73
N VAL C 448 -20.15 38.72 -39.73
CA VAL C 448 -19.52 39.54 -40.75
C VAL C 448 -19.08 38.62 -41.86
N PHE C 449 -18.75 37.40 -41.46
CA PHE C 449 -18.34 36.38 -42.40
C PHE C 449 -19.53 36.10 -43.28
N GLU C 450 -20.64 35.75 -42.63
CA GLU C 450 -21.90 35.46 -43.30
C GLU C 450 -22.15 36.62 -44.25
N ALA C 451 -22.14 37.82 -43.68
CA ALA C 451 -22.34 39.05 -44.42
C ALA C 451 -21.67 38.97 -45.78
N PHE C 452 -20.36 39.15 -45.81
CA PHE C 452 -19.65 39.10 -47.07
C PHE C 452 -19.78 37.75 -47.76
N TYR C 453 -19.78 36.67 -46.99
CA TYR C 453 -19.91 35.38 -47.65
C TYR C 453 -21.11 35.39 -48.58
N LYS C 454 -22.29 35.62 -48.01
CA LYS C 454 -23.55 35.64 -48.76
C LYS C 454 -23.40 36.50 -50.00
N LYS C 455 -23.05 37.76 -49.76
CA LYS C 455 -22.89 38.73 -50.81
C LYS C 455 -22.04 38.21 -51.96
N ASP C 456 -21.00 37.44 -51.63
CA ASP C 456 -20.09 36.89 -52.63
C ASP C 456 -20.60 35.68 -53.38
N LEU C 457 -21.56 34.97 -52.78
CA LEU C 457 -22.14 33.78 -53.41
C LEU C 457 -23.11 34.23 -54.49
N ALA C 458 -24.07 35.06 -54.08
CA ALA C 458 -25.09 35.62 -54.96
C ALA C 458 -24.47 36.05 -56.29
N LYS C 459 -23.35 36.76 -56.20
CA LYS C 459 -22.63 37.25 -57.37
C LYS C 459 -22.08 36.08 -58.16
N ARG C 460 -21.78 35.01 -57.44
CA ARG C 460 -21.22 33.82 -58.04
C ARG C 460 -22.32 32.99 -58.62
N LEU C 461 -23.43 32.90 -57.90
CA LEU C 461 -24.55 32.11 -58.35
C LEU C 461 -25.30 32.75 -59.50
N LEU C 462 -25.20 34.07 -59.62
CA LEU C 462 -25.89 34.80 -60.69
C LEU C 462 -25.03 35.21 -61.88
N VAL C 463 -23.74 35.44 -61.67
CA VAL C 463 -22.83 35.86 -62.73
C VAL C 463 -21.57 34.98 -62.81
N GLY C 464 -21.48 34.11 -63.81
CA GLY C 464 -20.30 33.27 -63.90
C GLY C 464 -20.20 32.13 -62.90
N LYS C 465 -19.79 30.96 -63.41
CA LYS C 465 -19.65 29.72 -62.65
C LYS C 465 -18.75 29.68 -61.41
N SER C 466 -18.81 28.55 -60.71
CA SER C 466 -18.02 28.29 -59.50
C SER C 466 -17.12 27.12 -59.81
N ALA C 467 -16.24 26.77 -58.87
CA ALA C 467 -15.30 25.66 -59.05
C ALA C 467 -16.05 24.36 -59.29
N SER C 468 -16.89 23.98 -58.33
CA SER C 468 -17.70 22.78 -58.46
C SER C 468 -18.98 22.94 -57.67
N VAL C 469 -20.06 22.34 -58.19
CA VAL C 469 -21.35 22.40 -57.53
C VAL C 469 -21.30 21.66 -56.19
N ASP C 470 -20.86 20.41 -56.25
CA ASP C 470 -20.74 19.56 -55.06
C ASP C 470 -19.72 20.13 -54.09
N ALA C 471 -18.87 21.02 -54.60
CA ALA C 471 -17.83 21.66 -53.81
C ALA C 471 -18.43 22.80 -52.98
N GLU C 472 -19.15 23.66 -53.68
CA GLU C 472 -19.81 24.82 -53.07
C GLU C 472 -20.81 24.34 -52.02
N LYS C 473 -21.26 23.09 -52.15
CA LYS C 473 -22.21 22.51 -51.20
C LYS C 473 -21.56 22.10 -49.88
N SER C 474 -20.44 21.37 -49.95
CA SER C 474 -19.75 20.94 -48.74
C SER C 474 -19.52 22.14 -47.83
N MET C 475 -19.12 23.25 -48.42
CA MET C 475 -18.85 24.47 -47.66
C MET C 475 -20.03 24.79 -46.74
N LEU C 476 -21.24 24.75 -47.27
CA LEU C 476 -22.43 25.03 -46.46
C LEU C 476 -22.54 23.97 -45.38
N SER C 477 -22.49 22.73 -45.82
CA SER C 477 -22.57 21.60 -44.93
C SER C 477 -21.62 21.87 -43.77
N LYS C 478 -20.41 22.29 -44.14
CA LYS C 478 -19.33 22.58 -43.20
C LYS C 478 -19.59 23.76 -42.25
N LEU C 479 -20.37 24.72 -42.71
CA LEU C 479 -20.73 25.88 -41.89
C LEU C 479 -21.90 25.55 -40.98
N LYS C 480 -22.86 24.81 -41.54
CA LYS C 480 -24.02 24.38 -40.75
C LYS C 480 -23.44 23.75 -39.50
N HIS C 481 -22.46 22.88 -39.69
CA HIS C 481 -21.80 22.20 -38.59
C HIS C 481 -20.87 23.19 -37.92
N GLU C 482 -20.87 23.18 -36.59
CA GLU C 482 -20.02 24.10 -35.84
C GLU C 482 -20.35 25.57 -36.14
N CYS C 483 -21.62 25.94 -35.97
CA CYS C 483 -22.03 27.32 -36.21
C CYS C 483 -23.53 27.57 -36.10
N GLY C 484 -24.34 26.61 -36.52
CA GLY C 484 -25.77 26.80 -36.44
C GLY C 484 -26.51 26.50 -37.72
N ALA C 485 -27.79 26.17 -37.61
CA ALA C 485 -28.60 25.85 -38.77
C ALA C 485 -29.30 27.09 -39.29
N ALA C 486 -29.37 28.11 -38.44
CA ALA C 486 -29.99 29.36 -38.84
C ALA C 486 -28.88 30.20 -39.44
N PHE C 487 -27.67 30.08 -38.91
CA PHE C 487 -26.56 30.85 -39.43
C PHE C 487 -26.50 30.68 -40.94
N THR C 488 -26.68 29.44 -41.38
CA THR C 488 -26.64 29.16 -42.81
C THR C 488 -28.02 29.11 -43.43
N SER C 489 -29.07 29.20 -42.61
CA SER C 489 -30.45 29.15 -43.11
C SER C 489 -30.62 29.85 -44.45
N LYS C 490 -30.25 31.12 -44.49
CA LYS C 490 -30.35 31.93 -45.70
C LYS C 490 -29.72 31.31 -46.95
N LEU C 491 -28.41 31.09 -46.89
CA LEU C 491 -27.64 30.52 -48.01
C LEU C 491 -28.27 29.26 -48.56
N GLU C 492 -28.72 28.39 -47.66
CA GLU C 492 -29.35 27.15 -48.08
C GLU C 492 -30.55 27.50 -48.92
N GLY C 493 -31.13 28.66 -48.63
CA GLY C 493 -32.29 29.11 -49.38
C GLY C 493 -31.91 29.69 -50.73
N MET C 494 -30.79 30.40 -50.77
CA MET C 494 -30.32 30.99 -51.99
C MET C 494 -30.29 29.89 -53.04
N PHE C 495 -29.77 28.74 -52.63
CA PHE C 495 -29.67 27.59 -53.52
C PHE C 495 -31.02 27.05 -53.95
N LYS C 496 -31.91 26.76 -52.99
CA LYS C 496 -33.22 26.26 -53.35
C LYS C 496 -33.81 27.10 -54.47
N ASP C 497 -33.82 28.41 -54.28
CA ASP C 497 -34.37 29.33 -55.29
C ASP C 497 -33.77 29.08 -56.67
N MET C 498 -32.54 28.60 -56.68
CA MET C 498 -31.88 28.29 -57.93
C MET C 498 -32.55 27.09 -58.57
N GLU C 499 -32.83 26.07 -57.75
CA GLU C 499 -33.48 24.85 -58.21
C GLU C 499 -34.89 25.15 -58.74
N LEU C 500 -35.63 25.99 -58.04
CA LEU C 500 -36.99 26.37 -58.43
C LEU C 500 -37.00 27.16 -59.72
N SER C 501 -36.07 28.10 -59.83
CA SER C 501 -35.96 28.95 -61.01
C SER C 501 -35.79 28.09 -62.25
N LYS C 502 -35.15 26.94 -62.08
CA LYS C 502 -34.93 25.98 -63.17
C LYS C 502 -36.26 25.35 -63.55
N ASP C 503 -36.93 24.77 -62.54
CA ASP C 503 -38.20 24.10 -62.70
C ASP C 503 -39.08 25.01 -63.53
N ILE C 504 -39.46 26.13 -62.92
CA ILE C 504 -40.30 27.12 -63.59
C ILE C 504 -39.84 27.33 -65.01
N MET C 505 -38.58 27.72 -65.16
CA MET C 505 -38.03 27.97 -66.47
C MET C 505 -38.37 26.89 -67.49
N VAL C 506 -38.38 25.64 -67.08
CA VAL C 506 -38.71 24.51 -67.96
C VAL C 506 -40.14 24.61 -68.44
N HIS C 507 -41.04 24.95 -67.52
CA HIS C 507 -42.45 25.09 -67.83
C HIS C 507 -42.75 26.26 -68.75
N PHE C 508 -42.16 27.40 -68.44
CA PHE C 508 -42.38 28.59 -69.26
C PHE C 508 -42.00 28.28 -70.71
N LYS C 509 -41.00 27.41 -70.88
CA LYS C 509 -40.52 27.03 -72.22
C LYS C 509 -41.39 25.99 -72.91
N GLN C 510 -41.94 25.04 -72.14
CA GLN C 510 -42.82 24.01 -72.70
C GLN C 510 -44.15 24.63 -73.06
N HIS C 511 -44.48 25.72 -72.39
CA HIS C 511 -45.69 26.48 -72.62
C HIS C 511 -45.44 27.39 -73.81
N MET C 512 -44.36 28.16 -73.73
CA MET C 512 -43.99 29.09 -74.78
C MET C 512 -43.80 28.32 -76.09
N GLN C 513 -43.63 27.00 -75.97
CA GLN C 513 -43.44 26.16 -77.14
C GLN C 513 -44.57 26.28 -78.15
N ASN C 514 -45.75 25.77 -77.78
CA ASN C 514 -46.94 25.81 -78.63
C ASN C 514 -47.49 27.22 -78.93
N GLN C 515 -46.64 28.08 -79.48
CA GLN C 515 -46.99 29.45 -79.80
C GLN C 515 -46.46 29.81 -81.19
N SER C 516 -45.88 28.83 -81.88
CA SER C 516 -45.31 29.04 -83.20
C SER C 516 -44.20 30.08 -83.15
N ASP C 517 -43.81 30.43 -81.93
CA ASP C 517 -42.75 31.38 -81.59
C ASP C 517 -42.09 32.26 -82.66
N SER C 518 -41.75 33.48 -82.24
CA SER C 518 -41.08 34.46 -83.09
C SER C 518 -39.76 34.90 -82.44
N GLY C 519 -39.83 35.20 -81.15
CA GLY C 519 -38.69 35.65 -80.37
C GLY C 519 -37.30 35.13 -80.69
N PRO C 520 -36.39 36.02 -81.13
CA PRO C 520 -35.01 35.68 -81.47
C PRO C 520 -34.09 35.64 -80.24
N ILE C 521 -34.63 36.03 -79.10
CA ILE C 521 -33.83 36.03 -77.87
C ILE C 521 -34.13 34.84 -76.96
N ASP C 522 -33.08 34.15 -76.53
CA ASP C 522 -33.22 33.03 -75.62
C ASP C 522 -33.07 33.66 -74.24
N LEU C 523 -34.19 33.76 -73.53
CA LEU C 523 -34.22 34.36 -72.21
C LEU C 523 -34.30 33.34 -71.11
N THR C 524 -33.41 33.47 -70.13
CA THR C 524 -33.43 32.58 -68.97
C THR C 524 -33.53 33.51 -67.77
N VAL C 525 -34.49 33.24 -66.91
CA VAL C 525 -34.70 34.09 -65.76
C VAL C 525 -34.46 33.37 -64.44
N ASN C 526 -33.94 34.11 -63.47
CA ASN C 526 -33.73 33.56 -62.15
C ASN C 526 -34.55 34.37 -61.16
N ILE C 527 -35.44 33.67 -60.46
CA ILE C 527 -36.34 34.28 -59.48
C ILE C 527 -35.81 34.03 -58.08
N LEU C 528 -35.59 35.11 -57.34
CA LEU C 528 -35.02 35.02 -55.99
C LEU C 528 -35.96 35.48 -54.88
N THR C 529 -35.93 34.75 -53.75
CA THR C 529 -36.74 35.08 -52.58
C THR C 529 -36.19 36.28 -51.82
N MET C 530 -36.83 37.44 -51.97
CA MET C 530 -36.38 38.69 -51.35
C MET C 530 -35.80 38.65 -49.95
N GLY C 531 -36.29 37.77 -49.09
CA GLY C 531 -35.79 37.71 -47.73
C GLY C 531 -34.48 36.98 -47.55
N TYR C 532 -34.21 36.00 -48.39
CA TYR C 532 -32.98 35.24 -48.27
C TYR C 532 -31.79 36.04 -48.76
N TRP C 533 -31.81 36.40 -50.04
CA TRP C 533 -30.74 37.17 -50.67
C TRP C 533 -30.53 38.57 -50.12
N PRO C 534 -29.33 39.12 -50.35
CA PRO C 534 -28.87 40.45 -49.94
C PRO C 534 -29.85 41.47 -50.44
N THR C 535 -29.70 42.71 -50.00
CA THR C 535 -30.62 43.76 -50.45
C THR C 535 -30.05 44.37 -51.72
N TYR C 536 -30.90 44.61 -52.70
CA TYR C 536 -30.46 45.17 -53.97
C TYR C 536 -31.23 46.43 -54.34
N THR C 537 -30.48 47.45 -54.75
CA THR C 537 -31.09 48.71 -55.16
C THR C 537 -31.47 48.64 -56.62
N PRO C 538 -32.75 48.85 -56.93
CA PRO C 538 -33.28 48.82 -58.30
C PRO C 538 -32.80 50.00 -59.11
N MET C 539 -32.48 49.74 -60.38
CA MET C 539 -32.02 50.82 -61.27
C MET C 539 -32.87 50.92 -62.53
N GLU C 540 -33.38 52.13 -62.76
CA GLU C 540 -34.23 52.44 -63.90
C GLU C 540 -33.39 52.60 -65.16
N VAL C 541 -33.69 51.80 -66.18
CA VAL C 541 -32.97 51.86 -67.44
C VAL C 541 -33.89 51.55 -68.61
N HIS C 542 -33.55 52.11 -69.78
CA HIS C 542 -34.32 51.93 -71.00
C HIS C 542 -34.01 50.65 -71.73
N LEU C 543 -34.88 49.66 -71.58
CA LEU C 543 -34.69 48.36 -72.24
C LEU C 543 -35.29 48.35 -73.63
N THR C 544 -34.55 47.80 -74.58
CA THR C 544 -35.03 47.73 -75.96
C THR C 544 -36.41 47.12 -75.93
N PRO C 545 -37.33 47.63 -76.77
CA PRO C 545 -38.69 47.10 -76.81
C PRO C 545 -38.63 45.57 -76.77
N GLU C 546 -38.01 44.99 -77.80
CA GLU C 546 -37.86 43.54 -77.89
C GLU C 546 -37.69 42.93 -76.50
N MET C 547 -36.85 43.60 -75.70
CA MET C 547 -36.54 43.16 -74.35
C MET C 547 -37.75 43.15 -73.43
N ILE C 548 -38.32 44.32 -73.17
CA ILE C 548 -39.47 44.42 -72.27
C ILE C 548 -40.47 43.29 -72.50
N LYS C 549 -40.94 43.17 -73.74
CA LYS C 549 -41.91 42.13 -74.09
C LYS C 549 -41.58 40.80 -73.39
N LEU C 550 -40.44 40.20 -73.75
CA LEU C 550 -39.99 38.94 -73.17
C LEU C 550 -40.25 38.93 -71.67
N GLN C 551 -39.72 39.96 -71.02
CA GLN C 551 -39.83 40.12 -69.58
C GLN C 551 -41.29 40.18 -69.13
N GLU C 552 -42.14 40.75 -69.97
CA GLU C 552 -43.56 40.87 -69.63
C GLU C 552 -44.29 39.54 -69.74
N VAL C 553 -44.12 38.89 -70.88
CA VAL C 553 -44.75 37.61 -71.10
C VAL C 553 -44.37 36.68 -69.96
N PHE C 554 -43.09 36.73 -69.56
CA PHE C 554 -42.64 35.89 -68.48
C PHE C 554 -43.40 36.26 -67.21
N LYS C 555 -43.31 37.54 -66.83
CA LYS C 555 -43.99 38.05 -65.63
C LYS C 555 -45.40 37.52 -65.53
N ALA C 556 -46.14 37.59 -66.64
CA ALA C 556 -47.51 37.10 -66.69
C ALA C 556 -47.52 35.61 -66.40
N PHE C 557 -46.58 34.89 -66.97
CA PHE C 557 -46.52 33.45 -66.75
C PHE C 557 -46.21 33.13 -65.29
N TYR C 558 -45.36 33.95 -64.67
CA TYR C 558 -44.98 33.72 -63.27
C TYR C 558 -46.07 34.15 -62.29
N LEU C 559 -46.54 35.39 -62.40
CA LEU C 559 -47.57 35.87 -61.49
C LEU C 559 -48.76 34.91 -61.58
N GLY C 560 -49.07 34.42 -62.78
CA GLY C 560 -50.13 33.44 -62.94
C GLY C 560 -49.41 32.16 -62.59
N LYS C 561 -50.11 31.14 -62.12
CA LYS C 561 -49.45 29.88 -61.73
C LYS C 561 -48.74 30.02 -60.39
N HIS C 562 -48.59 31.25 -59.91
CA HIS C 562 -47.94 31.52 -58.63
C HIS C 562 -48.60 32.70 -57.96
N SER C 563 -49.91 32.61 -57.84
CA SER C 563 -50.73 33.67 -57.27
C SER C 563 -50.36 34.15 -55.86
N GLY C 564 -50.45 35.47 -55.68
CA GLY C 564 -50.16 36.08 -54.40
C GLY C 564 -48.74 36.61 -54.31
N ARG C 565 -48.16 36.95 -55.46
CA ARG C 565 -46.80 37.44 -55.46
C ARG C 565 -46.55 38.71 -56.25
N LYS C 566 -45.34 39.21 -56.15
CA LYS C 566 -44.97 40.44 -56.84
C LYS C 566 -43.50 40.39 -57.22
N LEU C 567 -43.19 40.71 -58.47
CA LEU C 567 -41.79 40.70 -58.90
C LEU C 567 -41.20 42.09 -58.85
N GLN C 568 -39.92 42.17 -59.17
CA GLN C 568 -39.20 43.43 -59.18
C GLN C 568 -37.88 43.13 -59.84
N TRP C 569 -37.80 43.39 -61.13
CA TRP C 569 -36.58 43.11 -61.86
C TRP C 569 -35.36 43.88 -61.41
N GLN C 570 -34.26 43.14 -61.22
CA GLN C 570 -33.01 43.72 -60.78
C GLN C 570 -32.00 43.77 -61.92
N THR C 571 -31.95 44.89 -62.62
CA THR C 571 -31.03 45.04 -63.74
C THR C 571 -29.55 44.90 -63.34
N THR C 572 -29.21 45.33 -62.13
CA THR C 572 -27.84 45.27 -61.64
C THR C 572 -27.20 43.90 -61.79
N LEU C 573 -28.00 42.86 -61.56
CA LEU C 573 -27.49 41.50 -61.62
C LEU C 573 -27.59 40.81 -62.97
N GLY C 574 -28.22 41.45 -63.95
CA GLY C 574 -28.36 40.83 -65.25
C GLY C 574 -27.10 40.75 -66.08
N HIS C 575 -27.11 39.91 -67.10
CA HIS C 575 -25.99 39.74 -68.01
C HIS C 575 -26.53 39.09 -69.27
N ALA C 576 -25.81 39.23 -70.38
CA ALA C 576 -26.28 38.64 -71.63
C ALA C 576 -25.15 38.31 -72.60
N VAL C 577 -25.53 37.76 -73.75
CA VAL C 577 -24.59 37.40 -74.78
C VAL C 577 -24.87 38.19 -76.05
N LEU C 578 -23.86 38.94 -76.52
CA LEU C 578 -23.97 39.75 -77.73
C LEU C 578 -23.12 39.20 -78.87
N LYS C 579 -23.70 39.13 -80.05
CA LYS C 579 -22.96 38.68 -81.23
C LYS C 579 -22.41 39.97 -81.77
N ALA C 580 -21.15 40.00 -82.18
CA ALA C 580 -20.59 41.25 -82.71
C ALA C 580 -20.05 41.08 -84.12
N GLU C 581 -20.42 42.00 -85.01
CA GLU C 581 -19.97 41.96 -86.38
C GLU C 581 -18.77 42.88 -86.65
N PHE C 582 -17.57 42.32 -86.55
CA PHE C 582 -16.33 43.07 -86.78
C PHE C 582 -15.70 42.73 -88.12
N LYS C 583 -14.46 43.19 -88.26
CA LYS C 583 -13.65 42.94 -89.44
C LYS C 583 -12.63 41.91 -88.97
N GLU C 584 -12.53 40.81 -89.70
CA GLU C 584 -11.58 39.75 -89.35
C GLU C 584 -12.12 38.88 -88.20
N GLY C 585 -13.43 38.98 -87.95
CA GLY C 585 -14.04 38.19 -86.89
C GLY C 585 -15.56 38.12 -86.91
N LYS C 586 -16.12 37.72 -85.78
CA LYS C 586 -17.57 37.61 -85.64
C LYS C 586 -17.90 37.34 -84.17
N LYS C 587 -16.88 37.38 -83.32
CA LYS C 587 -17.00 37.13 -81.88
C LYS C 587 -18.34 37.43 -81.18
N GLU C 588 -18.53 36.79 -80.03
CA GLU C 588 -19.73 36.99 -79.23
C GLU C 588 -19.19 37.33 -77.84
N PHE C 589 -19.86 38.27 -77.15
CA PHE C 589 -19.42 38.69 -75.81
C PHE C 589 -20.33 38.28 -74.69
N GLN C 590 -19.75 38.14 -73.51
CA GLN C 590 -20.52 37.80 -72.34
C GLN C 590 -20.51 39.09 -71.54
N VAL C 591 -21.52 39.92 -71.75
CA VAL C 591 -21.62 41.22 -71.10
C VAL C 591 -22.75 41.43 -70.13
N SER C 592 -22.53 42.35 -69.19
CA SER C 592 -23.54 42.69 -68.20
C SER C 592 -24.64 43.46 -68.94
N LEU C 593 -25.79 43.64 -68.28
CA LEU C 593 -26.89 44.37 -68.89
C LEU C 593 -26.43 45.79 -69.18
N PHE C 594 -25.89 46.45 -68.17
CA PHE C 594 -25.42 47.81 -68.32
C PHE C 594 -24.44 47.96 -69.48
N GLN C 595 -23.69 46.90 -69.75
CA GLN C 595 -22.73 46.94 -70.85
C GLN C 595 -23.48 46.73 -72.16
N THR C 596 -24.40 45.78 -72.16
CA THR C 596 -25.17 45.48 -73.37
C THR C 596 -25.79 46.74 -73.95
N LEU C 597 -26.63 47.40 -73.16
CA LEU C 597 -27.29 48.60 -73.60
C LEU C 597 -26.31 49.51 -74.30
N VAL C 598 -25.45 50.15 -73.53
CA VAL C 598 -24.45 51.03 -74.10
C VAL C 598 -24.06 50.53 -75.49
N LEU C 599 -23.33 49.43 -75.55
CA LEU C 599 -22.89 48.92 -76.83
C LEU C 599 -23.91 49.00 -77.97
N LEU C 600 -25.11 48.49 -77.75
CA LEU C 600 -26.16 48.51 -78.78
C LEU C 600 -26.32 49.87 -79.49
N MET C 601 -26.18 50.95 -78.72
CA MET C 601 -26.30 52.28 -79.30
C MET C 601 -25.55 52.31 -80.61
N PHE C 602 -24.40 51.63 -80.65
CA PHE C 602 -23.58 51.62 -81.84
C PHE C 602 -24.05 50.85 -83.07
N ASN C 603 -25.29 50.39 -83.08
CA ASN C 603 -25.80 49.67 -84.25
C ASN C 603 -26.30 50.71 -85.24
N GLU C 604 -27.25 51.52 -84.78
CA GLU C 604 -27.84 52.59 -85.57
C GLU C 604 -27.35 53.90 -84.97
N GLY C 605 -26.03 54.01 -84.88
CA GLY C 605 -25.38 55.19 -84.33
C GLY C 605 -23.89 55.09 -84.64
N ASP C 606 -23.07 55.66 -83.76
CA ASP C 606 -21.61 55.65 -83.89
C ASP C 606 -21.04 56.93 -83.26
N GLY C 607 -19.83 56.85 -82.71
CA GLY C 607 -19.22 58.02 -82.08
C GLY C 607 -20.15 58.75 -81.13
N PHE C 608 -20.06 58.44 -79.83
CA PHE C 608 -20.91 59.08 -78.82
C PHE C 608 -20.14 59.66 -77.63
N SER C 609 -20.75 60.65 -76.97
CA SER C 609 -20.14 61.30 -75.81
C SER C 609 -20.88 60.96 -74.53
N PHE C 610 -20.11 60.63 -73.49
CA PHE C 610 -20.67 60.25 -72.19
C PHE C 610 -22.09 60.75 -71.92
N GLU C 611 -22.27 62.06 -72.05
CA GLU C 611 -23.57 62.66 -71.79
C GLU C 611 -24.68 62.07 -72.65
N GLU C 612 -24.48 62.07 -73.97
CA GLU C 612 -25.49 61.55 -74.88
C GLU C 612 -25.82 60.09 -74.63
N ILE C 613 -24.92 59.42 -73.92
CA ILE C 613 -25.09 58.01 -73.55
C ILE C 613 -25.98 57.96 -72.31
N LYS C 614 -25.55 58.66 -71.26
CA LYS C 614 -26.29 58.74 -70.01
C LYS C 614 -27.73 59.19 -70.26
N MET C 615 -28.00 59.76 -71.41
CA MET C 615 -29.33 60.19 -71.71
C MET C 615 -30.20 58.99 -72.12
N ALA C 616 -29.69 58.20 -73.06
CA ALA C 616 -30.45 57.17 -73.85
C ALA C 616 -30.80 55.75 -73.45
N THR C 617 -30.28 55.33 -72.39
CA THR C 617 -30.48 54.03 -71.86
C THR C 617 -30.95 54.41 -70.50
N GLY C 618 -30.01 55.05 -69.82
CA GLY C 618 -30.27 55.59 -68.50
C GLY C 618 -29.59 54.88 -67.36
N ILE C 619 -28.27 55.03 -67.22
CA ILE C 619 -27.52 54.44 -66.16
C ILE C 619 -27.36 55.47 -65.04
N GLU C 620 -26.30 55.34 -64.25
CA GLU C 620 -25.99 56.29 -63.17
C GLU C 620 -24.50 56.61 -63.17
N ASP C 621 -24.16 57.90 -63.07
CA ASP C 621 -22.78 58.35 -63.10
C ASP C 621 -21.84 57.44 -62.33
N SER C 622 -22.18 57.15 -61.08
CA SER C 622 -21.36 56.28 -60.24
C SER C 622 -20.96 54.98 -60.94
N GLU C 623 -21.92 54.35 -61.61
CA GLU C 623 -21.72 53.11 -62.32
C GLU C 623 -21.26 53.31 -63.77
N LEU C 624 -22.09 54.00 -64.56
CA LEU C 624 -21.79 54.24 -65.98
C LEU C 624 -20.32 54.46 -66.20
N ARG C 625 -19.68 55.13 -65.24
CA ARG C 625 -18.26 55.39 -65.35
C ARG C 625 -17.50 54.07 -65.54
N ARG C 626 -17.51 53.23 -64.51
CA ARG C 626 -16.80 51.95 -64.62
C ARG C 626 -17.42 51.04 -65.68
N THR C 627 -18.74 51.07 -65.82
CA THR C 627 -19.39 50.25 -66.84
C THR C 627 -18.77 50.65 -68.16
N LEU C 628 -18.32 51.91 -68.22
CA LEU C 628 -17.66 52.46 -69.40
C LEU C 628 -16.17 52.37 -69.24
N GLN C 629 -15.70 52.27 -67.99
CA GLN C 629 -14.27 52.17 -67.76
C GLN C 629 -13.79 50.94 -68.50
N SER C 630 -14.65 49.93 -68.59
CA SER C 630 -14.32 48.73 -69.35
C SER C 630 -14.82 49.13 -70.73
N LEU C 631 -14.86 48.20 -71.69
CA LEU C 631 -15.29 48.56 -73.03
C LEU C 631 -14.18 49.44 -73.65
N ALA C 632 -13.43 50.14 -72.79
CA ALA C 632 -12.34 50.99 -73.23
C ALA C 632 -11.16 50.84 -72.29
N CYS C 633 -10.78 51.93 -71.62
CA CYS C 633 -9.67 51.96 -70.67
C CYS C 633 -8.99 50.61 -70.39
N GLY C 634 -9.56 49.82 -69.48
CA GLY C 634 -8.99 48.53 -69.16
C GLY C 634 -8.86 47.60 -70.36
N LYS C 635 -7.63 47.24 -70.71
CA LYS C 635 -7.33 46.38 -71.85
C LYS C 635 -7.49 47.09 -73.19
N ALA C 636 -8.20 48.22 -73.20
CA ALA C 636 -8.50 49.09 -74.38
C ALA C 636 -9.04 48.31 -75.59
N ARG C 637 -10.24 47.70 -75.56
CA ARG C 637 -10.46 46.78 -76.69
C ARG C 637 -11.69 46.80 -77.60
N VAL C 638 -12.77 47.37 -77.19
CA VAL C 638 -14.02 47.30 -77.87
C VAL C 638 -14.49 48.68 -78.31
N LEU C 639 -14.39 49.56 -77.33
CA LEU C 639 -14.74 50.97 -77.47
C LEU C 639 -13.47 51.80 -77.28
N ILE C 640 -13.47 52.99 -77.86
CA ILE C 640 -12.34 53.90 -77.76
C ILE C 640 -12.73 55.26 -77.20
N LYS C 641 -11.98 55.70 -76.19
CA LYS C 641 -12.21 56.98 -75.50
C LYS C 641 -11.36 58.11 -76.10
N SER C 642 -12.02 59.10 -76.69
CA SER C 642 -11.33 60.25 -77.32
C SER C 642 -10.37 60.97 -76.38
N PRO C 643 -10.89 61.57 -75.29
CA PRO C 643 -9.97 62.26 -74.38
C PRO C 643 -9.11 61.29 -73.59
N LYS C 644 -8.88 60.11 -74.19
CA LYS C 644 -8.08 59.03 -73.63
C LYS C 644 -7.42 59.29 -72.27
N GLY C 645 -7.76 58.45 -71.29
CA GLY C 645 -7.22 58.58 -69.95
C GLY C 645 -7.66 57.43 -69.08
N LYS C 646 -6.97 57.25 -67.95
CA LYS C 646 -7.31 56.17 -67.03
C LYS C 646 -8.79 56.17 -66.67
N GLU C 647 -9.32 57.37 -66.46
CA GLU C 647 -10.72 57.52 -66.06
C GLU C 647 -11.67 57.98 -67.16
N VAL C 648 -12.86 58.37 -66.73
CA VAL C 648 -13.91 58.84 -67.62
C VAL C 648 -14.41 60.18 -67.09
N GLU C 649 -14.48 61.18 -67.97
CA GLU C 649 -14.92 62.52 -67.59
C GLU C 649 -16.34 62.82 -68.09
N ASP C 650 -16.58 64.02 -68.61
CA ASP C 650 -17.92 64.36 -69.07
C ASP C 650 -18.07 64.46 -70.59
N GLY C 651 -17.06 64.98 -71.25
CA GLY C 651 -17.12 65.13 -72.69
C GLY C 651 -16.73 63.85 -73.40
N ASP C 652 -15.58 63.30 -73.03
CA ASP C 652 -15.02 62.06 -73.58
C ASP C 652 -15.95 61.30 -74.53
N LYS C 653 -15.56 61.21 -75.79
CA LYS C 653 -16.37 60.50 -76.78
C LYS C 653 -15.86 59.07 -76.92
N PHE C 654 -16.77 58.14 -77.22
CA PHE C 654 -16.41 56.74 -77.38
C PHE C 654 -16.66 56.28 -78.80
N ILE C 655 -15.65 55.70 -79.43
CA ILE C 655 -15.79 55.23 -80.81
C ILE C 655 -15.86 53.71 -80.89
N PHE C 656 -16.75 53.20 -81.74
CA PHE C 656 -16.85 51.76 -81.91
C PHE C 656 -15.57 51.30 -82.61
N ASN C 657 -14.73 50.59 -81.87
CA ASN C 657 -13.46 50.09 -82.38
C ASN C 657 -13.53 49.17 -83.61
N GLY C 658 -12.37 48.88 -84.19
CA GLY C 658 -12.32 48.00 -85.35
C GLY C 658 -11.31 46.87 -85.15
N GLU C 659 -10.56 46.94 -84.06
CA GLU C 659 -9.57 45.94 -83.70
C GLU C 659 -10.27 44.65 -83.29
N PHE C 660 -9.52 43.56 -83.22
CA PHE C 660 -10.09 42.27 -82.82
C PHE C 660 -9.16 41.06 -82.89
N LYS C 661 -7.88 41.27 -83.19
CA LYS C 661 -6.93 40.16 -83.30
C LYS C 661 -7.14 39.04 -82.29
N HIS C 662 -8.00 39.27 -81.29
CA HIS C 662 -8.26 38.26 -80.27
C HIS C 662 -8.57 36.88 -80.87
N LYS C 663 -7.75 35.91 -80.48
CA LYS C 663 -7.84 34.53 -80.93
C LYS C 663 -9.02 33.77 -80.38
N LEU C 664 -9.99 34.50 -79.83
CA LEU C 664 -11.15 33.84 -79.26
C LEU C 664 -12.50 34.21 -79.85
N PHE C 665 -13.52 33.61 -79.25
CA PHE C 665 -14.91 33.81 -79.58
C PHE C 665 -15.44 33.72 -78.16
N ARG C 666 -16.49 34.46 -77.82
CA ARG C 666 -17.01 34.44 -76.45
C ARG C 666 -15.95 35.08 -75.55
N ILE C 667 -15.96 36.41 -75.47
CA ILE C 667 -15.03 37.11 -74.60
C ILE C 667 -15.83 37.47 -73.35
N LYS C 668 -15.18 37.56 -72.19
CA LYS C 668 -15.90 37.94 -70.99
C LYS C 668 -15.41 39.31 -70.55
N ILE C 669 -16.27 40.29 -70.76
CA ILE C 669 -15.99 41.67 -70.38
C ILE C 669 -16.59 41.82 -68.99
N ASN C 670 -17.48 40.88 -68.71
CA ASN C 670 -18.25 40.75 -67.48
C ASN C 670 -17.52 40.83 -66.13
N GLN C 671 -16.20 41.00 -66.15
CA GLN C 671 -15.43 41.06 -64.89
C GLN C 671 -15.96 42.11 -63.92
N ILE C 672 -16.36 43.26 -64.46
CA ILE C 672 -16.89 44.36 -63.65
C ILE C 672 -17.97 43.90 -62.69
N GLN C 673 -18.81 42.99 -63.15
CA GLN C 673 -19.93 42.47 -62.37
C GLN C 673 -19.54 41.74 -61.09
N MET C 674 -18.27 41.36 -60.95
CA MET C 674 -17.86 40.65 -59.74
C MET C 674 -16.84 41.32 -58.82
N LYS C 675 -16.72 42.63 -58.93
CA LYS C 675 -15.80 43.40 -58.09
C LYS C 675 -16.62 44.18 -57.08
N GLU C 676 -16.22 44.12 -55.82
CA GLU C 676 -16.93 44.87 -54.79
C GLU C 676 -16.29 46.24 -54.64
N THR C 677 -17.03 47.26 -55.01
CA THR C 677 -16.54 48.60 -54.91
C THR C 677 -16.48 48.96 -53.43
N VAL C 678 -15.77 50.04 -53.12
CA VAL C 678 -15.64 50.50 -51.76
C VAL C 678 -17.02 50.81 -51.18
N GLU C 679 -17.90 51.38 -52.01
CA GLU C 679 -19.25 51.71 -51.58
C GLU C 679 -19.90 50.42 -51.10
N GLU C 680 -19.95 49.45 -52.00
CA GLU C 680 -20.53 48.15 -51.73
C GLU C 680 -20.06 47.65 -50.37
N GLN C 681 -18.75 47.69 -50.18
CA GLN C 681 -18.09 47.24 -48.97
C GLN C 681 -18.62 47.88 -47.71
N VAL C 682 -18.53 49.20 -47.66
CA VAL C 682 -18.97 49.96 -46.51
C VAL C 682 -20.42 49.66 -46.23
N SER C 683 -21.23 49.73 -47.28
CA SER C 683 -22.65 49.48 -47.16
C SER C 683 -22.92 48.08 -46.63
N THR C 684 -22.19 47.11 -47.15
CA THR C 684 -22.40 45.74 -46.72
C THR C 684 -21.78 45.49 -45.36
N THR C 685 -21.45 46.56 -44.64
CA THR C 685 -20.87 46.44 -43.29
C THR C 685 -21.77 47.21 -42.32
N GLU C 686 -22.42 48.25 -42.85
CA GLU C 686 -23.33 49.04 -42.05
C GLU C 686 -24.52 48.12 -41.75
N ARG C 687 -24.96 47.37 -42.76
CA ARG C 687 -26.08 46.46 -42.63
C ARG C 687 -25.69 45.22 -41.82
N VAL C 688 -24.85 45.39 -40.83
CA VAL C 688 -24.40 44.30 -39.95
C VAL C 688 -24.18 44.86 -38.57
N PHE C 689 -23.77 46.12 -38.52
CA PHE C 689 -23.59 46.80 -37.25
C PHE C 689 -25.00 47.28 -36.92
N GLN C 690 -25.70 47.67 -37.98
CA GLN C 690 -27.08 48.14 -37.91
C GLN C 690 -27.74 46.82 -38.28
N ASP C 691 -27.70 45.87 -37.35
CA ASP C 691 -28.23 44.54 -37.61
C ASP C 691 -28.02 43.79 -36.32
N ARG C 692 -26.84 43.99 -35.76
CA ARG C 692 -26.49 43.37 -34.49
C ARG C 692 -27.45 43.92 -33.44
N GLN C 693 -27.83 45.17 -33.60
CA GLN C 693 -28.71 45.78 -32.63
C GLN C 693 -29.96 44.95 -32.40
N TYR C 694 -30.61 44.55 -33.49
CA TYR C 694 -31.82 43.74 -33.41
C TYR C 694 -31.47 42.32 -32.96
N GLN C 695 -30.41 41.75 -33.52
CA GLN C 695 -30.00 40.42 -33.12
C GLN C 695 -29.77 40.34 -31.61
N ILE C 696 -29.36 41.45 -31.00
CA ILE C 696 -29.12 41.52 -29.55
C ILE C 696 -30.49 41.53 -28.90
N ASP C 697 -31.24 42.59 -29.19
CA ASP C 697 -32.58 42.77 -28.68
C ASP C 697 -33.37 41.46 -28.77
N ALA C 698 -33.55 40.98 -30.01
CA ALA C 698 -34.29 39.75 -30.28
C ALA C 698 -33.75 38.54 -29.53
N ALA C 699 -32.44 38.55 -29.24
CA ALA C 699 -31.84 37.45 -28.53
C ALA C 699 -32.04 37.62 -27.04
N ILE C 700 -32.19 38.87 -26.60
CA ILE C 700 -32.40 39.14 -25.18
C ILE C 700 -33.76 38.58 -24.86
N VAL C 701 -34.76 39.09 -25.57
CA VAL C 701 -36.14 38.67 -25.39
C VAL C 701 -36.30 37.16 -25.39
N ARG C 702 -35.66 36.51 -26.36
CA ARG C 702 -35.72 35.07 -26.51
C ARG C 702 -35.38 34.33 -25.22
N ILE C 703 -34.30 34.76 -24.58
CA ILE C 703 -33.86 34.14 -23.35
C ILE C 703 -34.75 34.52 -22.18
N MET C 704 -35.03 35.81 -22.03
CA MET C 704 -35.86 36.26 -20.92
C MET C 704 -37.10 35.40 -20.72
N LYS C 705 -37.65 34.87 -21.82
CA LYS C 705 -38.83 34.03 -21.74
C LYS C 705 -38.46 32.65 -21.17
N MET C 706 -37.33 32.13 -21.61
CA MET C 706 -36.87 30.82 -21.14
C MET C 706 -36.92 30.78 -19.60
N ARG C 707 -36.17 31.66 -18.96
CA ARG C 707 -36.13 31.76 -17.50
C ARG C 707 -36.60 33.16 -17.11
N LYS C 708 -37.84 33.24 -16.64
CA LYS C 708 -38.48 34.49 -16.27
C LYS C 708 -37.69 35.49 -15.39
N THR C 709 -36.71 35.02 -14.64
CA THR C 709 -35.93 35.91 -13.80
C THR C 709 -34.45 35.59 -13.91
N LEU C 710 -33.60 36.60 -14.11
CA LEU C 710 -32.17 36.38 -14.29
C LEU C 710 -31.28 37.55 -13.89
N GLY C 711 -30.06 37.23 -13.47
CA GLY C 711 -29.10 38.24 -13.08
C GLY C 711 -28.36 38.80 -14.29
N HIS C 712 -28.13 40.11 -14.28
CA HIS C 712 -27.46 40.79 -15.39
C HIS C 712 -26.19 40.12 -15.87
N ASN C 713 -25.19 39.99 -15.01
CA ASN C 713 -23.94 39.37 -15.43
C ASN C 713 -24.14 37.91 -15.79
N LEU C 714 -25.25 37.35 -15.32
CA LEU C 714 -25.59 35.95 -15.58
C LEU C 714 -26.32 35.85 -16.93
N LEU C 715 -26.55 37.01 -17.55
CA LEU C 715 -27.20 37.16 -18.85
C LEU C 715 -26.12 37.44 -19.88
N VAL C 716 -25.33 38.48 -19.61
CA VAL C 716 -24.23 38.87 -20.49
C VAL C 716 -23.44 37.62 -20.88
N SER C 717 -23.48 36.64 -19.99
CA SER C 717 -22.80 35.37 -20.18
C SER C 717 -23.50 34.55 -21.26
N GLU C 718 -24.83 34.44 -21.15
CA GLU C 718 -25.60 33.68 -22.13
C GLU C 718 -25.46 34.26 -23.53
N LEU C 719 -25.54 35.59 -23.63
CA LEU C 719 -25.41 36.29 -24.91
C LEU C 719 -24.10 35.95 -25.62
N TYR C 720 -23.02 35.82 -24.85
CA TYR C 720 -21.72 35.49 -25.43
C TYR C 720 -21.75 34.12 -26.08
N ASN C 721 -22.69 33.28 -25.64
CA ASN C 721 -22.85 31.94 -26.19
C ASN C 721 -23.82 31.91 -27.36
N GLN C 722 -24.90 32.67 -27.25
CA GLN C 722 -25.91 32.71 -28.29
C GLN C 722 -25.55 33.56 -29.51
N LEU C 723 -25.17 34.82 -29.31
CA LEU C 723 -24.82 35.65 -30.46
C LEU C 723 -23.56 35.15 -31.16
N LYS C 724 -23.38 35.60 -32.40
CA LYS C 724 -22.22 35.23 -33.18
C LYS C 724 -21.31 36.46 -33.21
N PHE C 725 -21.29 37.22 -32.11
CA PHE C 725 -20.45 38.40 -32.07
C PHE C 725 -20.31 39.05 -30.69
N PRO C 726 -19.31 39.96 -30.54
CA PRO C 726 -18.95 40.71 -29.33
C PRO C 726 -20.01 41.25 -28.38
N VAL C 727 -20.68 42.34 -28.73
CA VAL C 727 -21.69 42.94 -27.86
C VAL C 727 -21.02 43.84 -26.84
N LYS C 728 -20.85 45.11 -27.20
CA LYS C 728 -20.22 46.08 -26.31
C LYS C 728 -21.05 46.24 -25.06
N PRO C 729 -20.41 46.46 -23.90
CA PRO C 729 -21.17 46.64 -22.67
C PRO C 729 -22.03 47.90 -22.81
N GLY C 730 -21.50 48.86 -23.57
CA GLY C 730 -22.20 50.11 -23.82
C GLY C 730 -23.52 49.84 -24.51
N ASP C 731 -23.44 49.09 -25.61
CA ASP C 731 -24.62 48.73 -26.39
C ASP C 731 -25.62 47.90 -25.59
N LEU C 732 -25.15 46.92 -24.83
CA LEU C 732 -26.08 46.09 -24.07
C LEU C 732 -26.85 47.00 -23.16
N LYS C 733 -26.16 47.71 -22.30
CA LYS C 733 -26.83 48.62 -21.40
C LYS C 733 -27.94 49.28 -22.23
N LYS C 734 -27.53 49.87 -23.35
CA LYS C 734 -28.45 50.54 -24.26
C LYS C 734 -29.67 49.71 -24.64
N ARG C 735 -29.49 48.39 -24.68
CA ARG C 735 -30.54 47.48 -25.08
C ARG C 735 -31.59 47.23 -24.01
N ILE C 736 -31.15 46.90 -22.80
CA ILE C 736 -32.11 46.66 -21.74
C ILE C 736 -33.01 47.89 -21.64
N GLU C 737 -32.42 49.07 -21.86
CA GLU C 737 -33.14 50.33 -21.83
C GLU C 737 -34.36 50.16 -22.72
N SER C 738 -34.11 50.05 -24.01
CA SER C 738 -35.18 49.88 -24.99
C SER C 738 -36.23 48.88 -24.58
N LEU C 739 -35.81 47.75 -24.01
CA LEU C 739 -36.75 46.71 -23.62
C LEU C 739 -37.55 46.96 -22.34
N ILE C 740 -37.01 47.74 -21.42
CA ILE C 740 -37.76 48.04 -20.21
C ILE C 740 -38.80 49.10 -20.54
N ASP C 741 -38.41 50.05 -21.39
CA ASP C 741 -39.29 51.13 -21.81
C ASP C 741 -40.48 50.57 -22.60
N ARG C 742 -40.22 49.61 -23.48
CA ARG C 742 -41.28 49.02 -24.29
C ARG C 742 -42.03 47.87 -23.61
N ASP C 743 -41.67 47.60 -22.35
CA ASP C 743 -42.32 46.57 -21.54
C ASP C 743 -42.15 45.10 -21.92
N TYR C 744 -40.91 44.64 -22.02
CA TYR C 744 -40.64 43.23 -22.32
C TYR C 744 -39.98 42.63 -21.09
N MET C 745 -39.33 43.47 -20.29
CA MET C 745 -38.64 43.03 -19.08
C MET C 745 -38.60 44.14 -18.05
N GLU C 746 -38.09 43.84 -16.86
CA GLU C 746 -38.02 44.83 -15.80
C GLU C 746 -37.07 44.46 -14.67
N ARG C 747 -36.64 45.48 -13.93
CA ARG C 747 -35.75 45.29 -12.80
C ARG C 747 -36.58 45.18 -11.51
N ASP C 748 -36.64 43.98 -10.93
CA ASP C 748 -37.40 43.76 -9.71
C ASP C 748 -36.56 43.22 -8.54
N LYS C 749 -37.21 43.11 -7.39
CA LYS C 749 -36.57 42.65 -6.15
C LYS C 749 -35.74 43.81 -5.61
N ASP C 750 -35.62 44.83 -6.45
CA ASP C 750 -34.88 46.06 -6.15
C ASP C 750 -33.37 45.89 -6.02
N ASN C 751 -32.74 45.59 -7.15
CA ASN C 751 -31.30 45.41 -7.26
C ASN C 751 -30.97 45.28 -8.73
N PRO C 752 -30.58 46.39 -9.37
CA PRO C 752 -30.22 46.53 -10.79
C PRO C 752 -29.44 45.37 -11.42
N ASN C 753 -29.27 44.28 -10.67
CA ASN C 753 -28.55 43.11 -11.15
C ASN C 753 -29.44 41.88 -11.27
N GLN C 754 -30.75 42.10 -11.19
CA GLN C 754 -31.74 41.04 -11.33
C GLN C 754 -32.80 41.53 -12.31
N TYR C 755 -33.25 40.65 -13.20
CA TYR C 755 -34.25 41.02 -14.20
C TYR C 755 -35.40 40.02 -14.27
N HIS C 756 -36.62 40.52 -14.35
CA HIS C 756 -37.80 39.67 -14.45
C HIS C 756 -38.43 39.89 -15.82
N TYR C 757 -38.83 38.79 -16.47
CA TYR C 757 -39.42 38.85 -17.81
C TYR C 757 -40.49 39.92 -17.98
N VAL C 758 -41.70 39.64 -17.50
CA VAL C 758 -42.81 40.58 -17.62
C VAL C 758 -43.49 40.48 -18.98
N ALA C 759 -44.38 39.50 -19.09
CA ALA C 759 -45.13 39.26 -20.31
C ALA C 759 -46.01 40.48 -20.62
N LYS D 19 -26.61 42.06 -90.38
CA LYS D 19 -26.32 43.48 -90.73
C LYS D 19 -25.85 44.26 -89.50
N LYS D 20 -26.69 44.27 -88.46
CA LYS D 20 -26.36 44.98 -87.22
C LYS D 20 -24.99 44.56 -86.72
N ARG D 21 -24.28 45.47 -86.07
CA ARG D 21 -22.97 45.12 -85.57
C ARG D 21 -23.07 44.51 -84.18
N PHE D 22 -24.27 43.94 -83.82
CA PHE D 22 -24.45 43.54 -82.36
C PHE D 22 -25.82 43.17 -81.82
N GLU D 23 -26.33 42.01 -82.00
CA GLU D 23 -27.63 41.67 -81.41
C GLU D 23 -27.50 41.01 -80.03
N VAL D 24 -28.52 40.28 -79.62
CA VAL D 24 -28.48 39.59 -78.33
C VAL D 24 -28.83 38.12 -78.47
N LYS D 25 -27.87 37.24 -78.18
CA LYS D 25 -28.12 35.81 -78.30
C LYS D 25 -28.83 35.29 -77.07
N LYS D 26 -28.17 35.38 -75.92
CA LYS D 26 -28.79 34.92 -74.68
C LYS D 26 -29.05 36.17 -73.86
N TRP D 27 -29.95 36.06 -72.89
CA TRP D 27 -30.27 37.18 -72.02
C TRP D 27 -30.72 36.68 -70.66
N ASN D 28 -29.82 36.65 -69.69
CA ASN D 28 -30.18 36.19 -68.35
C ASN D 28 -30.66 37.38 -67.53
N ALA D 29 -31.83 37.21 -66.93
CA ALA D 29 -32.44 38.24 -66.11
C ALA D 29 -32.62 37.77 -64.68
N VAL D 30 -32.83 38.73 -63.79
CA VAL D 30 -32.99 38.41 -62.39
C VAL D 30 -34.11 39.23 -61.77
N ALA D 31 -34.88 38.61 -60.89
CA ALA D 31 -35.98 39.30 -60.23
C ALA D 31 -36.21 38.71 -58.86
N LEU D 32 -36.65 39.56 -57.94
CA LEU D 32 -36.91 39.14 -56.56
C LEU D 32 -38.40 39.24 -56.28
N TRP D 33 -38.93 38.20 -55.65
CA TRP D 33 -40.35 38.19 -55.35
C TRP D 33 -40.65 38.46 -53.88
N ALA D 34 -41.86 38.97 -53.65
CA ALA D 34 -42.33 39.29 -52.32
C ALA D 34 -43.83 39.17 -52.42
N TRP D 35 -44.47 38.88 -51.30
CA TRP D 35 -45.91 38.75 -51.28
C TRP D 35 -46.60 40.10 -51.56
N ASP D 36 -47.63 40.06 -52.40
CA ASP D 36 -48.39 41.25 -52.74
C ASP D 36 -49.45 41.36 -51.63
N ILE D 37 -49.27 42.32 -50.73
CA ILE D 37 -50.16 42.51 -49.60
C ILE D 37 -50.82 43.89 -49.63
N VAL D 38 -51.95 43.99 -50.34
CA VAL D 38 -52.70 45.23 -50.47
C VAL D 38 -52.06 46.50 -49.89
N VAL D 39 -51.58 47.36 -50.77
CA VAL D 39 -50.93 48.62 -50.40
C VAL D 39 -49.74 48.41 -49.44
N ASP D 40 -49.01 47.31 -49.63
CA ASP D 40 -47.84 46.99 -48.80
C ASP D 40 -47.93 47.65 -47.42
N ASN D 41 -48.88 47.17 -46.61
CA ASN D 41 -49.13 47.70 -45.29
C ASN D 41 -48.30 47.09 -44.18
N CYS D 42 -47.90 47.92 -43.21
CA CYS D 42 -47.50 47.20 -42.08
C CYS D 42 -48.77 46.29 -42.16
N ALA D 43 -48.68 45.02 -41.77
CA ALA D 43 -49.85 44.13 -41.86
C ALA D 43 -50.38 43.81 -40.45
N ILE D 44 -49.60 44.15 -39.47
CA ILE D 44 -49.98 43.91 -38.07
C ILE D 44 -50.49 45.19 -37.48
N CYS D 45 -50.08 46.31 -38.07
CA CYS D 45 -50.50 47.62 -37.64
C CYS D 45 -51.13 48.32 -38.83
N ARG D 46 -51.03 47.67 -39.98
CA ARG D 46 -51.60 48.21 -41.21
C ARG D 46 -51.57 49.71 -41.29
N ASN D 47 -50.40 50.21 -41.36
CA ASN D 47 -50.18 51.52 -41.76
C ASN D 47 -49.44 51.14 -42.98
N HIS D 48 -48.21 51.52 -43.09
CA HIS D 48 -47.35 51.30 -44.20
C HIS D 48 -46.08 50.54 -43.78
N ILE D 49 -45.60 49.61 -44.61
CA ILE D 49 -44.39 48.88 -44.23
C ILE D 49 -43.26 49.79 -43.85
N MET D 50 -43.19 50.96 -44.45
CA MET D 50 -42.11 51.86 -44.08
C MET D 50 -42.61 53.22 -43.64
N ASP D 51 -43.12 53.26 -42.41
CA ASP D 51 -43.61 54.50 -41.86
C ASP D 51 -43.90 54.33 -40.38
N LEU D 52 -42.95 54.71 -39.53
CA LEU D 52 -43.16 54.60 -38.09
C LEU D 52 -43.87 53.35 -37.79
N CYS D 53 -44.69 53.32 -36.80
CA CYS D 53 -45.60 52.18 -36.70
C CYS D 53 -46.88 52.69 -36.06
N ILE D 54 -47.12 52.34 -34.83
CA ILE D 54 -48.30 52.67 -34.12
C ILE D 54 -47.74 52.96 -32.76
N GLU D 55 -47.14 51.92 -32.22
CA GLU D 55 -46.44 51.99 -30.96
C GLU D 55 -45.54 53.21 -31.03
N CYS D 56 -44.83 53.33 -32.15
CA CYS D 56 -43.94 54.46 -32.37
C CYS D 56 -44.68 55.71 -32.78
N GLN D 57 -45.51 55.59 -33.81
CA GLN D 57 -46.29 56.71 -34.32
C GLN D 57 -46.95 57.52 -33.22
N ALA D 58 -47.24 56.90 -32.09
CA ALA D 58 -47.87 57.60 -30.98
C ALA D 58 -46.99 57.56 -29.74
N ASN D 59 -46.58 58.74 -29.28
CA ASN D 59 -45.73 58.88 -28.10
C ASN D 59 -46.47 58.54 -26.80
N GLN D 60 -46.48 57.24 -26.45
CA GLN D 60 -47.14 56.76 -25.24
C GLN D 60 -46.12 56.88 -24.12
N ALA D 61 -45.27 55.87 -24.02
CA ALA D 61 -44.21 55.81 -23.02
C ALA D 61 -43.01 55.23 -23.75
N SER D 62 -43.19 55.00 -25.04
CA SER D 62 -42.15 54.44 -25.87
C SER D 62 -41.71 55.44 -26.94
N ALA D 63 -40.50 55.96 -26.76
CA ALA D 63 -39.90 56.89 -27.68
C ALA D 63 -38.63 56.24 -28.20
N THR D 64 -38.83 55.31 -29.12
CA THR D 64 -37.73 54.56 -29.73
C THR D 64 -38.00 54.42 -31.25
N SER D 65 -38.70 55.40 -31.81
CA SER D 65 -39.05 55.41 -33.22
C SER D 65 -37.83 55.32 -34.14
N GLU D 66 -36.65 55.50 -33.56
CA GLU D 66 -35.40 55.44 -34.32
C GLU D 66 -35.09 54.02 -34.75
N GLU D 67 -35.47 53.08 -33.89
CA GLU D 67 -35.25 51.65 -34.09
C GLU D 67 -36.45 51.00 -34.79
N CYS D 68 -37.01 51.67 -35.80
CA CYS D 68 -38.18 51.14 -36.50
C CYS D 68 -37.93 50.76 -37.94
N THR D 69 -37.72 49.48 -38.17
CA THR D 69 -37.49 48.95 -39.51
C THR D 69 -38.32 47.71 -39.76
N VAL D 70 -38.07 47.12 -40.92
CA VAL D 70 -38.74 45.92 -41.34
C VAL D 70 -37.93 44.69 -40.99
N ALA D 71 -38.63 43.62 -40.63
CA ALA D 71 -38.01 42.35 -40.32
C ALA D 71 -38.73 41.43 -41.26
N TRP D 72 -38.00 40.50 -41.85
CA TRP D 72 -38.58 39.54 -42.77
C TRP D 72 -38.48 38.22 -42.06
N GLY D 73 -39.41 37.33 -42.33
CA GLY D 73 -39.35 36.03 -41.68
C GLY D 73 -38.97 35.00 -42.72
N VAL D 74 -38.93 33.74 -42.34
CA VAL D 74 -38.61 32.70 -43.29
C VAL D 74 -39.83 32.56 -44.23
N CYS D 75 -41.03 32.84 -43.70
CA CYS D 75 -42.26 32.74 -44.46
C CYS D 75 -42.24 33.81 -45.55
N ASN D 76 -41.34 34.78 -45.38
CA ASN D 76 -41.07 35.85 -46.39
C ASN D 76 -41.99 37.08 -46.44
N HIS D 77 -42.99 37.16 -45.57
CA HIS D 77 -43.76 38.36 -45.49
C HIS D 77 -42.95 39.21 -44.52
N ALA D 78 -42.89 40.51 -44.66
CA ALA D 78 -42.14 41.33 -43.73
C ALA D 78 -43.10 42.11 -42.87
N PHE D 79 -42.61 42.67 -41.77
CA PHE D 79 -43.41 43.50 -40.90
C PHE D 79 -42.41 44.38 -40.15
N HIS D 80 -42.90 45.38 -39.42
CA HIS D 80 -42.03 46.28 -38.65
C HIS D 80 -41.42 45.47 -37.52
N PHE D 81 -40.13 45.68 -37.26
CA PHE D 81 -39.49 44.92 -36.19
C PHE D 81 -40.36 45.08 -34.96
N HIS D 82 -40.98 46.25 -34.83
CA HIS D 82 -41.81 46.49 -33.69
C HIS D 82 -43.14 45.73 -33.74
N CYS D 83 -44.07 46.15 -34.61
CA CYS D 83 -45.34 45.45 -34.72
C CYS D 83 -44.94 44.04 -35.18
N ILE D 84 -44.60 43.15 -34.24
CA ILE D 84 -44.20 41.77 -34.59
C ILE D 84 -43.38 41.15 -33.48
N SER D 85 -42.52 41.94 -32.87
CA SER D 85 -41.73 41.43 -31.77
C SER D 85 -42.72 41.27 -30.64
N ARG D 86 -43.81 42.03 -30.77
CA ARG D 86 -44.92 42.06 -29.82
C ARG D 86 -45.74 40.80 -30.03
N TRP D 87 -46.15 40.61 -31.29
CA TRP D 87 -46.95 39.46 -31.71
C TRP D 87 -46.26 38.15 -31.42
N LEU D 88 -45.12 38.21 -30.73
CA LEU D 88 -44.37 36.99 -30.44
C LEU D 88 -44.47 36.54 -29.00
N LYS D 89 -44.66 37.47 -28.06
CA LYS D 89 -44.77 37.07 -26.66
C LYS D 89 -45.91 36.06 -26.59
N THR D 90 -47.08 36.47 -27.08
CA THR D 90 -48.25 35.62 -27.09
C THR D 90 -48.03 34.42 -28.01
N ARG D 91 -48.32 34.54 -29.31
CA ARG D 91 -48.12 33.38 -30.19
C ARG D 91 -46.70 33.31 -30.79
N GLN D 92 -46.54 32.59 -31.90
CA GLN D 92 -45.22 32.43 -32.48
C GLN D 92 -45.25 31.94 -33.93
N VAL D 93 -46.16 32.48 -34.74
CA VAL D 93 -46.27 32.04 -36.12
C VAL D 93 -46.72 33.08 -37.17
N CYS D 94 -45.82 33.39 -38.11
CA CYS D 94 -46.11 34.35 -39.19
C CYS D 94 -47.63 34.47 -39.32
N PRO D 95 -48.18 35.55 -38.76
CA PRO D 95 -49.61 35.85 -38.76
C PRO D 95 -50.15 36.15 -40.15
N LEU D 96 -49.96 35.22 -41.05
CA LEU D 96 -50.40 35.33 -42.43
C LEU D 96 -49.96 34.01 -43.04
N ASP D 97 -48.87 33.48 -42.49
CA ASP D 97 -48.32 32.20 -42.90
C ASP D 97 -48.76 31.34 -41.72
N ASN D 98 -48.25 30.12 -41.65
CA ASN D 98 -48.54 29.24 -40.52
C ASN D 98 -47.13 28.84 -40.12
N ARG D 99 -46.24 29.01 -41.09
CA ARG D 99 -44.83 28.72 -40.92
C ARG D 99 -44.34 29.52 -39.72
N GLU D 100 -44.14 28.83 -38.60
CA GLU D 100 -43.67 29.47 -37.38
C GLU D 100 -42.52 30.42 -37.67
N TRP D 101 -42.70 31.67 -37.29
CA TRP D 101 -41.71 32.72 -37.49
C TRP D 101 -40.33 32.28 -37.06
N GLU D 102 -39.30 33.00 -37.56
CA GLU D 102 -37.95 32.62 -37.24
C GLU D 102 -36.97 33.74 -37.56
N PHE D 103 -37.37 34.73 -38.37
CA PHE D 103 -36.60 36.04 -38.41
C PHE D 103 -35.45 36.51 -39.29
N GLN D 104 -35.08 35.78 -40.31
CA GLN D 104 -33.97 36.03 -41.26
C GLN D 104 -33.58 37.32 -41.97
N LYS D 105 -33.81 38.52 -41.45
CA LYS D 105 -33.37 39.73 -42.17
C LYS D 105 -34.01 41.00 -41.68
N TYR D 106 -33.19 41.97 -41.33
CA TYR D 106 -33.68 43.25 -40.89
C TYR D 106 -33.34 44.22 -41.99
N GLY D 107 -34.16 45.23 -42.19
CA GLY D 107 -33.82 46.17 -43.24
C GLY D 107 -34.85 46.23 -44.32
N HIS D 108 -35.10 47.45 -44.78
CA HIS D 108 -36.07 47.71 -45.83
C HIS D 108 -35.58 47.09 -47.13
#